data_4UNY
#
_entry.id   4UNY
#
_cell.length_a   98.853
_cell.length_b   124.873
_cell.length_c   163.648
_cell.angle_alpha   90.00
_cell.angle_beta   90.00
_cell.angle_gamma   90.00
#
_symmetry.space_group_name_H-M   'P 21 21 21'
#
loop_
_entity.id
_entity.type
_entity.pdbx_description
1 polymer 'HAY SUBUNIT OF HAEMAGGLUTININ'
2 polymer 'H3 HAEMAGGLUTININ HA2 CHAIN'
3 branched alpha-D-mannopyranose-(1-6)-beta-D-mannopyranose-(1-4)-2-acetamido-2-deoxy-beta-D-glucopyranose-(1-4)-2-acetamido-2-deoxy-beta-D-glucopyranose
4 branched 2-acetamido-2-deoxy-beta-D-glucopyranose-(1-4)-2-acetamido-2-deoxy-beta-D-glucopyranose
5 branched 'N-acetyl-alpha-neuraminic acid-(2-3)-beta-D-galactopyranose-(1-4)-2-acetamido-2-deoxy-6-O-sulfo-beta-D-glucopyranose'
6 branched beta-D-mannopyranose-(1-4)-2-acetamido-2-deoxy-beta-D-glucopyranose-(1-4)-2-acetamido-2-deoxy-beta-D-glucopyranose
7 branched alpha-D-mannopyranose-(1-3)-[alpha-D-mannopyranose-(1-6)]beta-D-mannopyranose-(1-4)-2-acetamido-2-deoxy-beta-D-glucopyranose-(1-4)-[alpha-L-fucopyranose-(1-6)]2-acetamido-2-deoxy-beta-D-glucopyranose
8 branched alpha-L-fucopyranose-(1-6)-2-acetamido-2-deoxy-beta-D-glucopyranose
9 non-polymer 2-acetamido-2-deoxy-beta-D-glucopyranose
10 water water
#
loop_
_entity_poly.entity_id
_entity_poly.type
_entity_poly.pdbx_seq_one_letter_code
_entity_poly.pdbx_strand_id
1 'polypeptide(L)'
;PDQNPTSGNNTATLCLGHHAVANGTLVKTITDDQIEVTNATELVQSISIGKICNNSYRVLDGRNCTLIDAMLGDPHCDDF
QYENWDLFIERSSAFSNCYPYDIPDYASLRSIVASSGTLEFTAEGFTWTGVTQNGGSGACKRGSADSFFSRLNWLTKSGN
SYPILNVTMPNNKNFDKLYIWGIHHPSSNKEQTKLYIQESGRVTVSTERSQQTVIPNIGSRPWVRGQSGRISIYWTIVKP
GDILMINSNGNLVAPRGYFKLRTGKSSVMRSDALIDTCVSECITPNGSIPNDKPFQNVNKITYGKCPKYIRQNTLKLATG
MRNVPEKQIR
;
A,C,E
2 'polypeptide(L)'
;GIFGAIAGFIENGWEGMVDGWYGFRYQNSEGTGQAADLKSTQAAIDQINGKLNRVIERTNEKFHQIEKEFSEVEGRIQDL
EKYVEDTKIDLWSYNAELLVALENQHTIDLTDAEMNKLFEKTRRQLRENAEDMGGGCFKIYHKCDNACIGSIRNGTYDHY
IYRDEALNNRFQI
;
B,D,F
#
loop_
_chem_comp.id
_chem_comp.type
_chem_comp.name
_chem_comp.formula
BMA D-saccharide, beta linking beta-D-mannopyranose 'C6 H12 O6'
FUC L-saccharide, alpha linking alpha-L-fucopyranose 'C6 H12 O5'
GAL D-saccharide, beta linking beta-D-galactopyranose 'C6 H12 O6'
MAN D-saccharide, alpha linking alpha-D-mannopyranose 'C6 H12 O6'
NAG D-saccharide, beta linking 2-acetamido-2-deoxy-beta-D-glucopyranose 'C8 H15 N O6'
NGS D-saccharide, beta linking 2-acetamido-2-deoxy-6-O-sulfo-beta-D-glucopyranose 'C8 H15 N O9 S'
SIA D-saccharide, alpha linking 'N-acetyl-alpha-neuraminic acid' 'C11 H19 N O9'
#
# COMPACT_ATOMS: atom_id res chain seq x y z
N ASN A 10 7.04 -67.12 13.84
CA ASN A 10 8.38 -66.80 13.25
C ASN A 10 8.39 -65.63 12.27
N THR A 11 7.32 -64.84 12.21
CA THR A 11 7.31 -63.56 11.51
C THR A 11 6.53 -62.54 12.32
N ALA A 12 6.48 -61.30 11.84
CA ALA A 12 5.70 -60.26 12.48
C ALA A 12 5.40 -59.16 11.47
N THR A 13 4.26 -58.50 11.64
CA THR A 13 3.90 -57.38 10.79
C THR A 13 3.99 -56.09 11.60
N LEU A 14 4.63 -55.08 11.03
CA LEU A 14 4.71 -53.75 11.64
C LEU A 14 4.23 -52.73 10.62
N CYS A 15 3.03 -52.19 10.85
CA CYS A 15 2.46 -51.17 9.98
C CYS A 15 2.66 -49.80 10.58
N LEU A 16 2.99 -48.83 9.74
CA LEU A 16 3.08 -47.44 10.15
C LEU A 16 1.88 -46.68 9.60
N GLY A 17 1.43 -45.67 10.34
CA GLY A 17 0.27 -44.88 9.94
C GLY A 17 0.16 -43.55 10.65
N HIS A 18 -0.90 -42.83 10.31
CA HIS A 18 -1.21 -41.54 10.92
C HIS A 18 -2.62 -41.58 11.49
N HIS A 19 -2.93 -40.65 12.37
CA HIS A 19 -4.25 -40.57 12.97
C HIS A 19 -5.26 -39.90 12.05
N ALA A 20 -6.51 -39.88 12.49
CA ALA A 20 -7.59 -39.22 11.76
C ALA A 20 -8.76 -38.96 12.71
N VAL A 21 -9.62 -38.03 12.35
CA VAL A 21 -10.75 -37.65 13.20
C VAL A 21 -12.05 -37.85 12.43
N ALA A 22 -13.12 -38.13 13.17
CA ALA A 22 -14.43 -38.43 12.58
C ALA A 22 -14.81 -37.38 11.54
N ASN A 23 -14.93 -36.13 11.97
CA ASN A 23 -15.31 -35.05 11.08
C ASN A 23 -14.28 -33.91 11.13
N GLY A 24 -13.50 -33.79 10.06
CA GLY A 24 -12.51 -32.74 9.94
C GLY A 24 -13.13 -31.46 9.45
N THR A 25 -12.30 -30.57 8.90
CA THR A 25 -12.75 -29.27 8.40
C THR A 25 -12.00 -28.93 7.11
N LEU A 26 -12.69 -28.28 6.18
CA LEU A 26 -12.16 -27.94 4.85
C LEU A 26 -11.33 -26.65 4.86
N VAL A 27 -10.30 -26.60 4.02
CA VAL A 27 -9.43 -25.41 3.88
C VAL A 27 -9.03 -25.17 2.43
N LYS A 28 -8.53 -23.97 2.15
CA LYS A 28 -8.00 -23.63 0.83
C LYS A 28 -6.49 -23.85 0.81
N THR A 29 -5.99 -24.45 -0.26
CA THR A 29 -4.56 -24.52 -0.49
C THR A 29 -4.22 -23.79 -1.79
N ILE A 30 -2.98 -23.89 -2.24
CA ILE A 30 -2.53 -23.33 -3.51
C ILE A 30 -3.17 -24.11 -4.66
N THR A 31 -3.36 -25.41 -4.46
CA THR A 31 -3.86 -26.32 -5.49
C THR A 31 -5.32 -26.77 -5.31
N ASP A 32 -5.92 -26.50 -4.15
CA ASP A 32 -7.29 -26.92 -3.86
C ASP A 32 -8.15 -25.77 -3.33
N ASP A 33 -9.40 -25.72 -3.75
CA ASP A 33 -10.38 -24.82 -3.16
C ASP A 33 -10.81 -25.38 -1.78
N GLN A 34 -11.14 -26.66 -1.73
CA GLN A 34 -11.53 -27.35 -0.49
C GLN A 34 -10.76 -28.65 -0.35
N ILE A 35 -9.98 -28.77 0.73
CA ILE A 35 -9.28 -30.02 1.09
C ILE A 35 -9.45 -30.21 2.60
N GLU A 36 -9.72 -31.45 3.03
CA GLU A 36 -10.08 -31.72 4.43
C GLU A 36 -8.85 -31.98 5.30
N VAL A 37 -8.77 -31.29 6.44
CA VAL A 37 -7.69 -31.51 7.41
C VAL A 37 -8.28 -31.83 8.77
N THR A 38 -7.44 -32.36 9.65
CA THR A 38 -7.88 -32.84 10.97
C THR A 38 -8.38 -31.70 11.84
N ASN A 39 -7.76 -30.53 11.70
CA ASN A 39 -8.20 -29.35 12.42
C ASN A 39 -7.80 -28.07 11.69
N ALA A 40 -8.46 -26.97 12.06
CA ALA A 40 -8.09 -25.65 11.55
C ALA A 40 -8.55 -24.58 12.52
N THR A 41 -8.07 -23.35 12.31
CA THR A 41 -8.34 -22.23 13.19
C THR A 41 -8.73 -21.00 12.36
N GLU A 42 -9.73 -20.27 12.81
CA GLU A 42 -10.22 -19.10 12.09
C GLU A 42 -9.25 -17.94 12.26
N LEU A 43 -8.97 -17.23 11.15
CA LEU A 43 -8.05 -16.08 11.15
C LEU A 43 -8.75 -14.75 10.93
N VAL A 44 -10.05 -14.75 10.65
CA VAL A 44 -10.83 -13.52 10.52
C VAL A 44 -11.79 -13.35 11.70
N GLN A 45 -11.62 -12.27 12.44
CA GLN A 45 -12.56 -11.91 13.50
C GLN A 45 -13.76 -11.25 12.85
N SER A 46 -14.91 -11.93 12.89
CA SER A 46 -16.12 -11.46 12.21
C SER A 46 -17.28 -11.11 13.15
N ILE A 47 -17.18 -11.46 14.43
CA ILE A 47 -18.21 -11.09 15.40
C ILE A 47 -17.63 -10.07 16.38
N SER A 48 -18.51 -9.26 16.96
CA SER A 48 -18.07 -8.27 17.94
C SER A 48 -18.82 -8.45 19.24
N ILE A 49 -18.21 -7.94 20.31
CA ILE A 49 -18.78 -8.04 21.66
C ILE A 49 -20.17 -7.39 21.70
N GLY A 50 -20.38 -6.37 20.87
CA GLY A 50 -21.68 -5.70 20.75
C GLY A 50 -21.72 -4.39 21.52
N LYS A 51 -20.67 -4.13 22.28
CA LYS A 51 -20.55 -2.91 23.08
C LYS A 51 -19.08 -2.52 23.17
N ILE A 52 -18.83 -1.26 23.47
CA ILE A 52 -17.48 -0.73 23.61
C ILE A 52 -17.00 -0.97 25.04
N CYS A 53 -15.85 -1.61 25.17
CA CYS A 53 -15.29 -1.90 26.48
C CYS A 53 -14.50 -0.69 27.00
N ASN A 54 -14.70 -0.35 28.27
CA ASN A 54 -14.12 0.88 28.83
C ASN A 54 -12.93 0.69 29.80
N ASN A 55 -12.61 -0.54 30.16
CA ASN A 55 -11.52 -0.81 31.10
C ASN A 55 -10.14 -1.02 30.46
N SER A 56 -10.06 -0.98 29.14
CA SER A 56 -8.76 -0.97 28.44
C SER A 56 -8.31 0.48 28.26
N TYR A 57 -8.82 1.16 27.24
CA TYR A 57 -8.50 2.57 26.98
C TYR A 57 -9.49 3.46 27.70
N ARG A 58 -9.11 4.71 27.92
CA ARG A 58 -10.03 5.70 28.46
C ARG A 58 -11.01 6.16 27.38
N VAL A 59 -12.25 5.71 27.49
CA VAL A 59 -13.30 6.11 26.56
C VAL A 59 -14.22 7.12 27.20
N LEU A 60 -14.55 8.17 26.45
CA LEU A 60 -15.39 9.26 26.94
C LEU A 60 -16.65 9.37 26.09
N ASP A 61 -17.80 9.26 26.75
CA ASP A 61 -19.09 9.32 26.07
C ASP A 61 -19.48 10.78 25.90
N GLY A 62 -19.55 11.22 24.64
CA GLY A 62 -19.93 12.58 24.31
C GLY A 62 -21.40 12.85 24.56
N ARG A 63 -22.21 11.80 24.56
CA ARG A 63 -23.64 11.87 24.89
C ARG A 63 -24.39 12.78 23.89
N ASN A 64 -24.81 13.97 24.31
CA ASN A 64 -25.48 14.90 23.40
C ASN A 64 -24.52 15.95 22.79
N CYS A 65 -23.23 15.82 23.06
CA CYS A 65 -22.24 16.82 22.64
C CYS A 65 -21.23 16.31 21.63
N THR A 66 -21.00 17.10 20.59
CA THR A 66 -19.86 16.88 19.69
C THR A 66 -18.58 17.42 20.34
N LEU A 67 -17.46 16.80 20.01
CA LEU A 67 -16.17 17.24 20.52
C LEU A 67 -16.02 18.76 20.40
N ILE A 68 -16.38 19.30 19.24
CA ILE A 68 -16.26 20.74 18.99
C ILE A 68 -17.10 21.58 19.95
N ASP A 69 -18.35 21.18 20.16
CA ASP A 69 -19.22 21.91 21.08
C ASP A 69 -18.64 21.90 22.49
N ALA A 70 -18.12 20.74 22.91
CA ALA A 70 -17.48 20.61 24.23
C ALA A 70 -16.27 21.54 24.36
N MET A 71 -15.52 21.68 23.28
CA MET A 71 -14.38 22.60 23.23
C MET A 71 -14.86 24.04 23.41
N LEU A 72 -15.74 24.48 22.49
CA LEU A 72 -16.22 25.86 22.44
C LEU A 72 -16.86 26.30 23.75
N GLY A 73 -17.64 25.41 24.37
CA GLY A 73 -18.31 25.70 25.64
C GLY A 73 -19.80 25.96 25.53
N ASP A 74 -20.48 25.18 24.69
CA ASP A 74 -21.94 25.18 24.60
C ASP A 74 -22.48 24.82 25.99
N PRO A 75 -23.36 25.67 26.56
CA PRO A 75 -23.77 25.47 27.96
C PRO A 75 -24.06 24.01 28.31
N HIS A 76 -24.87 23.33 27.51
CA HIS A 76 -25.23 21.94 27.83
C HIS A 76 -24.05 20.96 27.71
N CYS A 77 -22.90 21.44 27.23
CA CYS A 77 -21.65 20.66 27.22
C CYS A 77 -20.66 21.08 28.31
N ASP A 78 -21.10 21.86 29.30
CA ASP A 78 -20.19 22.35 30.34
C ASP A 78 -19.50 21.22 31.13
N ASP A 79 -20.13 20.05 31.22
CA ASP A 79 -19.54 18.91 31.93
C ASP A 79 -18.16 18.48 31.44
N PHE A 80 -17.81 18.84 30.20
CA PHE A 80 -16.57 18.41 29.57
C PHE A 80 -15.38 19.37 29.73
N GLN A 81 -15.50 20.39 30.58
CA GLN A 81 -14.56 21.55 30.54
C GLN A 81 -13.05 21.26 30.57
N TYR A 82 -12.59 20.36 31.44
CA TYR A 82 -11.16 20.04 31.51
C TYR A 82 -10.90 18.55 31.29
N GLU A 83 -11.71 17.94 30.45
CA GLU A 83 -11.71 16.49 30.28
C GLU A 83 -10.55 16.09 29.36
N ASN A 84 -10.23 14.81 29.37
CA ASN A 84 -9.26 14.21 28.45
C ASN A 84 -9.63 12.75 28.19
N TRP A 85 -9.12 12.21 27.09
CA TRP A 85 -9.56 10.92 26.59
C TRP A 85 -8.50 10.26 25.72
N ASP A 86 -8.58 8.93 25.62
CA ASP A 86 -7.92 8.22 24.54
C ASP A 86 -8.87 8.19 23.32
N LEU A 87 -10.15 7.92 23.57
CA LEU A 87 -11.15 7.92 22.50
C LEU A 87 -12.42 8.68 22.89
N PHE A 88 -12.72 9.73 22.14
CA PHE A 88 -13.96 10.49 22.31
C PHE A 88 -15.03 9.89 21.41
N ILE A 89 -16.16 9.52 21.99
CA ILE A 89 -17.28 8.97 21.21
C ILE A 89 -18.34 10.04 20.95
N GLU A 90 -18.55 10.35 19.67
CA GLU A 90 -19.64 11.24 19.25
C GLU A 90 -20.88 10.41 18.90
N ARG A 91 -22.02 10.77 19.47
CA ARG A 91 -23.27 10.09 19.19
C ARG A 91 -24.00 10.76 18.04
N SER A 92 -24.84 9.99 17.36
CA SER A 92 -25.65 10.50 16.26
C SER A 92 -26.83 11.36 16.74
N SER A 93 -27.18 11.24 18.02
CA SER A 93 -28.18 12.11 18.65
C SER A 93 -27.56 13.38 19.26
N ALA A 94 -26.31 13.69 18.90
CA ALA A 94 -25.66 14.90 19.37
C ALA A 94 -26.28 16.12 18.68
N PHE A 95 -26.29 17.25 19.37
CA PHE A 95 -26.79 18.50 18.80
C PHE A 95 -26.12 19.71 19.43
N SER A 96 -26.23 20.84 18.73
CA SER A 96 -25.72 22.12 19.19
C SER A 96 -26.89 22.96 19.68
N ASN A 97 -26.66 23.68 20.78
CA ASN A 97 -27.72 24.41 21.46
C ASN A 97 -27.22 25.76 22.00
N CYS A 98 -26.41 26.43 21.19
CA CYS A 98 -25.86 27.74 21.49
C CYS A 98 -25.93 28.56 20.20
N TYR A 99 -25.27 29.71 20.14
CA TYR A 99 -25.39 30.60 18.97
C TYR A 99 -25.08 29.84 17.68
N PRO A 100 -25.85 30.10 16.60
CA PRO A 100 -25.56 29.40 15.35
C PRO A 100 -24.19 29.77 14.77
N TYR A 101 -23.46 28.77 14.29
CA TYR A 101 -22.07 28.96 13.90
C TYR A 101 -21.63 27.99 12.82
N ASP A 102 -20.64 28.40 12.04
CA ASP A 102 -19.94 27.51 11.12
C ASP A 102 -18.45 27.62 11.36
N ILE A 103 -17.72 26.57 11.01
CA ILE A 103 -16.26 26.55 11.12
C ILE A 103 -15.67 26.15 9.79
N PRO A 104 -15.14 27.13 9.02
CA PRO A 104 -14.44 26.73 7.81
C PRO A 104 -13.36 25.72 8.14
N ASP A 105 -13.33 24.61 7.39
CA ASP A 105 -12.43 23.49 7.68
C ASP A 105 -12.66 22.90 9.10
N TYR A 106 -13.93 22.63 9.39
CA TYR A 106 -14.38 22.02 10.65
C TYR A 106 -13.68 20.71 10.94
N ALA A 107 -13.51 19.88 9.92
CA ALA A 107 -12.87 18.56 10.06
C ALA A 107 -11.45 18.62 10.62
N SER A 108 -10.69 19.63 10.21
CA SER A 108 -9.32 19.80 10.65
C SER A 108 -9.21 20.21 12.12
N LEU A 109 -10.06 21.14 12.55
CA LEU A 109 -10.11 21.50 13.97
C LEU A 109 -10.52 20.29 14.82
N ARG A 110 -11.51 19.54 14.35
CA ARG A 110 -11.97 18.34 15.03
C ARG A 110 -10.85 17.31 15.16
N SER A 111 -10.12 17.07 14.07
CA SER A 111 -8.98 16.16 14.07
C SER A 111 -7.89 16.59 15.05
N ILE A 112 -7.55 17.89 15.02
CA ILE A 112 -6.47 18.42 15.84
C ILE A 112 -6.78 18.26 17.33
N VAL A 113 -7.97 18.68 17.73
CA VAL A 113 -8.37 18.58 19.14
C VAL A 113 -8.44 17.10 19.55
N ALA A 114 -9.09 16.29 18.71
CA ALA A 114 -9.25 14.86 18.98
C ALA A 114 -7.91 14.17 19.25
N SER A 115 -6.91 14.49 18.45
CA SER A 115 -5.59 13.86 18.58
C SER A 115 -4.85 14.32 19.84
N SER A 116 -4.99 15.59 20.17
CA SER A 116 -4.41 16.17 21.40
C SER A 116 -4.99 15.48 22.64
N GLY A 117 -6.27 15.13 22.58
CA GLY A 117 -6.89 14.29 23.59
C GLY A 117 -7.19 14.97 24.91
N THR A 118 -7.37 16.29 24.88
CA THR A 118 -7.56 17.05 26.12
C THR A 118 -8.17 18.42 25.83
N LEU A 119 -9.08 18.87 26.70
CA LEU A 119 -9.65 20.21 26.62
C LEU A 119 -9.10 21.14 27.70
N GLU A 120 -7.88 20.85 28.15
CA GLU A 120 -7.18 21.64 29.16
C GLU A 120 -7.08 23.10 28.70
N PHE A 121 -7.94 23.95 29.25
CA PHE A 121 -8.01 25.37 28.88
C PHE A 121 -7.37 26.25 29.95
N THR A 122 -6.76 27.36 29.52
CA THR A 122 -6.12 28.28 30.44
C THR A 122 -6.47 29.70 30.04
N ALA A 123 -7.32 30.35 30.85
CA ALA A 123 -7.69 31.73 30.59
C ALA A 123 -6.49 32.66 30.69
N GLU A 124 -6.51 33.73 29.91
CA GLU A 124 -5.45 34.72 29.93
C GLU A 124 -6.00 36.14 29.97
N GLY A 125 -5.28 37.01 30.67
CA GLY A 125 -5.68 38.40 30.82
C GLY A 125 -5.45 39.22 29.57
N PHE A 126 -6.32 39.05 28.58
CA PHE A 126 -6.32 39.94 27.42
C PHE A 126 -6.90 41.28 27.87
N THR A 127 -6.29 42.37 27.40
CA THR A 127 -6.69 43.70 27.83
C THR A 127 -7.59 44.36 26.78
N TRP A 128 -8.89 44.12 26.90
CA TRP A 128 -9.88 44.69 25.99
C TRP A 128 -10.43 45.96 26.63
N THR A 129 -9.95 47.11 26.17
CA THR A 129 -10.38 48.39 26.72
C THR A 129 -11.23 49.13 25.71
N GLY A 130 -12.23 49.86 26.19
CA GLY A 130 -13.14 50.61 25.33
C GLY A 130 -14.28 49.79 24.72
N VAL A 131 -14.44 48.56 25.17
CA VAL A 131 -15.53 47.70 24.71
C VAL A 131 -16.20 47.05 25.90
N THR A 132 -17.45 46.64 25.75
CA THR A 132 -18.12 45.84 26.76
C THR A 132 -18.01 44.37 26.37
N GLN A 133 -17.51 43.56 27.30
CA GLN A 133 -17.20 42.16 27.06
C GLN A 133 -18.39 41.28 27.45
N ASN A 134 -18.23 39.98 27.28
CA ASN A 134 -19.21 38.98 27.75
C ASN A 134 -20.62 39.12 27.14
N GLY A 135 -20.69 39.28 25.83
CA GLY A 135 -21.98 39.34 25.14
C GLY A 135 -22.79 38.05 25.27
N GLY A 136 -24.11 38.17 25.17
CA GLY A 136 -25.02 37.03 25.35
C GLY A 136 -26.10 36.87 24.29
N SER A 137 -26.88 35.80 24.42
CA SER A 137 -27.92 35.48 23.45
C SER A 137 -28.99 34.57 24.05
N GLY A 138 -30.24 34.81 23.65
CA GLY A 138 -31.35 33.92 23.97
C GLY A 138 -31.29 32.59 23.25
N ALA A 139 -30.43 32.50 22.23
CA ALA A 139 -30.18 31.24 21.52
C ALA A 139 -29.16 30.36 22.25
N CYS A 140 -28.49 30.91 23.25
CA CYS A 140 -27.51 30.17 24.03
C CYS A 140 -27.76 30.39 25.52
N LYS A 141 -28.85 29.84 26.02
CA LYS A 141 -29.21 29.99 27.42
C LYS A 141 -28.36 29.11 28.31
N ARG A 142 -27.88 29.68 29.41
CA ARG A 142 -27.20 28.95 30.46
C ARG A 142 -28.01 29.12 31.74
N GLY A 143 -28.92 28.19 31.98
CA GLY A 143 -29.97 28.38 32.97
C GLY A 143 -31.03 29.25 32.34
N SER A 144 -31.62 30.13 33.15
CA SER A 144 -32.67 31.03 32.65
C SER A 144 -32.11 32.24 31.91
N ALA A 145 -30.80 32.48 32.01
CA ALA A 145 -30.20 33.71 31.50
C ALA A 145 -29.57 33.55 30.13
N ASP A 146 -29.52 34.65 29.38
CA ASP A 146 -28.83 34.69 28.10
C ASP A 146 -27.33 34.54 28.35
N SER A 147 -26.68 33.75 27.51
CA SER A 147 -25.27 33.44 27.69
C SER A 147 -24.60 33.21 26.34
N PHE A 148 -23.45 32.54 26.35
CA PHE A 148 -22.64 32.38 25.15
C PHE A 148 -21.63 31.24 25.37
N PHE A 149 -20.90 30.87 24.34
CA PHE A 149 -19.86 29.83 24.45
C PHE A 149 -18.86 30.21 25.54
N SER A 150 -18.66 29.32 26.51
CA SER A 150 -17.84 29.65 27.69
C SER A 150 -16.39 30.03 27.37
N ARG A 151 -15.83 29.48 26.30
CA ARG A 151 -14.44 29.79 25.93
C ARG A 151 -14.31 30.98 24.97
N LEU A 152 -15.45 31.55 24.54
CA LEU A 152 -15.47 32.72 23.65
C LEU A 152 -16.01 33.97 24.35
N ASN A 153 -15.45 35.12 24.00
CA ASN A 153 -15.81 36.40 24.59
C ASN A 153 -16.35 37.35 23.53
N TRP A 154 -17.65 37.63 23.59
CA TRP A 154 -18.32 38.44 22.58
C TRP A 154 -18.24 39.92 22.96
N LEU A 155 -17.48 40.69 22.19
CA LEU A 155 -17.24 42.09 22.47
C LEU A 155 -18.23 42.97 21.71
N THR A 156 -18.81 43.96 22.39
CA THR A 156 -19.58 45.01 21.75
C THR A 156 -19.09 46.39 22.20
N LYS A 157 -19.53 47.41 21.48
CA LYS A 157 -19.14 48.79 21.77
C LYS A 157 -19.44 49.20 23.21
N SER A 158 -18.52 49.93 23.83
CA SER A 158 -18.78 50.58 25.13
C SER A 158 -19.15 52.03 24.92
N GLY A 159 -20.29 52.43 25.46
CA GLY A 159 -20.77 53.78 25.35
C GLY A 159 -21.19 54.05 23.91
N ASN A 160 -20.37 54.83 23.22
CA ASN A 160 -20.71 55.29 21.89
C ASN A 160 -19.62 54.99 20.87
N SER A 161 -18.73 54.05 21.20
CA SER A 161 -17.61 53.72 20.31
C SER A 161 -17.04 52.31 20.53
N TYR A 162 -16.32 51.86 19.50
CA TYR A 162 -15.63 50.58 19.49
C TYR A 162 -14.28 50.84 18.83
N PRO A 163 -13.21 50.94 19.63
CA PRO A 163 -11.91 51.36 19.09
C PRO A 163 -11.24 50.30 18.24
N ILE A 164 -10.13 50.67 17.61
CA ILE A 164 -9.30 49.71 16.91
C ILE A 164 -8.50 48.96 17.98
N LEU A 165 -8.99 47.79 18.34
CA LEU A 165 -8.36 46.98 19.38
C LEU A 165 -7.00 46.49 18.90
N ASN A 166 -6.02 46.51 19.80
CA ASN A 166 -4.66 46.08 19.50
C ASN A 166 -4.05 45.39 20.71
N VAL A 167 -4.27 44.09 20.81
CA VAL A 167 -3.91 43.31 21.99
C VAL A 167 -2.98 42.18 21.59
N THR A 168 -2.04 41.84 22.48
CA THR A 168 -1.07 40.77 22.21
C THR A 168 -0.91 39.83 23.40
N MET A 169 -0.30 38.67 23.14
CA MET A 169 -0.08 37.65 24.14
C MET A 169 1.05 36.73 23.72
N PRO A 170 2.23 36.86 24.36
CA PRO A 170 3.35 36.00 23.96
C PRO A 170 3.21 34.57 24.46
N ASN A 171 3.75 33.63 23.70
CA ASN A 171 3.84 32.24 24.13
C ASN A 171 5.21 31.99 24.78
N ASN A 172 5.24 32.03 26.11
CA ASN A 172 6.45 31.79 26.89
C ASN A 172 6.56 30.35 27.36
N LYS A 173 5.64 29.51 26.93
CA LYS A 173 5.64 28.09 27.30
C LYS A 173 6.55 27.33 26.35
N ASN A 174 6.62 26.01 26.52
CA ASN A 174 7.39 25.16 25.60
C ASN A 174 6.49 24.23 24.76
N PHE A 175 5.19 24.51 24.74
CA PHE A 175 4.24 23.77 23.92
C PHE A 175 3.46 24.73 23.01
N ASP A 176 2.90 24.19 21.95
CA ASP A 176 2.09 24.97 21.02
C ASP A 176 0.76 25.33 21.69
N LYS A 177 0.34 26.59 21.56
CA LYS A 177 -0.95 27.04 22.09
C LYS A 177 -1.99 27.08 20.98
N LEU A 178 -3.16 26.49 21.23
CA LEU A 178 -4.28 26.56 20.30
C LEU A 178 -5.22 27.66 20.76
N TYR A 179 -5.40 28.68 19.93
CA TYR A 179 -6.31 29.79 20.21
C TYR A 179 -7.53 29.71 19.31
N ILE A 180 -8.72 29.69 19.91
CA ILE A 180 -9.97 29.64 19.17
C ILE A 180 -10.63 31.02 19.19
N TRP A 181 -10.95 31.56 18.01
CA TRP A 181 -11.59 32.87 17.92
C TRP A 181 -12.60 32.88 16.78
N GLY A 182 -13.26 34.03 16.59
CA GLY A 182 -14.24 34.15 15.51
C GLY A 182 -14.61 35.57 15.17
N ILE A 183 -15.59 35.69 14.28
CA ILE A 183 -16.11 36.98 13.89
C ILE A 183 -17.64 36.88 13.91
N HIS A 184 -18.31 37.98 14.21
CA HIS A 184 -19.77 37.99 14.21
C HIS A 184 -20.30 38.61 12.92
N HIS A 185 -21.29 37.94 12.31
CA HIS A 185 -21.97 38.43 11.12
C HIS A 185 -23.37 38.93 11.49
N PRO A 186 -23.59 40.26 11.48
CA PRO A 186 -24.92 40.79 11.80
C PRO A 186 -25.96 40.52 10.70
N SER A 187 -27.23 40.78 11.05
CA SER A 187 -28.36 40.51 10.16
C SER A 187 -28.82 41.76 9.40
N SER A 188 -28.34 42.93 9.80
CA SER A 188 -28.62 44.17 9.08
C SER A 188 -27.54 45.23 9.33
N ASN A 189 -27.51 46.25 8.48
CA ASN A 189 -26.61 47.41 8.64
C ASN A 189 -26.89 48.16 9.92
N LYS A 190 -28.16 48.22 10.32
CA LYS A 190 -28.57 48.84 11.57
C LYS A 190 -28.00 48.10 12.77
N GLU A 191 -27.96 46.77 12.69
CA GLU A 191 -27.39 45.92 13.76
C GLU A 191 -25.86 46.07 13.85
N GLN A 192 -25.19 46.05 12.70
CA GLN A 192 -23.74 46.25 12.64
C GLN A 192 -23.32 47.54 13.35
N THR A 193 -23.91 48.67 12.97
CA THR A 193 -23.59 49.95 13.58
C THR A 193 -24.07 50.07 15.04
N LYS A 194 -25.15 49.37 15.39
CA LYS A 194 -25.65 49.37 16.77
C LYS A 194 -24.67 48.72 17.73
N LEU A 195 -24.14 47.56 17.35
CA LEU A 195 -23.26 46.78 18.23
C LEU A 195 -21.81 47.24 18.15
N TYR A 196 -21.36 47.67 16.97
CA TYR A 196 -19.94 47.92 16.72
C TYR A 196 -19.60 49.34 16.23
N ILE A 197 -20.61 50.20 16.08
CA ILE A 197 -20.45 51.58 15.56
C ILE A 197 -19.99 51.61 14.09
N GLN A 198 -18.78 51.11 13.81
CA GLN A 198 -18.25 51.08 12.46
C GLN A 198 -19.15 50.30 11.49
N GLU A 199 -19.32 50.82 10.28
CA GLU A 199 -20.20 50.22 9.29
C GLU A 199 -19.64 48.94 8.66
N SER A 200 -18.32 48.77 8.75
CA SER A 200 -17.64 47.58 8.24
C SER A 200 -16.67 47.04 9.29
N GLY A 201 -16.83 45.77 9.65
CA GLY A 201 -15.97 45.12 10.64
C GLY A 201 -14.72 44.51 10.04
N ARG A 202 -13.81 44.10 10.91
CA ARG A 202 -12.57 43.45 10.50
C ARG A 202 -11.93 42.74 11.70
N VAL A 203 -11.31 41.60 11.45
CA VAL A 203 -10.53 40.89 12.47
C VAL A 203 -9.27 40.31 11.85
N THR A 204 -8.11 40.75 12.33
CA THR A 204 -6.82 40.24 11.87
C THR A 204 -6.06 39.60 13.04
N VAL A 205 -5.99 38.27 13.04
CA VAL A 205 -5.20 37.54 14.03
C VAL A 205 -3.90 37.08 13.36
N SER A 206 -2.77 37.51 13.91
CA SER A 206 -1.48 37.28 13.29
C SER A 206 -0.42 36.81 14.27
N THR A 207 0.56 36.09 13.73
CA THR A 207 1.81 35.80 14.42
C THR A 207 2.94 36.43 13.62
N GLU A 208 4.18 36.16 14.00
CA GLU A 208 5.34 36.66 13.27
C GLU A 208 5.52 35.91 11.94
N ARG A 209 5.00 34.69 11.87
CA ARG A 209 5.12 33.84 10.69
C ARG A 209 3.90 33.86 9.78
N SER A 210 2.71 34.08 10.35
CA SER A 210 1.45 33.85 9.64
C SER A 210 0.38 34.87 10.01
N GLN A 211 -0.71 34.88 9.24
CA GLN A 211 -1.82 35.78 9.51
C GLN A 211 -3.12 35.30 8.88
N GLN A 212 -4.23 35.75 9.47
CA GLN A 212 -5.57 35.45 8.97
C GLN A 212 -6.41 36.71 9.14
N THR A 213 -6.95 37.25 8.04
CA THR A 213 -7.88 38.39 8.12
C THR A 213 -9.27 37.94 7.66
N VAL A 214 -10.29 38.46 8.35
CA VAL A 214 -11.67 38.11 8.06
C VAL A 214 -12.56 39.35 8.13
N ILE A 215 -13.33 39.55 7.08
CA ILE A 215 -14.33 40.60 7.00
C ILE A 215 -15.69 39.96 7.28
N PRO A 216 -16.53 40.60 8.11
CA PRO A 216 -17.86 40.05 8.32
C PRO A 216 -18.73 40.27 7.09
N ASN A 217 -19.98 39.81 7.14
CA ASN A 217 -20.85 39.83 5.98
C ASN A 217 -22.28 40.01 6.43
N ILE A 218 -22.76 41.25 6.32
CA ILE A 218 -24.03 41.66 6.88
C ILE A 218 -25.15 41.05 6.05
N GLY A 219 -26.30 40.81 6.68
CA GLY A 219 -27.46 40.25 6.00
C GLY A 219 -27.96 39.03 6.75
N SER A 220 -29.25 38.75 6.63
CA SER A 220 -29.87 37.67 7.40
C SER A 220 -29.52 36.28 6.85
N ARG A 221 -29.57 35.30 7.74
CA ARG A 221 -29.48 33.89 7.41
C ARG A 221 -30.77 33.24 7.92
N PRO A 222 -30.93 31.92 7.73
CA PRO A 222 -32.10 31.25 8.32
C PRO A 222 -32.19 31.41 9.84
N TRP A 223 -33.40 31.21 10.36
CA TRP A 223 -33.70 31.42 11.78
C TRP A 223 -33.22 30.24 12.61
N VAL A 224 -32.39 30.51 13.62
CA VAL A 224 -31.90 29.46 14.52
C VAL A 224 -31.99 29.95 15.97
N ARG A 225 -32.92 29.36 16.71
CA ARG A 225 -33.17 29.70 18.12
C ARG A 225 -33.36 31.20 18.33
N GLY A 226 -34.09 31.84 17.42
CA GLY A 226 -34.43 33.26 17.55
C GLY A 226 -33.57 34.21 16.74
N GLN A 227 -32.39 33.76 16.32
CA GLN A 227 -31.39 34.65 15.70
C GLN A 227 -31.13 34.34 14.22
N SER A 228 -31.10 35.40 13.42
CA SER A 228 -30.71 35.32 12.02
C SER A 228 -29.21 35.65 11.84
N GLY A 229 -28.57 36.16 12.89
CA GLY A 229 -27.12 36.39 12.87
C GLY A 229 -26.33 35.10 13.01
N ARG A 230 -25.04 35.15 12.66
CA ARG A 230 -24.14 34.00 12.73
C ARG A 230 -22.74 34.38 13.25
N ILE A 231 -22.00 33.40 13.75
CA ILE A 231 -20.55 33.55 13.96
C ILE A 231 -19.79 32.50 13.15
N SER A 232 -18.57 32.83 12.75
CA SER A 232 -17.68 31.89 12.10
C SER A 232 -16.46 31.68 12.97
N ILE A 233 -16.13 30.43 13.26
CA ILE A 233 -15.02 30.10 14.15
C ILE A 233 -13.71 29.87 13.37
N TYR A 234 -12.64 30.48 13.87
CA TYR A 234 -11.30 30.28 13.33
C TYR A 234 -10.36 29.93 14.47
N TRP A 235 -9.16 29.48 14.12
CA TRP A 235 -8.14 29.20 15.12
C TRP A 235 -6.75 29.62 14.66
N THR A 236 -5.86 29.84 15.62
CA THR A 236 -4.47 30.14 15.35
C THR A 236 -3.64 29.33 16.32
N ILE A 237 -2.64 28.62 15.80
CA ILE A 237 -1.70 27.90 16.65
C ILE A 237 -0.43 28.74 16.81
N VAL A 238 -0.11 29.12 18.04
CA VAL A 238 1.02 29.98 18.33
C VAL A 238 2.17 29.15 18.92
N LYS A 239 3.32 29.19 18.27
CA LYS A 239 4.46 28.37 18.70
C LYS A 239 5.26 29.02 19.84
N PRO A 240 5.98 28.19 20.62
CA PRO A 240 6.88 28.69 21.67
C PRO A 240 7.84 29.74 21.14
N GLY A 241 7.97 30.85 21.87
CA GLY A 241 8.83 31.95 21.44
C GLY A 241 8.08 33.00 20.62
N ASP A 242 7.06 32.55 19.90
CA ASP A 242 6.28 33.43 19.02
C ASP A 242 5.29 34.30 19.83
N ILE A 243 4.42 35.02 19.13
CA ILE A 243 3.52 35.98 19.76
C ILE A 243 2.19 36.09 19.01
N LEU A 244 1.09 36.07 19.75
CA LEU A 244 -0.24 36.26 19.18
C LEU A 244 -0.57 37.74 19.23
N MET A 245 -1.03 38.29 18.12
CA MET A 245 -1.59 39.65 18.08
C MET A 245 -3.00 39.61 17.48
N ILE A 246 -3.92 40.35 18.09
CA ILE A 246 -5.27 40.48 17.58
C ILE A 246 -5.58 41.95 17.37
N ASN A 247 -5.80 42.33 16.10
CA ASN A 247 -6.19 43.68 15.73
C ASN A 247 -7.57 43.62 15.10
N SER A 248 -8.48 44.45 15.61
CA SER A 248 -9.86 44.46 15.11
C SER A 248 -10.59 45.76 15.47
N ASN A 249 -11.30 46.31 14.50
CA ASN A 249 -12.14 47.49 14.71
C ASN A 249 -13.63 47.14 14.72
N GLY A 250 -13.96 45.85 14.82
CA GLY A 250 -15.36 45.43 14.91
C GLY A 250 -15.56 43.93 14.79
N ASN A 251 -16.69 43.46 15.33
CA ASN A 251 -17.19 42.10 15.13
C ASN A 251 -16.33 40.98 15.69
N LEU A 252 -15.32 41.32 16.49
CA LEU A 252 -14.43 40.30 17.06
C LEU A 252 -15.20 39.47 18.08
N VAL A 253 -15.07 38.16 17.99
CA VAL A 253 -15.47 37.27 19.06
C VAL A 253 -14.17 36.79 19.68
N ALA A 254 -13.80 37.42 20.79
CA ALA A 254 -12.45 37.31 21.32
C ALA A 254 -12.21 35.98 22.00
N PRO A 255 -10.94 35.51 21.99
CA PRO A 255 -10.60 34.32 22.76
C PRO A 255 -10.42 34.67 24.23
N ARG A 256 -10.57 33.68 25.10
CA ARG A 256 -10.41 33.87 26.55
C ARG A 256 -9.09 33.33 27.09
N GLY A 257 -8.41 32.54 26.26
CA GLY A 257 -7.17 31.87 26.67
C GLY A 257 -6.79 30.86 25.61
N TYR A 258 -5.96 29.89 25.97
CA TYR A 258 -5.47 28.88 25.03
C TYR A 258 -5.78 27.47 25.47
N PHE A 259 -5.98 26.59 24.48
CA PHE A 259 -5.93 25.16 24.73
C PHE A 259 -4.48 24.70 24.60
N LYS A 260 -4.14 23.69 25.39
CA LYS A 260 -2.80 23.14 25.41
C LYS A 260 -2.76 21.97 24.43
N LEU A 261 -1.94 22.09 23.38
CA LEU A 261 -1.79 21.02 22.42
C LEU A 261 -0.77 19.98 22.87
N ARG A 262 -1.21 18.73 22.94
CA ARG A 262 -0.30 17.61 23.13
C ARG A 262 -0.13 16.89 21.80
N THR A 263 1.01 16.23 21.62
CA THR A 263 1.17 15.28 20.53
C THR A 263 0.81 13.94 21.14
N GLY A 264 -0.49 13.65 21.15
CA GLY A 264 -1.03 12.49 21.85
C GLY A 264 -1.40 11.36 20.91
N LYS A 265 -1.74 10.22 21.51
CA LYS A 265 -2.16 9.03 20.79
C LYS A 265 -3.67 8.83 20.92
N SER A 266 -4.41 9.93 21.09
CA SER A 266 -5.85 9.91 21.27
C SER A 266 -6.57 10.16 19.94
N SER A 267 -7.91 10.02 19.95
CA SER A 267 -8.71 10.13 18.73
C SER A 267 -10.19 10.32 19.02
N VAL A 268 -10.99 10.37 17.95
CA VAL A 268 -12.45 10.55 18.03
C VAL A 268 -13.13 9.50 17.14
N MET A 269 -14.35 9.10 17.50
CA MET A 269 -15.06 8.04 16.79
C MET A 269 -16.57 8.20 16.86
N ARG A 270 -17.25 7.92 15.75
CA ARG A 270 -18.71 7.99 15.71
C ARG A 270 -19.33 6.60 15.96
N SER A 271 -20.16 6.51 16.99
CA SER A 271 -20.78 5.24 17.37
C SER A 271 -21.98 5.46 18.28
N ASP A 272 -23.01 4.62 18.07
CA ASP A 272 -24.17 4.59 18.96
C ASP A 272 -24.11 3.36 19.87
N ALA A 273 -22.94 2.72 19.95
CA ALA A 273 -22.76 1.52 20.76
C ALA A 273 -22.77 1.85 22.26
N LEU A 274 -23.41 0.98 23.04
CA LEU A 274 -23.38 1.09 24.49
C LEU A 274 -21.94 0.88 25.00
N ILE A 275 -21.63 1.53 26.11
CA ILE A 275 -20.32 1.42 26.77
C ILE A 275 -20.48 0.68 28.09
N ASP A 276 -19.71 -0.39 28.29
CA ASP A 276 -19.87 -1.26 29.46
C ASP A 276 -18.55 -1.82 29.96
N THR A 277 -18.53 -2.21 31.23
CA THR A 277 -17.42 -2.91 31.84
C THR A 277 -17.08 -4.21 31.09
N CYS A 278 -15.90 -4.22 30.46
CA CYS A 278 -15.31 -5.45 29.90
C CYS A 278 -13.88 -5.15 29.48
N VAL A 279 -13.17 -6.15 28.98
CA VAL A 279 -11.78 -5.99 28.55
C VAL A 279 -11.60 -6.35 27.08
N SER A 280 -11.02 -5.41 26.33
CA SER A 280 -10.70 -5.61 24.93
C SER A 280 -9.90 -4.41 24.42
N GLU A 281 -8.74 -4.68 23.84
CA GLU A 281 -7.83 -3.62 23.40
C GLU A 281 -8.13 -3.08 22.00
N CYS A 282 -9.26 -3.45 21.41
CA CYS A 282 -9.62 -2.96 20.08
C CYS A 282 -11.04 -2.41 20.10
N ILE A 283 -11.21 -1.21 19.55
CA ILE A 283 -12.50 -0.54 19.52
C ILE A 283 -12.92 -0.25 18.07
N THR A 284 -14.17 -0.57 17.75
CA THR A 284 -14.77 -0.20 16.47
C THR A 284 -16.13 0.45 16.72
N PRO A 285 -16.71 1.06 15.69
CA PRO A 285 -18.06 1.61 15.83
C PRO A 285 -19.13 0.57 16.18
N ASN A 286 -18.96 -0.68 15.74
CA ASN A 286 -19.90 -1.75 16.06
C ASN A 286 -19.78 -2.19 17.52
N GLY A 287 -18.58 -2.02 18.07
CA GLY A 287 -18.29 -2.43 19.43
C GLY A 287 -16.84 -2.89 19.50
N SER A 288 -16.41 -3.30 20.70
CA SER A 288 -15.06 -3.83 20.87
C SER A 288 -14.98 -5.24 20.27
N ILE A 289 -13.77 -5.61 19.83
CA ILE A 289 -13.53 -6.95 19.31
C ILE A 289 -12.24 -7.52 19.90
N PRO A 290 -12.16 -8.85 20.05
CA PRO A 290 -10.89 -9.41 20.48
C PRO A 290 -9.84 -9.32 19.38
N ASN A 291 -8.56 -9.36 19.75
CA ASN A 291 -7.46 -9.16 18.81
C ASN A 291 -6.54 -10.39 18.71
N ASP A 292 -7.07 -11.54 19.13
CA ASP A 292 -6.34 -12.79 19.05
C ASP A 292 -6.05 -13.19 17.60
N LYS A 293 -6.93 -12.81 16.67
CA LYS A 293 -6.77 -13.16 15.26
C LYS A 293 -6.03 -12.05 14.51
N PRO A 294 -5.37 -12.39 13.40
CA PRO A 294 -4.59 -11.40 12.65
C PRO A 294 -5.41 -10.41 11.83
N PHE A 295 -6.61 -10.79 11.43
CA PHE A 295 -7.46 -9.98 10.54
C PHE A 295 -8.88 -9.85 11.09
N GLN A 296 -9.62 -8.89 10.56
CA GLN A 296 -11.03 -8.73 10.94
C GLN A 296 -11.87 -8.24 9.77
N ASN A 297 -13.18 -8.41 9.91
CA ASN A 297 -14.13 -8.08 8.87
C ASN A 297 -15.33 -7.32 9.43
N VAL A 298 -15.14 -6.68 10.58
CA VAL A 298 -16.24 -6.03 11.29
C VAL A 298 -16.36 -4.56 10.86
N ASN A 299 -15.25 -3.85 10.83
CA ASN A 299 -15.24 -2.44 10.42
C ASN A 299 -13.83 -1.95 10.16
N LYS A 300 -13.68 -1.22 9.05
CA LYS A 300 -12.41 -0.57 8.73
C LYS A 300 -12.07 0.55 9.71
N ILE A 301 -13.07 1.15 10.34
CA ILE A 301 -12.86 2.15 11.38
C ILE A 301 -12.52 1.45 12.70
N THR A 302 -11.32 1.71 13.23
CA THR A 302 -10.83 1.04 14.45
C THR A 302 -9.88 1.93 15.26
N TYR A 303 -9.76 1.62 16.55
CA TYR A 303 -8.82 2.29 17.45
C TYR A 303 -8.24 1.28 18.44
N GLY A 304 -6.93 1.28 18.59
CA GLY A 304 -6.24 0.38 19.53
C GLY A 304 -5.46 -0.72 18.82
N LYS A 305 -5.16 -1.79 19.56
CA LYS A 305 -4.47 -2.97 19.02
C LYS A 305 -5.44 -3.85 18.24
N CYS A 306 -5.66 -3.51 16.98
CA CYS A 306 -6.70 -4.16 16.18
C CYS A 306 -6.15 -5.03 15.07
N PRO A 307 -6.85 -6.15 14.78
CA PRO A 307 -6.55 -6.92 13.59
C PRO A 307 -6.74 -6.05 12.34
N LYS A 308 -6.16 -6.46 11.22
CA LYS A 308 -6.25 -5.64 10.03
C LYS A 308 -7.57 -5.93 9.31
N TYR A 309 -8.22 -4.88 8.80
CA TYR A 309 -9.49 -5.04 8.13
C TYR A 309 -9.29 -5.63 6.73
N ILE A 310 -10.04 -6.70 6.42
CA ILE A 310 -10.05 -7.30 5.09
C ILE A 310 -11.47 -7.58 4.61
N ARG A 311 -11.62 -7.84 3.32
CA ARG A 311 -12.94 -8.00 2.72
C ARG A 311 -13.55 -9.36 3.06
N GLN A 312 -12.71 -10.38 3.19
CA GLN A 312 -13.18 -11.75 3.45
C GLN A 312 -13.64 -11.90 4.89
N ASN A 313 -14.76 -12.59 5.09
CA ASN A 313 -15.31 -12.80 6.42
C ASN A 313 -14.83 -14.08 7.09
N THR A 314 -14.06 -14.89 6.37
CA THR A 314 -13.57 -16.16 6.91
C THR A 314 -12.33 -16.65 6.16
N LEU A 315 -11.31 -17.04 6.93
CA LEU A 315 -10.09 -17.64 6.38
C LEU A 315 -9.57 -18.70 7.35
N LYS A 316 -9.65 -19.97 6.94
CA LYS A 316 -9.30 -21.10 7.80
C LYS A 316 -7.86 -21.52 7.58
N LEU A 317 -7.07 -21.48 8.65
CA LEU A 317 -5.67 -21.92 8.63
C LEU A 317 -5.59 -23.32 9.22
N ALA A 318 -4.98 -24.25 8.49
CA ALA A 318 -4.91 -25.64 8.91
C ALA A 318 -3.91 -25.81 10.06
N THR A 319 -4.36 -26.50 11.11
CA THR A 319 -3.51 -26.78 12.27
C THR A 319 -3.30 -28.28 12.43
N GLY A 320 -3.52 -29.01 11.35
CA GLY A 320 -3.36 -30.47 11.35
C GLY A 320 -3.13 -31.04 9.96
N MET A 321 -2.86 -32.34 9.92
CA MET A 321 -2.59 -33.01 8.66
C MET A 321 -3.87 -33.26 7.87
N ARG A 322 -3.70 -33.77 6.67
CA ARG A 322 -4.80 -34.19 5.81
C ARG A 322 -5.60 -35.31 6.49
N ASN A 323 -6.91 -35.12 6.64
CA ASN A 323 -7.78 -36.10 7.30
C ASN A 323 -8.30 -37.11 6.29
N VAL A 324 -7.93 -38.37 6.45
CA VAL A 324 -8.33 -39.43 5.53
C VAL A 324 -8.95 -40.61 6.29
N PRO A 325 -10.29 -40.60 6.47
CA PRO A 325 -10.91 -41.65 7.26
C PRO A 325 -11.12 -42.94 6.48
N GLU A 326 -11.73 -43.93 7.13
CA GLU A 326 -12.00 -45.24 6.52
C GLU A 326 -12.88 -45.09 5.28
N GLY B 1 -0.27 -34.68 -0.69
CA GLY B 1 1.09 -34.45 -0.11
C GLY B 1 2.19 -34.75 -1.12
N ILE B 2 3.27 -33.99 -1.02
CA ILE B 2 4.34 -34.02 -2.02
C ILE B 2 5.20 -35.30 -1.96
N PHE B 3 5.16 -36.02 -0.83
CA PHE B 3 5.84 -37.32 -0.68
C PHE B 3 4.92 -38.51 -0.93
N GLY B 4 3.61 -38.27 -0.98
CA GLY B 4 2.64 -39.32 -1.28
C GLY B 4 2.61 -40.43 -0.26
N ALA B 5 2.78 -40.09 1.01
CA ALA B 5 2.60 -41.06 2.11
C ALA B 5 1.20 -40.96 2.67
N ILE B 6 0.85 -39.78 3.18
CA ILE B 6 -0.49 -39.52 3.70
C ILE B 6 -1.40 -39.31 2.49
N ALA B 7 -2.54 -39.98 2.48
CA ALA B 7 -3.43 -40.00 1.31
C ALA B 7 -2.69 -40.48 0.06
N GLY B 8 -1.73 -41.39 0.26
CA GLY B 8 -0.90 -41.93 -0.82
C GLY B 8 -0.70 -43.43 -0.64
N PHE B 9 0.53 -43.88 -0.43
CA PHE B 9 0.79 -45.31 -0.25
C PHE B 9 0.26 -45.86 1.07
N ILE B 10 0.00 -44.97 2.03
CA ILE B 10 -0.80 -45.33 3.20
C ILE B 10 -2.24 -45.01 2.83
N GLU B 11 -3.11 -46.03 2.88
CA GLU B 11 -4.44 -45.92 2.32
C GLU B 11 -5.35 -45.00 3.13
N ASN B 12 -5.22 -44.99 4.45
CA ASN B 12 -6.06 -44.14 5.29
C ASN B 12 -5.48 -43.88 6.68
N GLY B 13 -6.17 -43.04 7.45
CA GLY B 13 -5.77 -42.73 8.82
C GLY B 13 -6.43 -43.62 9.85
N TRP B 14 -5.78 -43.76 10.99
CA TRP B 14 -6.33 -44.54 12.11
C TRP B 14 -7.08 -43.64 13.08
N GLU B 15 -8.41 -43.66 13.04
CA GLU B 15 -9.23 -42.89 13.99
C GLU B 15 -9.04 -43.33 15.44
N GLY B 16 -8.65 -44.60 15.64
CA GLY B 16 -8.47 -45.17 16.97
C GLY B 16 -7.11 -44.95 17.60
N MET B 17 -6.26 -44.15 16.94
CA MET B 17 -5.02 -43.68 17.54
C MET B 17 -5.30 -42.30 18.10
N VAL B 18 -5.52 -42.23 19.40
CA VAL B 18 -5.98 -40.98 20.02
C VAL B 18 -4.93 -40.32 20.91
N ASP B 19 -3.73 -40.89 21.00
CA ASP B 19 -2.67 -40.33 21.84
C ASP B 19 -1.44 -39.94 21.03
N GLY B 20 -1.64 -39.66 19.74
CA GLY B 20 -0.54 -39.31 18.85
C GLY B 20 -0.99 -39.07 17.42
N TRP B 21 -0.11 -38.45 16.63
CA TRP B 21 -0.40 -38.12 15.23
C TRP B 21 0.14 -39.21 14.30
N TYR B 22 1.29 -39.76 14.63
CA TYR B 22 1.90 -40.84 13.86
C TYR B 22 2.19 -41.98 14.82
N GLY B 23 2.30 -43.20 14.31
CA GLY B 23 2.52 -44.35 15.18
C GLY B 23 2.55 -45.70 14.50
N PHE B 24 2.55 -46.74 15.32
CA PHE B 24 2.71 -48.11 14.86
C PHE B 24 1.52 -49.00 15.19
N ARG B 25 1.31 -50.01 14.34
CA ARG B 25 0.41 -51.11 14.64
C ARG B 25 1.12 -52.38 14.24
N TYR B 26 1.10 -53.38 15.12
CA TYR B 26 1.87 -54.59 14.92
C TYR B 26 1.13 -55.83 15.31
N GLN B 27 1.51 -56.93 14.67
CA GLN B 27 1.01 -58.26 14.98
C GLN B 27 2.19 -59.21 15.15
N ASN B 28 2.17 -59.98 16.24
CA ASN B 28 3.26 -60.88 16.57
C ASN B 28 2.77 -62.02 17.46
N SER B 29 3.70 -62.77 18.03
CA SER B 29 3.38 -63.95 18.84
C SER B 29 2.65 -63.67 20.17
N GLU B 30 2.59 -62.40 20.58
CA GLU B 30 1.92 -62.01 21.83
C GLU B 30 0.52 -61.42 21.63
N GLY B 31 0.18 -61.07 20.38
CA GLY B 31 -1.13 -60.53 20.05
C GLY B 31 -1.01 -59.46 18.99
N THR B 32 -1.86 -58.43 19.08
CA THR B 32 -1.71 -57.23 18.26
C THR B 32 -1.44 -56.07 19.21
N GLY B 33 -0.98 -54.95 18.67
CA GLY B 33 -0.62 -53.80 19.49
C GLY B 33 -0.59 -52.50 18.70
N GLN B 34 -0.72 -51.39 19.42
CA GLN B 34 -0.65 -50.05 18.84
C GLN B 34 0.12 -49.11 19.76
N ALA B 35 0.87 -48.19 19.16
CA ALA B 35 1.65 -47.24 19.94
C ALA B 35 1.92 -45.98 19.14
N ALA B 36 1.72 -44.83 19.77
CA ALA B 36 2.00 -43.55 19.14
C ALA B 36 3.50 -43.29 19.16
N ASP B 37 4.01 -42.70 18.08
CA ASP B 37 5.38 -42.20 18.08
C ASP B 37 5.37 -40.75 18.51
N LEU B 38 5.92 -40.49 19.69
CA LEU B 38 5.87 -39.15 20.28
C LEU B 38 6.82 -38.18 19.58
N LYS B 39 7.87 -38.70 18.96
CA LYS B 39 8.91 -37.86 18.35
C LYS B 39 8.45 -37.26 17.04
N SER B 40 7.89 -38.08 16.16
CA SER B 40 7.42 -37.58 14.87
C SER B 40 6.15 -36.76 15.04
N THR B 41 5.34 -37.11 16.03
CA THR B 41 4.17 -36.30 16.41
C THR B 41 4.61 -34.90 16.84
N GLN B 42 5.57 -34.84 17.76
CA GLN B 42 6.00 -33.57 18.34
C GLN B 42 6.65 -32.64 17.30
N ALA B 43 7.34 -33.23 16.34
CA ALA B 43 7.92 -32.47 15.24
C ALA B 43 6.84 -31.71 14.49
N ALA B 44 5.82 -32.43 14.02
CA ALA B 44 4.73 -31.81 13.26
C ALA B 44 4.04 -30.73 14.07
N ILE B 45 3.73 -31.02 15.33
CA ILE B 45 3.04 -30.07 16.18
C ILE B 45 3.86 -28.80 16.38
N ASP B 46 5.15 -28.95 16.68
CA ASP B 46 6.02 -27.79 16.90
C ASP B 46 6.04 -26.85 15.69
N GLN B 47 6.17 -27.41 14.49
CA GLN B 47 6.19 -26.60 13.27
C GLN B 47 4.87 -25.86 13.11
N ILE B 48 3.77 -26.56 13.33
CA ILE B 48 2.43 -25.97 13.24
C ILE B 48 2.23 -24.90 14.31
N ASN B 49 2.71 -25.17 15.53
CA ASN B 49 2.69 -24.15 16.58
C ASN B 49 3.54 -22.93 16.22
N GLY B 50 4.65 -23.14 15.53
CA GLY B 50 5.47 -22.03 15.02
C GLY B 50 4.74 -21.13 14.04
N LYS B 51 4.11 -21.74 13.04
CA LYS B 51 3.22 -21.02 12.10
C LYS B 51 2.19 -20.19 12.86
N LEU B 52 1.56 -20.79 13.86
CA LEU B 52 0.57 -20.09 14.67
C LEU B 52 1.17 -18.87 15.33
N ASN B 53 2.28 -19.05 16.04
CA ASN B 53 2.86 -17.95 16.81
C ASN B 53 3.33 -16.76 15.99
N ARG B 54 3.63 -16.98 14.70
CA ARG B 54 4.02 -15.86 13.84
C ARG B 54 2.83 -15.20 13.14
N VAL B 55 1.68 -15.85 13.17
CA VAL B 55 0.46 -15.30 12.59
C VAL B 55 -0.47 -14.75 13.67
N ILE B 56 -0.65 -15.51 14.75
CA ILE B 56 -1.54 -15.15 15.87
C ILE B 56 -0.93 -14.05 16.72
N GLU B 57 -1.79 -13.18 17.26
CA GLU B 57 -1.39 -12.11 18.21
C GLU B 57 -0.11 -11.36 17.81
N ARG B 58 -0.05 -10.95 16.54
CA ARG B 58 1.01 -10.07 16.06
C ARG B 58 0.39 -8.76 15.56
N THR B 59 -0.57 -8.25 16.33
CA THR B 59 -1.40 -7.14 15.89
C THR B 59 -0.69 -5.80 16.04
N ASN B 60 -1.01 -4.88 15.12
CA ASN B 60 -0.51 -3.51 15.17
C ASN B 60 -1.27 -2.67 16.19
N GLU B 61 -0.60 -1.65 16.70
CA GLU B 61 -1.23 -0.63 17.52
C GLU B 61 -1.47 0.56 16.59
N LYS B 62 -2.71 1.02 16.50
CA LYS B 62 -3.04 2.18 15.65
C LYS B 62 -4.05 3.08 16.34
N PHE B 63 -3.82 4.39 16.25
CA PHE B 63 -4.60 5.37 16.98
C PHE B 63 -5.38 6.28 16.02
N HIS B 64 -5.17 7.59 16.08
CA HIS B 64 -5.88 8.50 15.19
C HIS B 64 -5.41 8.28 13.77
N GLN B 65 -6.34 8.34 12.83
CA GLN B 65 -6.06 8.06 11.42
C GLN B 65 -6.85 9.07 10.60
N ILE B 66 -7.19 8.70 9.36
CA ILE B 66 -8.11 9.48 8.54
C ILE B 66 -9.56 9.02 8.70
N GLU B 67 -10.49 9.91 8.36
CA GLU B 67 -11.91 9.59 8.37
C GLU B 67 -12.21 8.66 7.20
N LYS B 68 -13.21 7.79 7.38
CA LYS B 68 -13.54 6.77 6.37
C LYS B 68 -15.04 6.65 6.01
N GLU B 69 -15.91 7.38 6.70
CA GLU B 69 -17.33 7.54 6.34
C GLU B 69 -17.66 9.02 6.40
N PHE B 70 -18.51 9.50 5.50
CA PHE B 70 -18.73 10.95 5.33
C PHE B 70 -20.20 11.35 5.17
N SER B 71 -20.63 12.38 5.89
CA SER B 71 -21.98 12.91 5.77
C SER B 71 -22.16 13.64 4.45
N GLU B 72 -21.33 14.66 4.22
CA GLU B 72 -21.46 15.50 3.05
C GLU B 72 -20.64 15.00 1.87
N VAL B 73 -21.07 15.37 0.68
CA VAL B 73 -20.32 15.16 -0.55
C VAL B 73 -19.35 16.34 -0.71
N GLU B 74 -18.06 16.05 -0.87
CA GLU B 74 -17.00 17.08 -0.85
C GLU B 74 -16.12 17.13 -2.11
N GLY B 75 -16.13 16.08 -2.93
CA GLY B 75 -15.34 16.05 -4.16
C GLY B 75 -13.90 15.56 -4.01
N ARG B 76 -12.95 16.38 -4.44
CA ARG B 76 -11.55 15.95 -4.69
C ARG B 76 -10.84 15.22 -3.56
N ILE B 77 -10.76 15.81 -2.37
CA ILE B 77 -9.90 15.21 -1.34
C ILE B 77 -10.61 14.05 -0.61
N GLN B 78 -11.95 14.07 -0.57
CA GLN B 78 -12.70 12.90 -0.10
C GLN B 78 -12.54 11.72 -1.06
N ASP B 79 -12.48 12.01 -2.36
CA ASP B 79 -12.16 10.98 -3.36
C ASP B 79 -10.88 10.30 -2.95
N LEU B 80 -9.87 11.10 -2.61
CA LEU B 80 -8.55 10.59 -2.27
C LEU B 80 -8.56 9.82 -0.95
N GLU B 81 -9.25 10.37 0.05
CA GLU B 81 -9.38 9.71 1.36
C GLU B 81 -10.04 8.34 1.26
N LYS B 82 -10.95 8.15 0.30
CA LYS B 82 -11.60 6.86 0.09
C LYS B 82 -10.73 5.95 -0.76
N TYR B 83 -10.10 6.51 -1.78
CA TYR B 83 -9.24 5.71 -2.68
C TYR B 83 -8.07 5.09 -1.90
N VAL B 84 -7.47 5.88 -1.01
CA VAL B 84 -6.37 5.39 -0.17
C VAL B 84 -6.81 4.19 0.65
N GLU B 85 -7.88 4.36 1.43
CA GLU B 85 -8.35 3.31 2.31
C GLU B 85 -8.78 2.06 1.53
N ASP B 86 -9.42 2.27 0.38
CA ASP B 86 -9.83 1.19 -0.49
C ASP B 86 -8.62 0.43 -1.04
N THR B 87 -7.58 1.17 -1.41
CA THR B 87 -6.35 0.60 -1.94
C THR B 87 -5.62 -0.26 -0.89
N LYS B 88 -5.64 0.22 0.36
CA LYS B 88 -5.03 -0.50 1.49
C LYS B 88 -5.76 -1.81 1.77
N ILE B 89 -7.07 -1.74 1.88
CA ILE B 89 -7.88 -2.91 2.24
C ILE B 89 -7.72 -4.00 1.18
N ASP B 90 -7.76 -3.61 -0.09
CA ASP B 90 -7.59 -4.57 -1.18
C ASP B 90 -6.23 -5.26 -1.10
N LEU B 91 -5.20 -4.50 -0.73
CA LEU B 91 -3.84 -5.05 -0.61
C LEU B 91 -3.71 -6.02 0.56
N TRP B 92 -4.23 -5.64 1.72
CA TRP B 92 -4.20 -6.54 2.89
C TRP B 92 -5.06 -7.78 2.67
N SER B 93 -6.13 -7.65 1.90
CA SER B 93 -7.00 -8.78 1.58
C SER B 93 -6.28 -9.78 0.67
N TYR B 94 -5.49 -9.28 -0.26
CA TYR B 94 -4.65 -10.15 -1.09
C TYR B 94 -3.67 -10.90 -0.19
N ASN B 95 -2.88 -10.16 0.56
CA ASN B 95 -1.90 -10.74 1.48
C ASN B 95 -2.46 -11.87 2.32
N ALA B 96 -3.65 -11.68 2.87
CA ALA B 96 -4.26 -12.69 3.73
C ALA B 96 -4.74 -13.92 2.93
N GLU B 97 -5.28 -13.68 1.73
CA GLU B 97 -5.70 -14.77 0.87
C GLU B 97 -4.52 -15.67 0.53
N LEU B 98 -3.41 -15.04 0.16
CA LEU B 98 -2.19 -15.75 -0.26
C LEU B 98 -1.51 -16.47 0.90
N LEU B 99 -1.36 -15.76 2.02
CA LEU B 99 -0.74 -16.31 3.21
C LEU B 99 -1.37 -17.65 3.59
N VAL B 100 -2.69 -17.67 3.69
CA VAL B 100 -3.42 -18.87 4.07
C VAL B 100 -3.18 -19.99 3.07
N ALA B 101 -3.37 -19.70 1.78
CA ALA B 101 -3.10 -20.66 0.73
C ALA B 101 -1.71 -21.28 0.88
N LEU B 102 -0.69 -20.44 1.00
CA LEU B 102 0.70 -20.91 1.12
C LEU B 102 0.92 -21.74 2.38
N GLU B 103 0.52 -21.20 3.52
CA GLU B 103 0.73 -21.88 4.79
C GLU B 103 0.04 -23.26 4.82
N ASN B 104 -1.14 -23.36 4.21
CA ASN B 104 -1.91 -24.61 4.17
C ASN B 104 -1.31 -25.66 3.23
N GLN B 105 -0.84 -25.21 2.08
CA GLN B 105 -0.14 -26.11 1.17
C GLN B 105 1.08 -26.66 1.88
N HIS B 106 1.73 -25.83 2.69
CA HIS B 106 2.94 -26.22 3.40
C HIS B 106 2.63 -27.16 4.57
N THR B 107 1.61 -26.82 5.36
CA THR B 107 1.21 -27.67 6.47
C THR B 107 0.93 -29.09 6.01
N ILE B 108 0.26 -29.24 4.88
CA ILE B 108 0.00 -30.56 4.31
C ILE B 108 1.30 -31.27 3.89
N ASP B 109 2.19 -30.57 3.22
CA ASP B 109 3.46 -31.17 2.78
C ASP B 109 4.38 -31.57 3.94
N LEU B 110 4.40 -30.79 5.03
CA LEU B 110 5.28 -31.12 6.15
C LEU B 110 4.73 -32.25 7.02
N THR B 111 3.41 -32.41 7.06
CA THR B 111 2.81 -33.53 7.77
C THR B 111 3.03 -34.80 6.99
N ASP B 112 2.89 -34.72 5.68
CA ASP B 112 3.23 -35.82 4.75
C ASP B 112 4.70 -36.20 4.92
N ALA B 113 5.54 -35.19 5.15
CA ALA B 113 6.97 -35.42 5.32
C ALA B 113 7.28 -36.25 6.57
N GLU B 114 6.67 -35.91 7.70
CA GLU B 114 6.96 -36.60 8.96
C GLU B 114 6.59 -38.07 8.90
N MET B 115 5.51 -38.37 8.18
CA MET B 115 5.07 -39.74 7.97
C MET B 115 6.13 -40.50 7.19
N ASN B 116 6.65 -39.89 6.13
CA ASN B 116 7.65 -40.56 5.31
C ASN B 116 8.97 -40.71 6.06
N LYS B 117 9.33 -39.73 6.87
CA LYS B 117 10.54 -39.78 7.70
C LYS B 117 10.54 -40.96 8.67
N LEU B 118 9.40 -41.17 9.31
CA LEU B 118 9.21 -42.26 10.26
C LEU B 118 9.35 -43.61 9.56
N PHE B 119 8.82 -43.68 8.35
CA PHE B 119 8.87 -44.89 7.57
C PHE B 119 10.32 -45.22 7.23
N GLU B 120 11.01 -44.26 6.63
CA GLU B 120 12.38 -44.48 6.19
C GLU B 120 13.30 -44.78 7.36
N LYS B 121 13.06 -44.11 8.49
CA LYS B 121 13.82 -44.36 9.73
C LYS B 121 13.69 -45.81 10.17
N THR B 122 12.44 -46.27 10.19
CA THR B 122 12.14 -47.65 10.59
C THR B 122 12.72 -48.67 9.61
N ARG B 123 12.60 -48.37 8.31
CA ARG B 123 13.20 -49.20 7.26
C ARG B 123 14.70 -49.36 7.44
N ARG B 124 15.37 -48.28 7.83
CA ARG B 124 16.81 -48.31 8.09
C ARG B 124 17.20 -49.22 9.27
N GLN B 125 16.42 -49.20 10.35
CA GLN B 125 16.71 -50.05 11.49
C GLN B 125 16.58 -51.53 11.13
N LEU B 126 15.52 -51.87 10.40
CA LEU B 126 15.18 -53.26 10.06
C LEU B 126 16.17 -53.90 9.09
N ARG B 127 16.71 -53.09 8.18
CA ARG B 127 17.81 -53.49 7.31
C ARG B 127 17.46 -54.74 6.47
N GLU B 128 18.18 -55.86 6.61
CA GLU B 128 17.88 -57.05 5.79
C GLU B 128 16.88 -58.01 6.46
N ASN B 129 16.26 -57.59 7.56
CA ASN B 129 15.38 -58.45 8.32
C ASN B 129 13.91 -58.25 7.99
N ALA B 130 13.62 -57.41 7.00
CA ALA B 130 12.24 -57.08 6.66
C ALA B 130 12.10 -56.60 5.22
N GLU B 131 10.92 -56.81 4.65
CA GLU B 131 10.60 -56.29 3.33
C GLU B 131 9.37 -55.39 3.41
N ASP B 132 9.26 -54.45 2.49
CA ASP B 132 8.16 -53.50 2.45
C ASP B 132 6.97 -54.09 1.69
N MET B 133 5.89 -54.39 2.40
CA MET B 133 4.69 -54.98 1.81
C MET B 133 3.83 -53.98 1.04
N GLY B 134 4.05 -52.69 1.27
CA GLY B 134 3.12 -51.65 0.80
C GLY B 134 2.13 -51.33 1.90
N GLY B 135 1.31 -50.30 1.68
CA GLY B 135 0.35 -49.84 2.69
C GLY B 135 1.00 -49.32 3.96
N GLY B 136 2.30 -49.01 3.87
CA GLY B 136 3.09 -48.62 5.03
C GLY B 136 3.47 -49.76 5.96
N CYS B 137 3.34 -51.00 5.51
CA CYS B 137 3.59 -52.17 6.36
C CYS B 137 4.87 -52.91 6.00
N PHE B 138 5.62 -53.30 7.04
CA PHE B 138 6.79 -54.14 6.89
C PHE B 138 6.43 -55.57 7.27
N LYS B 139 6.88 -56.52 6.45
CA LYS B 139 6.91 -57.92 6.83
C LYS B 139 8.26 -58.16 7.49
N ILE B 140 8.25 -58.56 8.76
CA ILE B 140 9.48 -58.89 9.47
C ILE B 140 9.65 -60.41 9.46
N TYR B 141 10.84 -60.87 9.05
CA TYR B 141 11.08 -62.29 8.81
C TYR B 141 11.76 -63.03 9.99
N HIS B 142 11.33 -62.73 11.21
CA HIS B 142 11.80 -63.47 12.38
C HIS B 142 10.83 -63.28 13.54
N LYS B 143 10.94 -64.12 14.56
CA LYS B 143 10.13 -63.95 15.75
C LYS B 143 10.50 -62.61 16.39
N CYS B 144 9.50 -61.77 16.60
CA CYS B 144 9.71 -60.42 17.11
C CYS B 144 8.59 -60.06 18.10
N ASP B 145 8.84 -60.39 19.37
CA ASP B 145 7.86 -60.16 20.45
C ASP B 145 7.72 -58.67 20.77
N ASN B 146 6.88 -58.33 21.74
CA ASN B 146 6.63 -56.94 22.07
C ASN B 146 7.88 -56.17 22.50
N ALA B 147 8.83 -56.86 23.11
CA ALA B 147 10.12 -56.24 23.46
C ALA B 147 10.92 -55.90 22.21
N CYS B 148 11.01 -56.86 21.30
CA CYS B 148 11.63 -56.65 19.99
C CYS B 148 10.99 -55.45 19.28
N ILE B 149 9.66 -55.41 19.26
CA ILE B 149 8.94 -54.30 18.63
C ILE B 149 9.20 -52.99 19.40
N GLY B 150 9.22 -53.08 20.72
CA GLY B 150 9.53 -51.92 21.56
C GLY B 150 10.89 -51.34 21.28
N SER B 151 11.87 -52.21 20.99
CA SER B 151 13.23 -51.78 20.67
C SER B 151 13.30 -51.03 19.34
N ILE B 152 12.45 -51.44 18.38
CA ILE B 152 12.31 -50.72 17.10
C ILE B 152 11.74 -49.32 17.34
N ARG B 153 10.68 -49.26 18.14
CA ARG B 153 10.08 -47.98 18.51
C ARG B 153 11.04 -47.11 19.32
N ASN B 154 11.86 -47.75 20.17
CA ASN B 154 12.91 -47.06 20.92
C ASN B 154 14.07 -46.62 20.03
N GLY B 155 14.31 -47.35 18.95
CA GLY B 155 15.46 -47.10 18.10
C GLY B 155 16.73 -47.72 18.67
N THR B 156 16.61 -48.92 19.23
CA THR B 156 17.75 -49.67 19.76
C THR B 156 17.74 -51.12 19.26
N TYR B 157 17.04 -51.34 18.15
CA TYR B 157 16.89 -52.66 17.55
C TYR B 157 18.22 -53.07 16.92
N ASP B 158 18.77 -54.19 17.39
CA ASP B 158 20.06 -54.69 16.90
C ASP B 158 19.78 -55.78 15.86
N HIS B 159 19.96 -55.42 14.59
CA HIS B 159 19.60 -56.32 13.49
C HIS B 159 20.49 -57.57 13.37
N TYR B 160 21.73 -57.50 13.86
CA TYR B 160 22.63 -58.66 13.83
C TYR B 160 22.11 -59.84 14.67
N ILE B 161 21.35 -59.52 15.71
CA ILE B 161 20.79 -60.55 16.59
C ILE B 161 19.87 -61.48 15.82
N TYR B 162 19.08 -60.93 14.89
CA TYR B 162 18.11 -61.73 14.13
C TYR B 162 18.50 -61.99 12.67
N ARG B 163 19.55 -61.32 12.19
CA ARG B 163 19.93 -61.38 10.77
C ARG B 163 19.99 -62.81 10.21
N ASP B 164 20.65 -63.71 10.93
CA ASP B 164 20.76 -65.10 10.47
C ASP B 164 19.38 -65.74 10.29
N GLU B 165 18.54 -65.64 11.31
CA GLU B 165 17.17 -66.19 11.25
C GLU B 165 16.36 -65.57 10.10
N ALA B 166 16.54 -64.27 9.88
CA ALA B 166 15.71 -63.53 8.93
C ALA B 166 16.06 -63.80 7.46
N LEU B 167 17.35 -63.82 7.15
CA LEU B 167 17.82 -64.14 5.79
C LEU B 167 17.45 -65.56 5.38
N ASN B 168 17.30 -66.45 6.36
CA ASN B 168 16.87 -67.82 6.12
C ASN B 168 15.41 -67.91 5.67
N ASN B 169 14.56 -67.05 6.25
CA ASN B 169 13.12 -67.03 5.93
C ASN B 169 12.79 -66.32 4.62
N ARG B 170 13.63 -65.36 4.22
CA ARG B 170 13.39 -64.58 3.00
C ARG B 170 13.69 -65.38 1.75
N PHE B 171 14.78 -66.13 1.77
CA PHE B 171 15.23 -66.90 0.60
C PHE B 171 14.96 -68.39 0.78
N GLN B 172 13.73 -68.70 1.21
CA GLN B 172 13.27 -70.08 1.39
C GLN B 172 12.39 -70.45 0.19
N ILE B 173 11.63 -71.55 0.31
CA ILE B 173 10.72 -72.01 -0.76
C ILE B 173 11.44 -72.03 -2.12
N PRO C 1 44.75 -53.77 16.95
CA PRO C 1 44.26 -53.27 18.22
C PRO C 1 43.16 -52.23 18.02
N ASP C 2 42.74 -51.56 19.08
CA ASP C 2 41.55 -50.70 19.02
C ASP C 2 41.79 -49.34 18.35
N GLN C 3 43.05 -48.94 18.19
CA GLN C 3 43.37 -47.71 17.45
C GLN C 3 43.61 -47.96 15.95
N ASN C 4 43.47 -49.22 15.52
CA ASN C 4 43.51 -49.58 14.11
C ASN C 4 42.72 -48.59 13.25
N PRO C 5 43.41 -47.83 12.37
CA PRO C 5 42.74 -46.86 11.52
C PRO C 5 42.05 -47.42 10.26
N THR C 6 42.21 -48.72 9.99
CA THR C 6 41.60 -49.36 8.82
C THR C 6 40.33 -50.13 9.16
N SER C 7 39.69 -50.65 8.12
CA SER C 7 38.55 -51.55 8.24
C SER C 7 39.03 -53.01 8.23
N GLY C 8 38.10 -53.95 8.38
CA GLY C 8 38.45 -55.36 8.51
C GLY C 8 38.74 -56.14 7.23
N ASN C 9 39.65 -55.60 6.40
CA ASN C 9 40.21 -56.30 5.23
C ASN C 9 39.25 -56.74 4.10
N ASN C 10 38.02 -57.15 4.43
CA ASN C 10 37.02 -57.53 3.42
C ASN C 10 35.87 -56.54 3.26
N THR C 11 35.94 -55.40 3.95
CA THR C 11 34.88 -54.41 3.89
C THR C 11 35.44 -52.98 3.92
N ALA C 12 34.53 -52.03 3.83
CA ALA C 12 34.86 -50.62 4.00
C ALA C 12 33.60 -49.88 4.39
N THR C 13 33.77 -48.74 5.05
CA THR C 13 32.67 -47.86 5.41
C THR C 13 32.77 -46.58 4.58
N LEU C 14 31.68 -46.23 3.89
CA LEU C 14 31.56 -44.94 3.23
C LEU C 14 30.45 -44.17 3.92
N CYS C 15 30.75 -42.96 4.38
CA CYS C 15 29.75 -42.12 5.04
C CYS C 15 29.52 -40.85 4.25
N LEU C 16 28.25 -40.49 4.06
CA LEU C 16 27.90 -39.23 3.43
C LEU C 16 27.50 -38.23 4.50
N GLY C 17 27.86 -36.98 4.29
CA GLY C 17 27.59 -35.94 5.27
C GLY C 17 27.76 -34.54 4.71
N HIS C 18 27.66 -33.56 5.58
CA HIS C 18 27.68 -32.16 5.18
C HIS C 18 28.55 -31.34 6.14
N HIS C 19 28.92 -30.15 5.70
CA HIS C 19 29.81 -29.30 6.49
C HIS C 19 29.05 -28.59 7.59
N ALA C 20 29.80 -27.96 8.50
CA ALA C 20 29.22 -27.13 9.57
C ALA C 20 30.25 -26.13 10.06
N VAL C 21 29.82 -25.14 10.82
CA VAL C 21 30.71 -24.09 11.30
C VAL C 21 30.61 -23.89 12.81
N ALA C 22 31.69 -23.40 13.40
CA ALA C 22 31.77 -23.17 14.84
C ALA C 22 30.90 -22.01 15.30
N ASN C 23 30.68 -21.04 14.41
CA ASN C 23 29.87 -19.86 14.70
C ASN C 23 28.84 -19.60 13.62
N GLY C 24 27.67 -20.21 13.76
CA GLY C 24 26.56 -19.96 12.85
C GLY C 24 25.91 -18.60 13.08
N THR C 25 24.80 -18.37 12.41
CA THR C 25 24.02 -17.15 12.59
C THR C 25 22.53 -17.51 12.48
N LEU C 26 21.71 -16.85 13.29
CA LEU C 26 20.28 -17.15 13.37
C LEU C 26 19.48 -16.40 12.32
N VAL C 27 18.54 -17.10 11.68
CA VAL C 27 17.61 -16.51 10.71
C VAL C 27 16.18 -16.92 11.05
N LYS C 28 15.20 -16.22 10.47
CA LYS C 28 13.77 -16.51 10.68
C LYS C 28 13.19 -17.31 9.53
N THR C 29 12.20 -18.15 9.82
CA THR C 29 11.56 -18.97 8.80
C THR C 29 10.05 -18.98 9.01
N ILE C 30 9.35 -19.82 8.26
CA ILE C 30 7.90 -19.96 8.40
C ILE C 30 7.55 -20.69 9.71
N THR C 31 8.37 -21.65 10.08
CA THR C 31 8.14 -22.47 11.28
C THR C 31 8.94 -22.01 12.51
N ASP C 32 10.11 -21.42 12.30
CA ASP C 32 11.01 -21.04 13.41
C ASP C 32 11.31 -19.55 13.48
N ASP C 33 11.11 -18.99 14.68
CA ASP C 33 11.49 -17.61 14.97
C ASP C 33 13.01 -17.44 14.90
N GLN C 34 13.76 -18.38 15.46
CA GLN C 34 15.22 -18.35 15.43
C GLN C 34 15.79 -19.73 15.14
N ILE C 35 16.42 -19.90 13.98
CA ILE C 35 17.04 -21.17 13.61
C ILE C 35 18.42 -20.90 12.98
N GLU C 36 19.42 -21.69 13.38
CA GLU C 36 20.82 -21.39 13.07
C GLU C 36 21.26 -22.00 11.74
N VAL C 37 21.85 -21.17 10.88
CA VAL C 37 22.39 -21.62 9.59
C VAL C 37 23.88 -21.32 9.49
N THR C 38 24.54 -21.91 8.50
CA THR C 38 26.00 -21.80 8.34
C THR C 38 26.45 -20.39 8.04
N ASN C 39 25.68 -19.65 7.24
CA ASN C 39 25.76 -18.18 7.27
C ASN C 39 24.59 -17.49 6.52
N ALA C 40 24.56 -16.16 6.61
CA ALA C 40 23.49 -15.36 6.01
C ALA C 40 23.99 -13.98 5.57
N THR C 41 23.11 -13.23 4.92
CA THR C 41 23.41 -11.87 4.47
C THR C 41 22.29 -10.91 4.89
N GLU C 42 22.69 -9.69 5.24
CA GLU C 42 21.75 -8.67 5.70
C GLU C 42 21.01 -8.03 4.52
N LEU C 43 19.69 -8.00 4.59
CA LEU C 43 18.87 -7.41 3.54
C LEU C 43 18.35 -6.00 3.91
N VAL C 44 18.63 -5.56 5.13
CA VAL C 44 18.20 -4.25 5.56
C VAL C 44 19.40 -3.34 5.80
N GLN C 45 19.46 -2.25 5.04
CA GLN C 45 20.46 -1.20 5.20
C GLN C 45 20.09 -0.31 6.38
N SER C 46 20.91 -0.32 7.43
CA SER C 46 20.63 0.47 8.62
C SER C 46 21.80 1.34 9.06
N ILE C 47 22.77 1.53 8.18
CA ILE C 47 23.93 2.37 8.48
C ILE C 47 24.05 3.40 7.38
N SER C 48 24.38 4.63 7.77
CA SER C 48 24.57 5.72 6.83
C SER C 48 26.04 6.05 6.74
N ILE C 49 26.45 6.60 5.61
CA ILE C 49 27.82 7.04 5.40
C ILE C 49 28.13 8.25 6.28
N GLY C 50 27.09 8.96 6.72
CA GLY C 50 27.23 10.06 7.66
C GLY C 50 27.22 11.43 7.00
N LYS C 51 27.21 11.46 5.68
CA LYS C 51 27.28 12.71 4.93
C LYS C 51 26.59 12.54 3.58
N ILE C 52 26.30 13.66 2.92
CA ILE C 52 25.65 13.63 1.61
C ILE C 52 26.69 13.67 0.49
N CYS C 53 26.80 12.56 -0.24
CA CYS C 53 27.70 12.47 -1.39
C CYS C 53 27.17 13.28 -2.57
N ASN C 54 28.05 13.98 -3.29
CA ASN C 54 27.59 14.91 -4.33
C ASN C 54 28.10 14.70 -5.75
N ASN C 55 28.81 13.60 -6.00
CA ASN C 55 29.29 13.31 -7.36
C ASN C 55 28.23 12.69 -8.28
N SER C 56 27.28 11.94 -7.70
CA SER C 56 26.20 11.33 -8.49
C SER C 56 25.15 12.34 -8.95
N TYR C 57 24.32 12.82 -8.04
CA TYR C 57 23.35 13.86 -8.38
C TYR C 57 23.95 15.22 -8.06
N ARG C 58 23.42 16.27 -8.68
CA ARG C 58 23.81 17.63 -8.33
C ARG C 58 23.08 18.05 -7.06
N VAL C 59 23.83 18.14 -5.96
CA VAL C 59 23.28 18.57 -4.68
C VAL C 59 23.68 20.02 -4.44
N LEU C 60 22.70 20.87 -4.13
CA LEU C 60 22.96 22.29 -3.89
C LEU C 60 22.69 22.62 -2.43
N ASP C 61 23.74 23.09 -1.73
CA ASP C 61 23.63 23.47 -0.33
C ASP C 61 23.00 24.85 -0.23
N GLY C 62 21.84 24.92 0.40
CA GLY C 62 21.12 26.18 0.56
C GLY C 62 21.76 27.10 1.60
N ARG C 63 22.52 26.50 2.51
CA ARG C 63 23.24 27.23 3.55
C ARG C 63 22.27 28.01 4.44
N ASN C 64 22.31 29.33 4.41
CA ASN C 64 21.41 30.14 5.23
C ASN C 64 20.08 30.45 4.54
N CYS C 65 19.84 29.85 3.37
CA CYS C 65 18.71 30.21 2.52
C CYS C 65 17.75 29.05 2.28
N THR C 66 16.46 29.32 2.45
CA THR C 66 15.43 28.40 1.99
C THR C 66 15.31 28.53 0.47
N LEU C 67 14.62 27.58 -0.15
CA LEU C 67 14.41 27.61 -1.60
C LEU C 67 13.53 28.79 -2.00
N ILE C 68 12.52 29.07 -1.17
CA ILE C 68 11.63 30.22 -1.39
C ILE C 68 12.38 31.56 -1.27
N ASP C 69 13.21 31.71 -0.24
CA ASP C 69 14.01 32.94 -0.06
C ASP C 69 15.01 33.13 -1.21
N ALA C 70 15.57 32.03 -1.70
CA ALA C 70 16.48 32.09 -2.83
C ALA C 70 15.76 32.52 -4.11
N MET C 71 14.52 32.06 -4.26
CA MET C 71 13.69 32.40 -5.40
C MET C 71 13.28 33.89 -5.38
N LEU C 72 12.67 34.30 -4.27
CA LEU C 72 12.22 35.69 -4.07
C LEU C 72 13.35 36.71 -4.23
N GLY C 73 14.58 36.32 -3.86
CA GLY C 73 15.74 37.18 -4.00
C GLY C 73 16.08 37.97 -2.75
N ASP C 74 15.94 37.33 -1.59
CA ASP C 74 16.39 37.87 -0.31
C ASP C 74 17.88 38.20 -0.44
N PRO C 75 18.26 39.47 -0.22
CA PRO C 75 19.63 39.94 -0.44
C PRO C 75 20.75 38.95 -0.12
N HIS C 76 20.72 38.34 1.06
CA HIS C 76 21.79 37.42 1.47
C HIS C 76 21.74 36.07 0.75
N CYS C 77 20.72 35.86 -0.09
CA CYS C 77 20.59 34.67 -0.92
C CYS C 77 20.86 34.95 -2.39
N ASP C 78 21.55 36.06 -2.69
CA ASP C 78 21.76 36.47 -4.08
C ASP C 78 22.72 35.56 -4.85
N ASP C 79 23.50 34.75 -4.14
CA ASP C 79 24.37 33.77 -4.80
C ASP C 79 23.59 32.64 -5.47
N PHE C 80 22.32 32.46 -5.12
CA PHE C 80 21.46 31.44 -5.73
C PHE C 80 20.61 32.02 -6.88
N GLN C 81 21.16 32.99 -7.61
CA GLN C 81 20.37 33.78 -8.53
C GLN C 81 19.88 33.01 -9.77
N TYR C 82 20.78 32.29 -10.42
CA TYR C 82 20.48 31.61 -11.68
C TYR C 82 20.79 30.10 -11.58
N GLU C 83 20.63 29.52 -10.41
CA GLU C 83 21.16 28.17 -10.16
C GLU C 83 20.17 27.05 -10.49
N ASN C 84 20.70 25.83 -10.54
CA ASN C 84 19.88 24.63 -10.72
C ASN C 84 20.39 23.47 -9.86
N TRP C 85 19.64 22.38 -9.82
CA TRP C 85 19.94 21.27 -8.92
C TRP C 85 19.13 20.01 -9.25
N ASP C 86 19.65 18.85 -8.86
CA ASP C 86 18.84 17.64 -8.75
C ASP C 86 18.20 17.63 -7.36
N LEU C 87 18.96 18.04 -6.34
CA LEU C 87 18.45 18.09 -4.98
C LEU C 87 18.94 19.35 -4.23
N PHE C 88 17.98 20.14 -3.75
CA PHE C 88 18.27 21.35 -2.96
C PHE C 88 18.18 20.96 -1.49
N ILE C 89 19.20 21.33 -0.72
CA ILE C 89 19.25 21.00 0.71
C ILE C 89 18.99 22.24 1.55
N GLU C 90 17.97 22.17 2.39
CA GLU C 90 17.65 23.26 3.32
C GLU C 90 18.12 22.94 4.72
N ARG C 91 18.82 23.90 5.33
CA ARG C 91 19.40 23.71 6.64
C ARG C 91 18.46 24.25 7.72
N SER C 92 18.57 23.71 8.93
CA SER C 92 17.76 24.16 10.06
C SER C 92 18.19 25.54 10.51
N SER C 93 19.43 25.91 10.27
CA SER C 93 19.94 27.24 10.64
C SER C 93 19.65 28.33 9.59
N ALA C 94 18.88 28.02 8.54
CA ALA C 94 18.49 29.04 7.56
C ALA C 94 17.58 30.08 8.21
N PHE C 95 17.60 31.29 7.66
CA PHE C 95 16.80 32.41 8.17
C PHE C 95 16.43 33.37 7.05
N SER C 96 15.32 34.08 7.23
CA SER C 96 14.93 35.16 6.32
C SER C 96 15.46 36.47 6.86
N ASN C 97 15.90 37.35 5.96
CA ASN C 97 16.46 38.64 6.36
C ASN C 97 15.98 39.82 5.52
N CYS C 98 14.83 39.67 4.88
CA CYS C 98 14.22 40.75 4.09
C CYS C 98 12.89 41.15 4.73
N TYR C 99 12.04 41.84 3.96
CA TYR C 99 10.74 42.27 4.47
C TYR C 99 9.94 41.04 4.90
N PRO C 100 9.25 41.12 6.06
CA PRO C 100 8.50 39.97 6.56
C PRO C 100 7.29 39.60 5.68
N TYR C 101 7.14 38.32 5.38
CA TYR C 101 6.11 37.86 4.46
C TYR C 101 5.46 36.56 4.88
N ASP C 102 4.29 36.31 4.29
CA ASP C 102 3.64 35.00 4.38
C ASP C 102 3.28 34.61 2.97
N ILE C 103 3.22 33.30 2.72
CA ILE C 103 2.76 32.76 1.45
C ILE C 103 1.62 31.77 1.71
N PRO C 104 0.40 32.13 1.31
CA PRO C 104 -0.67 31.14 1.36
C PRO C 104 -0.32 29.96 0.47
N ASP C 105 -0.50 28.76 1.00
CA ASP C 105 -0.06 27.54 0.34
C ASP C 105 1.45 27.63 0.03
N TYR C 106 2.23 28.00 1.04
CA TYR C 106 3.70 28.03 0.96
C TYR C 106 4.25 26.69 0.46
N ALA C 107 3.73 25.59 1.01
CA ALA C 107 4.22 24.24 0.70
C ALA C 107 4.12 23.90 -0.79
N SER C 108 3.02 24.31 -1.43
CA SER C 108 2.81 24.01 -2.85
C SER C 108 3.85 24.70 -3.72
N LEU C 109 4.05 26.00 -3.49
CA LEU C 109 5.04 26.76 -4.26
C LEU C 109 6.42 26.16 -4.11
N ARG C 110 6.81 25.86 -2.87
CA ARG C 110 8.07 25.18 -2.59
C ARG C 110 8.20 23.90 -3.42
N SER C 111 7.13 23.10 -3.44
CA SER C 111 7.11 21.87 -4.24
C SER C 111 7.26 22.18 -5.73
N ILE C 112 6.48 23.14 -6.22
CA ILE C 112 6.49 23.49 -7.64
C ILE C 112 7.88 23.92 -8.12
N VAL C 113 8.51 24.79 -7.34
CA VAL C 113 9.84 25.29 -7.69
C VAL C 113 10.91 24.21 -7.51
N ALA C 114 10.75 23.38 -6.48
CA ALA C 114 11.74 22.33 -6.18
C ALA C 114 11.78 21.25 -7.25
N SER C 115 10.61 20.80 -7.71
CA SER C 115 10.52 19.76 -8.74
C SER C 115 11.03 20.25 -10.10
N SER C 116 10.84 21.54 -10.34
CA SER C 116 11.31 22.19 -11.57
C SER C 116 12.83 22.13 -11.67
N GLY C 117 13.49 22.33 -10.53
CA GLY C 117 14.93 22.12 -10.42
C GLY C 117 15.80 23.28 -10.86
N THR C 118 15.19 24.45 -11.05
CA THR C 118 15.92 25.60 -11.61
C THR C 118 15.31 26.92 -11.17
N LEU C 119 16.17 27.92 -11.00
CA LEU C 119 15.75 29.28 -10.66
C LEU C 119 16.04 30.29 -11.79
N GLU C 120 16.31 29.80 -12.99
CA GLU C 120 16.64 30.70 -14.11
C GLU C 120 15.53 31.71 -14.39
N PHE C 121 15.87 32.98 -14.24
CA PHE C 121 14.92 34.08 -14.25
C PHE C 121 15.15 34.98 -15.47
N THR C 122 14.08 35.60 -15.96
CA THR C 122 14.16 36.51 -17.08
C THR C 122 13.34 37.76 -16.79
N ALA C 123 13.99 38.92 -16.81
CA ALA C 123 13.31 40.18 -16.57
C ALA C 123 12.45 40.56 -17.78
N GLU C 124 11.45 41.39 -17.55
CA GLU C 124 10.57 41.88 -18.61
C GLU C 124 10.23 43.34 -18.39
N GLY C 125 10.20 44.11 -19.48
CA GLY C 125 9.87 45.53 -19.42
C GLY C 125 8.39 45.78 -19.16
N PHE C 126 7.99 45.62 -17.91
CA PHE C 126 6.65 45.98 -17.50
C PHE C 126 6.59 47.49 -17.40
N THR C 127 5.65 48.12 -18.11
CA THR C 127 5.51 49.58 -18.08
C THR C 127 4.53 49.98 -16.96
N TRP C 128 5.08 50.55 -15.88
CA TRP C 128 4.28 51.04 -14.76
C TRP C 128 4.19 52.57 -14.78
N THR C 129 3.31 53.09 -15.62
CA THR C 129 3.13 54.53 -15.75
C THR C 129 2.29 55.09 -14.59
N GLY C 130 2.76 56.18 -14.00
CA GLY C 130 2.02 56.88 -12.95
C GLY C 130 2.31 56.48 -11.52
N VAL C 131 3.35 55.65 -11.32
CA VAL C 131 3.72 55.17 -9.98
C VAL C 131 5.23 55.16 -9.78
N THR C 132 5.65 55.25 -8.51
CA THR C 132 7.06 55.15 -8.14
C THR C 132 7.45 53.69 -8.02
N GLN C 133 8.66 53.37 -8.47
CA GLN C 133 9.15 51.99 -8.49
C GLN C 133 10.25 51.76 -7.45
N ASN C 134 10.63 50.50 -7.31
CA ASN C 134 11.80 50.08 -6.51
C ASN C 134 11.75 50.50 -5.05
N GLY C 135 10.57 50.34 -4.45
CA GLY C 135 10.40 50.59 -3.03
C GLY C 135 11.30 49.67 -2.21
N GLY C 136 11.78 50.18 -1.08
CA GLY C 136 12.71 49.47 -0.23
C GLY C 136 12.39 49.63 1.23
N SER C 137 13.09 48.87 2.08
CA SER C 137 12.85 48.85 3.50
C SER C 137 14.14 48.60 4.29
N GLY C 138 14.15 49.07 5.54
CA GLY C 138 15.27 48.85 6.46
C GLY C 138 15.32 47.45 7.02
N ALA C 139 14.24 46.68 6.80
CA ALA C 139 14.21 45.27 7.17
C ALA C 139 14.84 44.38 6.09
N CYS C 140 15.34 44.98 5.02
CA CYS C 140 15.90 44.23 3.89
C CYS C 140 17.09 45.00 3.32
N LYS C 141 18.20 44.99 4.05
CA LYS C 141 19.40 45.75 3.67
C LYS C 141 20.30 45.00 2.68
N ARG C 142 20.45 45.55 1.48
CA ARG C 142 21.47 45.10 0.54
C ARG C 142 22.58 46.15 0.60
N GLY C 143 23.70 45.79 1.21
CA GLY C 143 24.70 46.78 1.61
C GLY C 143 24.17 47.51 2.83
N SER C 144 24.49 48.80 2.95
CA SER C 144 24.01 49.61 4.08
C SER C 144 22.76 50.40 3.73
N ALA C 145 22.22 50.20 2.53
CA ALA C 145 21.05 50.95 2.07
C ALA C 145 19.82 50.08 2.06
N ASP C 146 18.68 50.71 2.32
CA ASP C 146 17.39 50.04 2.32
C ASP C 146 17.14 49.45 0.94
N SER C 147 16.54 48.26 0.91
CA SER C 147 16.38 47.50 -0.33
C SER C 147 15.18 46.56 -0.21
N PHE C 148 15.08 45.60 -1.13
CA PHE C 148 13.91 44.73 -1.22
C PHE C 148 14.29 43.42 -1.91
N PHE C 149 13.34 42.49 -1.94
CA PHE C 149 13.47 41.27 -2.74
C PHE C 149 13.84 41.65 -4.16
N SER C 150 14.88 41.01 -4.70
CA SER C 150 15.42 41.39 -6.01
C SER C 150 14.53 41.02 -7.19
N ARG C 151 13.66 40.02 -7.00
CA ARG C 151 12.74 39.61 -8.07
C ARG C 151 11.35 40.27 -7.96
N LEU C 152 11.22 41.23 -7.05
CA LEU C 152 9.96 41.93 -6.84
C LEU C 152 10.14 43.44 -6.95
N ASN C 153 9.05 44.14 -7.28
CA ASN C 153 9.08 45.58 -7.48
C ASN C 153 7.96 46.24 -6.68
N TRP C 154 8.34 46.85 -5.55
CA TRP C 154 7.37 47.49 -4.67
C TRP C 154 6.94 48.83 -5.25
N LEU C 155 5.70 48.90 -5.74
CA LEU C 155 5.15 50.10 -6.37
C LEU C 155 4.43 51.00 -5.36
N THR C 156 4.66 52.31 -5.49
CA THR C 156 4.02 53.31 -4.62
C THR C 156 3.56 54.54 -5.42
N LYS C 157 2.79 55.42 -4.76
CA LYS C 157 2.29 56.66 -5.40
C LYS C 157 3.41 57.54 -5.99
N SER C 158 3.11 58.14 -7.14
CA SER C 158 3.96 59.14 -7.74
C SER C 158 3.26 60.49 -7.55
N GLY C 159 3.73 61.27 -6.59
CA GLY C 159 3.10 62.56 -6.27
C GLY C 159 1.71 62.43 -5.69
N ASN C 160 0.70 62.90 -6.43
CA ASN C 160 -0.69 62.85 -5.98
C ASN C 160 -1.50 61.75 -6.68
N SER C 161 -0.83 60.92 -7.47
CA SER C 161 -1.52 59.91 -8.28
C SER C 161 -1.07 58.49 -7.99
N TYR C 162 -2.04 57.59 -7.90
CA TYR C 162 -1.80 56.16 -8.03
C TYR C 162 -2.94 55.65 -8.91
N PRO C 163 -2.69 55.53 -10.22
CA PRO C 163 -3.77 55.22 -11.15
C PRO C 163 -4.15 53.75 -11.12
N ILE C 164 -5.21 53.41 -11.82
CA ILE C 164 -5.54 52.01 -12.04
C ILE C 164 -4.52 51.48 -13.05
N LEU C 165 -3.60 50.66 -12.55
CA LEU C 165 -2.53 50.08 -13.36
C LEU C 165 -3.08 48.95 -14.23
N ASN C 166 -2.87 49.06 -15.54
CA ASN C 166 -3.43 48.11 -16.50
C ASN C 166 -2.35 47.66 -17.49
N VAL C 167 -1.74 46.51 -17.20
CA VAL C 167 -0.56 46.03 -17.92
C VAL C 167 -0.73 44.59 -18.44
N THR C 168 -0.30 44.34 -19.68
CA THR C 168 -0.27 43.00 -20.27
C THR C 168 1.17 42.55 -20.54
N MET C 169 1.32 41.25 -20.77
CA MET C 169 2.63 40.64 -21.09
C MET C 169 2.40 39.18 -21.56
N PRO C 170 2.36 38.98 -22.89
CA PRO C 170 2.03 37.65 -23.42
C PRO C 170 3.20 36.67 -23.46
N ASN C 171 2.88 35.37 -23.43
CA ASN C 171 3.88 34.31 -23.48
C ASN C 171 4.06 33.77 -24.90
N ASN C 172 5.02 34.34 -25.62
CA ASN C 172 5.38 33.88 -26.96
C ASN C 172 6.53 32.87 -26.96
N LYS C 173 6.61 32.08 -25.89
CA LYS C 173 7.64 31.06 -25.74
C LYS C 173 6.97 29.69 -25.75
N ASN C 174 7.77 28.63 -25.82
CA ASN C 174 7.26 27.25 -25.86
C ASN C 174 7.19 26.57 -24.48
N PHE C 175 7.31 27.36 -23.40
CA PHE C 175 7.30 26.82 -22.03
C PHE C 175 6.39 27.63 -21.10
N ASP C 176 6.09 27.05 -19.95
CA ASP C 176 5.26 27.71 -18.93
C ASP C 176 6.06 28.78 -18.18
N LYS C 177 5.54 29.99 -18.15
CA LYS C 177 6.09 31.05 -17.32
C LYS C 177 5.51 30.93 -15.92
N LEU C 178 6.37 30.98 -14.90
CA LEU C 178 5.92 31.11 -13.51
C LEU C 178 6.16 32.55 -13.08
N TYR C 179 5.09 33.26 -12.72
CA TYR C 179 5.19 34.63 -12.24
C TYR C 179 4.96 34.69 -10.74
N ILE C 180 5.89 35.35 -10.05
CA ILE C 180 5.78 35.59 -8.62
C ILE C 180 5.41 37.06 -8.41
N TRP C 181 4.32 37.30 -7.68
CA TRP C 181 3.88 38.65 -7.35
C TRP C 181 3.32 38.66 -5.94
N GLY C 182 2.99 39.85 -5.44
CA GLY C 182 2.41 39.98 -4.11
C GLY C 182 1.63 41.25 -3.86
N ILE C 183 1.16 41.37 -2.62
CA ILE C 183 0.41 42.55 -2.18
C ILE C 183 0.94 43.00 -0.81
N HIS C 184 1.01 44.31 -0.58
CA HIS C 184 1.46 44.84 0.69
C HIS C 184 0.30 45.17 1.64
N HIS C 185 0.32 44.56 2.83
CA HIS C 185 -0.62 44.86 3.90
C HIS C 185 0.03 45.89 4.84
N PRO C 186 -0.44 47.16 4.82
CA PRO C 186 0.17 48.15 5.71
C PRO C 186 -0.41 48.12 7.12
N SER C 187 0.25 48.81 8.05
CA SER C 187 -0.09 48.74 9.46
C SER C 187 -1.24 49.66 9.89
N SER C 188 -1.47 50.74 9.15
CA SER C 188 -2.49 51.73 9.53
C SER C 188 -3.11 52.47 8.36
N ASN C 189 -4.30 53.02 8.59
CA ASN C 189 -5.02 53.80 7.57
C ASN C 189 -4.19 54.96 7.05
N LYS C 190 -3.52 55.67 7.95
CA LYS C 190 -2.64 56.77 7.56
C LYS C 190 -1.54 56.29 6.58
N GLU C 191 -0.99 55.11 6.84
CA GLU C 191 0.06 54.56 5.98
C GLU C 191 -0.48 54.11 4.61
N GLN C 192 -1.69 53.53 4.61
CA GLN C 192 -2.34 53.10 3.37
C GLN C 192 -2.57 54.28 2.40
N THR C 193 -3.17 55.36 2.91
CA THR C 193 -3.41 56.54 2.07
C THR C 193 -2.11 57.23 1.69
N LYS C 194 -1.09 57.14 2.54
CA LYS C 194 0.21 57.76 2.29
C LYS C 194 0.93 57.12 1.10
N LEU C 195 0.98 55.79 1.09
CA LEU C 195 1.72 55.05 0.08
C LEU C 195 0.94 54.87 -1.23
N TYR C 196 -0.39 54.76 -1.12
CA TYR C 196 -1.21 54.37 -2.25
C TYR C 196 -2.38 55.30 -2.57
N ILE C 197 -2.49 56.42 -1.86
CA ILE C 197 -3.62 57.37 -2.02
C ILE C 197 -4.97 56.73 -1.65
N GLN C 198 -5.41 55.76 -2.45
CA GLN C 198 -6.68 55.06 -2.22
C GLN C 198 -6.79 54.51 -0.80
N GLU C 199 -8.02 54.44 -0.31
CA GLU C 199 -8.31 53.95 1.04
C GLU C 199 -8.24 52.43 1.11
N SER C 200 -8.58 51.75 0.01
CA SER C 200 -8.64 50.29 -0.03
C SER C 200 -8.13 49.73 -1.35
N GLY C 201 -6.92 49.17 -1.31
CA GLY C 201 -6.28 48.66 -2.52
C GLY C 201 -6.91 47.40 -3.09
N ARG C 202 -6.35 46.93 -4.20
CA ARG C 202 -6.81 45.74 -4.89
C ARG C 202 -5.75 45.27 -5.88
N VAL C 203 -5.70 43.96 -6.12
CA VAL C 203 -4.76 43.37 -7.08
C VAL C 203 -5.44 42.21 -7.82
N THR C 204 -5.50 42.31 -9.14
CA THR C 204 -6.13 41.29 -9.98
C THR C 204 -5.13 40.83 -11.04
N VAL C 205 -4.49 39.69 -10.78
CA VAL C 205 -3.61 39.04 -11.75
C VAL C 205 -4.40 37.94 -12.43
N SER C 206 -4.40 37.96 -13.77
CA SER C 206 -5.30 37.10 -14.52
C SER C 206 -4.77 36.71 -15.88
N THR C 207 -5.30 35.61 -16.40
CA THR C 207 -5.05 35.16 -17.76
C THR C 207 -6.40 34.85 -18.40
N GLU C 208 -6.39 34.16 -19.53
CA GLU C 208 -7.63 33.75 -20.19
C GLU C 208 -8.29 32.57 -19.47
N ARG C 209 -7.48 31.81 -18.72
CA ARG C 209 -7.94 30.59 -18.06
C ARG C 209 -8.35 30.85 -16.61
N SER C 210 -7.49 31.55 -15.88
CA SER C 210 -7.65 31.72 -14.44
C SER C 210 -7.58 33.19 -14.03
N GLN C 211 -7.85 33.43 -12.74
CA GLN C 211 -7.68 34.75 -12.16
C GLN C 211 -7.62 34.65 -10.63
N GLN C 212 -6.92 35.61 -10.03
CA GLN C 212 -6.85 35.73 -8.57
C GLN C 212 -7.04 37.20 -8.20
N THR C 213 -7.86 37.46 -7.18
CA THR C 213 -8.03 38.81 -6.68
C THR C 213 -7.71 38.83 -5.18
N VAL C 214 -6.92 39.82 -4.78
CA VAL C 214 -6.45 39.93 -3.40
C VAL C 214 -6.68 41.35 -2.92
N ILE C 215 -7.06 41.48 -1.65
CA ILE C 215 -7.33 42.78 -1.05
C ILE C 215 -6.42 42.93 0.16
N PRO C 216 -5.83 44.13 0.34
CA PRO C 216 -4.97 44.33 1.50
C PRO C 216 -5.77 44.30 2.79
N ASN C 217 -5.08 44.22 3.92
CA ASN C 217 -5.70 44.01 5.22
C ASN C 217 -4.96 44.87 6.22
N ILE C 218 -5.53 46.04 6.52
CA ILE C 218 -4.86 47.00 7.39
C ILE C 218 -4.92 46.47 8.83
N GLY C 219 -3.93 46.86 9.64
CA GLY C 219 -3.85 46.41 11.03
C GLY C 219 -2.43 46.00 11.36
N SER C 220 -1.98 46.37 12.56
CA SER C 220 -0.61 46.12 12.99
C SER C 220 -0.36 44.63 13.30
N ARG C 221 0.75 44.12 12.79
CA ARG C 221 1.24 42.77 13.11
C ARG C 221 2.41 42.91 14.06
N PRO C 222 2.91 41.77 14.59
CA PRO C 222 4.15 41.78 15.36
C PRO C 222 5.33 42.43 14.64
N TRP C 223 6.17 43.10 15.42
CA TRP C 223 7.37 43.76 14.92
C TRP C 223 8.32 42.69 14.42
N VAL C 224 8.76 42.81 13.17
CA VAL C 224 9.77 41.91 12.62
C VAL C 224 10.76 42.74 11.81
N ARG C 225 12.01 42.79 12.29
CA ARG C 225 13.02 43.67 11.73
C ARG C 225 12.46 45.09 11.56
N GLY C 226 11.85 45.59 12.63
CA GLY C 226 11.41 46.97 12.70
C GLY C 226 10.14 47.33 11.95
N GLN C 227 9.42 46.33 11.44
CA GLN C 227 8.28 46.57 10.56
C GLN C 227 7.02 45.84 10.97
N SER C 228 5.92 46.59 11.07
CA SER C 228 4.63 46.06 11.49
C SER C 228 3.76 45.65 10.30
N GLY C 229 4.10 46.14 9.11
CA GLY C 229 3.41 45.72 7.89
C GLY C 229 3.88 44.34 7.47
N ARG C 230 3.20 43.78 6.47
CA ARG C 230 3.53 42.45 5.94
C ARG C 230 3.32 42.44 4.44
N ILE C 231 3.82 41.38 3.79
CA ILE C 231 3.57 41.15 2.37
C ILE C 231 3.13 39.71 2.15
N SER C 232 2.19 39.51 1.24
CA SER C 232 1.73 38.17 0.90
C SER C 232 2.11 37.87 -0.54
N ILE C 233 2.76 36.73 -0.75
CA ILE C 233 3.19 36.31 -2.08
C ILE C 233 2.17 35.35 -2.69
N TYR C 234 1.92 35.53 -3.98
CA TYR C 234 1.05 34.66 -4.76
C TYR C 234 1.76 34.36 -6.05
N TRP C 235 1.34 33.30 -6.74
CA TRP C 235 1.94 32.94 -8.01
C TRP C 235 0.88 32.71 -9.07
N THR C 236 1.29 32.86 -10.32
CA THR C 236 0.43 32.62 -11.46
C THR C 236 1.26 31.95 -12.54
N ILE C 237 0.69 30.95 -13.19
CA ILE C 237 1.40 30.24 -14.24
C ILE C 237 0.72 30.52 -15.57
N VAL C 238 1.52 30.93 -16.54
CA VAL C 238 1.02 31.38 -17.83
C VAL C 238 1.53 30.42 -18.92
N LYS C 239 0.60 29.86 -19.68
CA LYS C 239 0.95 28.86 -20.70
C LYS C 239 1.24 29.53 -22.04
N PRO C 240 2.01 28.84 -22.91
CA PRO C 240 2.27 29.32 -24.27
C PRO C 240 0.98 29.72 -24.99
N GLY C 241 0.94 30.93 -25.54
CA GLY C 241 -0.25 31.41 -26.25
C GLY C 241 -1.17 32.22 -25.35
N ASP C 242 -1.19 31.87 -24.06
CA ASP C 242 -1.95 32.59 -23.05
C ASP C 242 -1.33 33.99 -22.84
N ILE C 243 -1.87 34.76 -21.90
CA ILE C 243 -1.40 36.14 -21.68
C ILE C 243 -1.65 36.63 -20.26
N LEU C 244 -0.59 37.03 -19.55
CA LEU C 244 -0.74 37.60 -18.22
C LEU C 244 -1.29 39.02 -18.31
N MET C 245 -2.16 39.38 -17.36
CA MET C 245 -2.60 40.76 -17.21
C MET C 245 -2.72 41.09 -15.73
N ILE C 246 -2.22 42.28 -15.37
CA ILE C 246 -2.18 42.73 -13.98
C ILE C 246 -2.96 44.03 -13.86
N ASN C 247 -3.94 44.03 -12.95
CA ASN C 247 -4.77 45.19 -12.68
C ASN C 247 -4.75 45.50 -11.19
N SER C 248 -4.63 46.78 -10.84
CA SER C 248 -4.54 47.18 -9.44
C SER C 248 -4.67 48.68 -9.26
N ASN C 249 -5.47 49.08 -8.26
CA ASN C 249 -5.55 50.50 -7.88
C ASN C 249 -4.79 50.80 -6.57
N GLY C 250 -4.06 49.82 -6.06
CA GLY C 250 -3.24 50.02 -4.87
C GLY C 250 -2.60 48.75 -4.32
N ASN C 251 -1.49 48.95 -3.61
CA ASN C 251 -0.85 47.91 -2.78
C ASN C 251 -0.12 46.77 -3.52
N LEU C 252 0.04 46.89 -4.84
CA LEU C 252 0.66 45.84 -5.65
C LEU C 252 2.18 45.77 -5.46
N VAL C 253 2.67 44.57 -5.14
CA VAL C 253 4.10 44.27 -5.21
C VAL C 253 4.29 43.49 -6.50
N ALA C 254 4.74 44.19 -7.53
CA ALA C 254 4.75 43.66 -8.89
C ALA C 254 5.94 42.76 -9.18
N PRO C 255 5.84 41.90 -10.22
CA PRO C 255 6.94 41.08 -10.67
C PRO C 255 7.84 41.84 -11.64
N ARG C 256 9.11 41.47 -11.67
CA ARG C 256 10.04 42.03 -12.63
C ARG C 256 10.16 41.15 -13.87
N GLY C 257 9.59 39.95 -13.80
CA GLY C 257 9.70 38.99 -14.90
C GLY C 257 9.27 37.59 -14.51
N TYR C 258 9.66 36.60 -15.31
CA TYR C 258 9.19 35.22 -15.14
C TYR C 258 10.30 34.24 -14.77
N PHE C 259 9.89 33.13 -14.17
CA PHE C 259 10.73 31.98 -13.95
C PHE C 259 10.38 30.94 -14.99
N LYS C 260 11.38 30.19 -15.45
CA LYS C 260 11.23 29.15 -16.46
C LYS C 260 10.89 27.82 -15.77
N LEU C 261 9.67 27.32 -16.00
CA LEU C 261 9.24 26.04 -15.43
C LEU C 261 9.63 24.89 -16.32
N ARG C 262 10.24 23.87 -15.71
CA ARG C 262 10.62 22.65 -16.40
C ARG C 262 9.87 21.47 -15.80
N THR C 263 9.55 20.48 -16.64
CA THR C 263 9.19 19.17 -16.16
C THR C 263 10.51 18.58 -15.69
N GLY C 264 10.59 18.24 -14.41
CA GLY C 264 11.86 17.87 -13.81
C GLY C 264 11.78 16.70 -12.88
N LYS C 265 12.94 16.16 -12.56
CA LYS C 265 13.07 15.03 -11.66
C LYS C 265 13.80 15.48 -10.39
N SER C 266 13.83 16.79 -10.15
CA SER C 266 14.59 17.36 -9.04
C SER C 266 13.73 17.42 -7.79
N SER C 267 14.33 17.83 -6.67
CA SER C 267 13.58 17.94 -5.41
C SER C 267 14.28 18.82 -4.36
N VAL C 268 13.72 18.83 -3.15
CA VAL C 268 14.26 19.59 -2.01
C VAL C 268 14.20 18.71 -0.74
N MET C 269 15.21 18.82 0.11
CA MET C 269 15.29 17.99 1.32
C MET C 269 15.85 18.77 2.50
N ARG C 270 15.32 18.50 3.69
CA ARG C 270 15.77 19.16 4.90
C ARG C 270 16.81 18.29 5.60
N SER C 271 18.02 18.81 5.76
CA SER C 271 19.12 18.05 6.38
C SER C 271 20.27 18.93 6.80
N ASP C 272 20.87 18.60 7.94
CA ASP C 272 22.05 19.30 8.44
C ASP C 272 23.33 18.49 8.22
N ALA C 273 23.29 17.54 7.29
CA ALA C 273 24.43 16.66 7.03
C ALA C 273 25.48 17.36 6.16
N LEU C 274 26.75 17.19 6.51
CA LEU C 274 27.84 17.67 5.67
C LEU C 274 27.76 17.07 4.28
N ILE C 275 28.11 17.87 3.27
CA ILE C 275 28.14 17.44 1.88
C ILE C 275 29.59 17.24 1.44
N ASP C 276 29.88 16.14 0.74
CA ASP C 276 31.26 15.78 0.46
C ASP C 276 31.46 14.99 -0.85
N THR C 277 32.71 14.96 -1.32
CA THR C 277 33.12 14.22 -2.51
C THR C 277 33.12 12.71 -2.25
N CYS C 278 32.08 12.03 -2.71
CA CYS C 278 32.01 10.57 -2.72
C CYS C 278 30.91 10.17 -3.71
N VAL C 279 30.64 8.88 -3.83
CA VAL C 279 29.64 8.41 -4.80
C VAL C 279 28.59 7.54 -4.12
N SER C 280 27.32 7.91 -4.34
CA SER C 280 26.19 7.15 -3.82
C SER C 280 24.92 7.52 -4.59
N GLU C 281 24.16 6.51 -5.01
CA GLU C 281 22.96 6.75 -5.82
C GLU C 281 21.69 7.02 -4.98
N CYS C 282 21.83 7.05 -3.65
CA CYS C 282 20.69 7.25 -2.75
C CYS C 282 21.04 8.21 -1.62
N ILE C 283 20.21 9.24 -1.42
CA ILE C 283 20.41 10.26 -0.40
C ILE C 283 19.27 10.25 0.61
N THR C 284 19.61 10.35 1.90
CA THR C 284 18.65 10.58 2.98
C THR C 284 19.10 11.77 3.82
N PRO C 285 18.20 12.33 4.64
CA PRO C 285 18.56 13.38 5.59
C PRO C 285 19.75 13.05 6.49
N ASN C 286 19.90 11.77 6.83
CA ASN C 286 21.02 11.30 7.66
C ASN C 286 22.35 11.32 6.89
N GLY C 287 22.25 11.23 5.57
CA GLY C 287 23.41 11.15 4.69
C GLY C 287 23.11 10.11 3.63
N SER C 288 24.09 9.86 2.76
CA SER C 288 23.93 8.88 1.70
C SER C 288 23.96 7.46 2.27
N ILE C 289 23.29 6.54 1.58
CA ILE C 289 23.34 5.12 1.90
C ILE C 289 23.60 4.32 0.63
N PRO C 290 24.28 3.17 0.75
CA PRO C 290 24.40 2.27 -0.40
C PRO C 290 23.07 1.59 -0.72
N ASN C 291 22.94 1.11 -1.96
CA ASN C 291 21.70 0.50 -2.43
C ASN C 291 21.91 -0.91 -2.98
N ASP C 292 22.75 -1.67 -2.30
CA ASP C 292 22.93 -3.09 -2.60
C ASP C 292 21.77 -3.88 -2.01
N LYS C 293 21.36 -3.52 -0.80
CA LYS C 293 20.27 -4.22 -0.11
C LYS C 293 18.89 -3.72 -0.61
N PRO C 294 17.87 -4.58 -0.56
CA PRO C 294 16.56 -4.21 -1.07
C PRO C 294 15.76 -3.30 -0.14
N PHE C 295 16.05 -3.35 1.16
CA PHE C 295 15.32 -2.53 2.15
C PHE C 295 16.28 -1.67 2.96
N GLN C 296 15.72 -0.74 3.74
CA GLN C 296 16.52 0.13 4.62
C GLN C 296 15.72 0.65 5.80
N ASN C 297 16.44 0.98 6.88
CA ASN C 297 15.84 1.41 8.14
C ASN C 297 16.39 2.77 8.56
N VAL C 298 17.08 3.44 7.64
CA VAL C 298 17.75 4.71 7.95
C VAL C 298 16.75 5.86 8.03
N ASN C 299 15.93 6.02 7.01
CA ASN C 299 14.95 7.11 6.95
C ASN C 299 13.90 6.92 5.87
N LYS C 300 12.65 7.18 6.21
CA LYS C 300 11.55 7.12 5.25
C LYS C 300 11.63 8.22 4.20
N ILE C 301 12.39 9.28 4.48
CA ILE C 301 12.62 10.36 3.55
C ILE C 301 13.88 10.05 2.76
N THR C 302 13.73 9.90 1.44
CA THR C 302 14.85 9.56 0.56
C THR C 302 14.72 10.17 -0.83
N TYR C 303 15.86 10.41 -1.46
CA TYR C 303 15.91 10.81 -2.87
C TYR C 303 16.91 9.92 -3.60
N GLY C 304 16.56 9.55 -4.83
CA GLY C 304 17.47 8.81 -5.70
C GLY C 304 17.07 7.36 -5.91
N LYS C 305 18.08 6.53 -6.15
CA LYS C 305 17.88 5.10 -6.38
C LYS C 305 18.01 4.34 -5.05
N CYS C 306 16.93 4.31 -4.28
CA CYS C 306 16.97 3.90 -2.87
C CYS C 306 16.30 2.57 -2.56
N PRO C 307 16.83 1.83 -1.56
CA PRO C 307 16.12 0.70 -0.98
C PRO C 307 14.84 1.16 -0.33
N LYS C 308 13.92 0.24 -0.07
CA LYS C 308 12.61 0.59 0.47
C LYS C 308 12.60 0.63 2.00
N TYR C 309 11.95 1.66 2.57
CA TYR C 309 11.99 1.87 4.01
C TYR C 309 11.03 0.93 4.75
N ILE C 310 11.57 0.18 5.72
CA ILE C 310 10.76 -0.69 6.56
C ILE C 310 11.08 -0.47 8.03
N ARG C 311 10.21 -0.96 8.90
CA ARG C 311 10.36 -0.73 10.33
C ARG C 311 11.48 -1.59 10.89
N GLN C 312 11.66 -2.79 10.35
CA GLN C 312 12.63 -3.75 10.85
C GLN C 312 14.04 -3.22 10.67
N ASN C 313 14.89 -3.36 11.68
CA ASN C 313 16.29 -2.92 11.58
C ASN C 313 17.22 -3.99 11.01
N THR C 314 16.81 -5.26 11.12
CA THR C 314 17.55 -6.36 10.52
C THR C 314 16.61 -7.42 9.94
N LEU C 315 16.94 -7.92 8.76
CA LEU C 315 16.33 -9.11 8.18
C LEU C 315 17.42 -9.92 7.51
N LYS C 316 17.62 -11.15 7.98
CA LYS C 316 18.72 -11.98 7.53
C LYS C 316 18.23 -13.02 6.52
N LEU C 317 18.92 -13.11 5.38
CA LEU C 317 18.62 -14.10 4.35
C LEU C 317 19.65 -15.21 4.39
N ALA C 318 19.21 -16.42 4.70
CA ALA C 318 20.10 -17.57 4.77
C ALA C 318 20.80 -17.79 3.42
N THR C 319 22.12 -17.83 3.45
CA THR C 319 22.92 -18.14 2.26
C THR C 319 23.69 -19.43 2.48
N GLY C 320 23.11 -20.33 3.27
CA GLY C 320 23.73 -21.60 3.62
C GLY C 320 22.76 -22.53 4.32
N MET C 321 23.17 -23.78 4.47
CA MET C 321 22.33 -24.81 5.07
C MET C 321 22.20 -24.63 6.58
N ARG C 322 21.31 -25.43 7.15
CA ARG C 322 21.16 -25.55 8.59
C ARG C 322 22.50 -25.93 9.21
N ASN C 323 22.86 -25.28 10.31
CA ASN C 323 24.12 -25.56 10.99
C ASN C 323 23.92 -26.53 12.15
N VAL C 324 24.54 -27.69 12.05
CA VAL C 324 24.45 -28.73 13.07
C VAL C 324 25.86 -29.06 13.52
N PRO C 325 26.33 -28.41 14.59
CA PRO C 325 27.76 -28.47 14.90
C PRO C 325 28.25 -29.85 15.36
N GLU C 326 29.53 -30.13 15.12
CA GLU C 326 30.15 -31.41 15.49
C GLU C 326 30.26 -31.57 17.00
N LYS C 327 30.86 -30.58 17.64
CA LYS C 327 31.06 -30.61 19.08
C LYS C 327 29.86 -29.99 19.79
N GLN C 328 29.27 -30.74 20.71
CA GLN C 328 28.28 -30.18 21.65
C GLN C 328 28.97 -29.32 22.71
N ILE C 329 30.20 -29.70 23.05
CA ILE C 329 31.03 -28.99 24.01
C ILE C 329 32.26 -28.42 23.33
N ARG C 330 32.51 -27.12 23.51
CA ARG C 330 33.74 -26.48 23.05
C ARG C 330 34.58 -26.07 24.25
N GLY D 1 14.36 -29.52 8.20
CA GLY D 1 14.50 -30.17 6.87
C GLY D 1 13.35 -31.10 6.55
N ILE D 2 12.89 -31.06 5.31
CA ILE D 2 11.69 -31.81 4.91
C ILE D 2 12.02 -33.26 4.47
N PHE D 3 13.26 -33.50 4.07
CA PHE D 3 13.72 -34.85 3.76
C PHE D 3 14.35 -35.55 4.97
N GLY D 4 14.50 -34.82 6.07
CA GLY D 4 15.04 -35.38 7.30
C GLY D 4 16.44 -35.93 7.19
N ALA D 5 17.26 -35.36 6.31
CA ALA D 5 18.68 -35.74 6.17
C ALA D 5 19.54 -34.85 7.07
N ILE D 6 19.57 -33.55 6.77
CA ILE D 6 20.33 -32.60 7.57
C ILE D 6 19.57 -32.35 8.88
N ALA D 7 20.26 -32.45 10.00
CA ALA D 7 19.62 -32.42 11.32
C ALA D 7 18.51 -33.47 11.41
N GLY D 8 18.78 -34.64 10.84
CA GLY D 8 17.83 -35.75 10.78
C GLY D 8 18.61 -37.05 10.87
N PHE D 9 18.50 -37.90 9.85
CA PHE D 9 19.15 -39.21 9.90
C PHE D 9 20.67 -39.11 9.82
N ILE D 10 21.19 -37.99 9.34
CA ILE D 10 22.60 -37.64 9.52
C ILE D 10 22.71 -36.86 10.83
N GLU D 11 23.35 -37.46 11.82
CA GLU D 11 23.38 -36.95 13.19
C GLU D 11 23.85 -35.49 13.30
N ASN D 12 24.88 -35.14 12.54
CA ASN D 12 25.42 -33.78 12.56
C ASN D 12 26.38 -33.50 11.39
N GLY D 13 26.78 -32.24 11.27
CA GLY D 13 27.68 -31.81 10.21
C GLY D 13 29.14 -31.99 10.60
N TRP D 14 30.04 -31.69 9.65
CA TRP D 14 31.48 -31.86 9.81
C TRP D 14 32.17 -30.51 9.72
N GLU D 15 32.81 -30.08 10.80
CA GLU D 15 33.49 -28.79 10.81
C GLU D 15 34.82 -28.82 10.08
N GLY D 16 35.41 -30.01 9.97
CA GLY D 16 36.68 -30.19 9.29
C GLY D 16 36.60 -30.14 7.78
N MET D 17 35.38 -30.16 7.22
CA MET D 17 35.21 -30.13 5.78
C MET D 17 35.13 -28.70 5.26
N VAL D 18 36.28 -28.17 4.86
CA VAL D 18 36.41 -26.79 4.38
C VAL D 18 36.44 -26.68 2.86
N ASP D 19 36.51 -27.82 2.17
CA ASP D 19 36.64 -27.82 0.71
C ASP D 19 35.29 -28.04 0.01
N GLY D 20 34.21 -28.10 0.79
CA GLY D 20 32.89 -28.32 0.23
C GLY D 20 31.76 -28.21 1.23
N TRP D 21 30.53 -28.28 0.71
CA TRP D 21 29.31 -28.24 1.52
C TRP D 21 28.81 -29.65 1.82
N TYR D 22 29.06 -30.57 0.90
CA TYR D 22 28.71 -31.98 1.06
C TYR D 22 29.91 -32.82 0.66
N GLY D 23 29.97 -34.05 1.17
CA GLY D 23 31.06 -34.93 0.81
C GLY D 23 31.03 -36.29 1.48
N PHE D 24 32.18 -36.95 1.47
CA PHE D 24 32.32 -38.29 1.98
C PHE D 24 33.38 -38.37 3.07
N ARG D 25 33.17 -39.27 4.01
CA ARG D 25 34.21 -39.72 4.94
C ARG D 25 34.23 -41.23 4.90
N TYR D 26 35.42 -41.82 4.76
CA TYR D 26 35.50 -43.27 4.57
C TYR D 26 36.54 -43.94 5.46
N GLN D 27 36.30 -45.21 5.76
CA GLN D 27 37.29 -46.09 6.36
C GLN D 27 37.49 -47.30 5.44
N ASN D 28 38.75 -47.64 5.17
CA ASN D 28 39.08 -48.78 4.31
C ASN D 28 40.44 -49.40 4.67
N SER D 29 40.92 -50.34 3.84
CA SER D 29 42.19 -51.04 4.11
C SER D 29 43.43 -50.14 4.18
N GLU D 30 43.34 -48.92 3.64
CA GLU D 30 44.44 -47.96 3.66
C GLU D 30 44.38 -46.94 4.80
N GLY D 31 43.19 -46.72 5.37
CA GLY D 31 43.02 -45.76 6.48
C GLY D 31 41.67 -45.08 6.48
N THR D 32 41.61 -43.87 7.03
CA THR D 32 40.41 -43.05 7.00
C THR D 32 40.69 -41.77 6.24
N GLY D 33 39.73 -41.33 5.45
CA GLY D 33 39.89 -40.15 4.61
C GLY D 33 38.62 -39.33 4.48
N GLN D 34 38.77 -38.16 3.87
CA GLN D 34 37.68 -37.20 3.72
C GLN D 34 37.77 -36.58 2.33
N ALA D 35 36.61 -36.34 1.70
CA ALA D 35 36.60 -35.73 0.36
C ALA D 35 35.26 -35.07 0.07
N ALA D 36 35.32 -33.86 -0.49
CA ALA D 36 34.11 -33.10 -0.79
C ALA D 36 33.50 -33.54 -2.11
N ASP D 37 32.20 -33.28 -2.27
CA ASP D 37 31.52 -33.48 -3.55
C ASP D 37 31.19 -32.13 -4.16
N LEU D 38 31.90 -31.78 -5.23
CA LEU D 38 31.77 -30.46 -5.82
C LEU D 38 30.47 -30.26 -6.59
N LYS D 39 29.91 -31.33 -7.16
CA LYS D 39 28.66 -31.22 -7.90
C LYS D 39 27.46 -30.88 -7.01
N SER D 40 27.32 -31.56 -5.88
CA SER D 40 26.21 -31.26 -4.98
C SER D 40 26.39 -29.91 -4.30
N THR D 41 27.63 -29.60 -3.93
CA THR D 41 27.98 -28.30 -3.37
C THR D 41 27.58 -27.19 -4.33
N GLN D 42 27.91 -27.37 -5.61
CA GLN D 42 27.65 -26.33 -6.60
C GLN D 42 26.15 -26.13 -6.87
N ALA D 43 25.41 -27.23 -6.88
CA ALA D 43 23.96 -27.19 -7.05
C ALA D 43 23.28 -26.33 -5.98
N ALA D 44 23.70 -26.52 -4.72
CA ALA D 44 23.17 -25.75 -3.61
C ALA D 44 23.54 -24.27 -3.70
N ILE D 45 24.80 -24.00 -3.99
CA ILE D 45 25.30 -22.63 -4.09
C ILE D 45 24.64 -21.86 -5.24
N ASP D 46 24.42 -22.54 -6.37
CA ASP D 46 23.80 -21.89 -7.53
C ASP D 46 22.36 -21.47 -7.26
N GLN D 47 21.57 -22.35 -6.66
CA GLN D 47 20.19 -22.02 -6.28
C GLN D 47 20.15 -20.84 -5.31
N ILE D 48 21.06 -20.84 -4.33
CA ILE D 48 21.17 -19.74 -3.38
C ILE D 48 21.66 -18.45 -4.05
N ASN D 49 22.56 -18.56 -5.03
CA ASN D 49 22.95 -17.37 -5.81
C ASN D 49 21.79 -16.80 -6.63
N GLY D 50 20.90 -17.68 -7.11
CA GLY D 50 19.72 -17.27 -7.84
C GLY D 50 18.82 -16.36 -7.04
N LYS D 51 18.71 -16.64 -5.73
CA LYS D 51 17.90 -15.84 -4.82
C LYS D 51 18.53 -14.48 -4.63
N LEU D 52 19.84 -14.49 -4.38
CA LEU D 52 20.62 -13.27 -4.23
C LEU D 52 20.46 -12.35 -5.45
N ASN D 53 20.60 -12.90 -6.65
CA ASN D 53 20.44 -12.11 -7.88
C ASN D 53 19.08 -11.44 -8.00
N ARG D 54 18.06 -12.11 -7.46
CA ARG D 54 16.68 -11.63 -7.52
C ARG D 54 16.44 -10.48 -6.53
N VAL D 55 17.25 -10.44 -5.47
CA VAL D 55 17.05 -9.54 -4.34
C VAL D 55 18.15 -8.48 -4.15
N ILE D 56 19.40 -8.82 -4.51
CA ILE D 56 20.54 -7.90 -4.33
C ILE D 56 20.71 -7.00 -5.55
N GLU D 57 20.95 -5.71 -5.29
CA GLU D 57 21.16 -4.69 -6.33
C GLU D 57 19.92 -4.48 -7.23
N ARG D 58 18.73 -4.58 -6.64
CA ARG D 58 17.48 -4.35 -7.35
C ARG D 58 16.72 -3.24 -6.64
N THR D 59 16.83 -2.02 -7.15
CA THR D 59 16.18 -0.87 -6.53
C THR D 59 15.64 0.09 -7.57
N ASN D 60 14.48 0.68 -7.27
CA ASN D 60 13.84 1.64 -8.17
C ASN D 60 14.44 3.01 -7.94
N GLU D 61 14.31 3.86 -8.95
CA GLU D 61 14.65 5.26 -8.81
C GLU D 61 13.35 6.02 -8.51
N LYS D 62 13.38 6.84 -7.45
CA LYS D 62 12.29 7.77 -7.12
C LYS D 62 12.88 9.15 -6.96
N PHE D 63 12.10 10.19 -7.24
CA PHE D 63 12.60 11.55 -7.15
C PHE D 63 11.78 12.39 -6.17
N HIS D 64 11.08 13.42 -6.63
CA HIS D 64 10.24 14.21 -5.73
C HIS D 64 9.03 13.40 -5.30
N GLN D 65 8.72 13.43 -4.02
CA GLN D 65 7.62 12.65 -3.48
C GLN D 65 6.74 13.58 -2.66
N ILE D 66 6.42 13.20 -1.42
CA ILE D 66 5.64 14.05 -0.54
C ILE D 66 6.44 14.34 0.72
N GLU D 67 5.97 15.31 1.50
CA GLU D 67 6.60 15.59 2.77
C GLU D 67 6.15 14.54 3.76
N LYS D 68 7.02 14.24 4.73
CA LYS D 68 6.77 13.21 5.74
C LYS D 68 7.11 13.64 7.17
N GLU D 69 7.54 14.89 7.34
CA GLU D 69 7.77 15.50 8.64
C GLU D 69 7.21 16.91 8.56
N PHE D 70 6.60 17.36 9.65
CA PHE D 70 5.83 18.61 9.65
C PHE D 70 6.12 19.47 10.88
N SER D 71 6.36 20.75 10.65
CA SER D 71 6.65 21.69 11.73
C SER D 71 5.38 22.04 12.48
N GLU D 72 4.35 22.46 11.75
CA GLU D 72 3.08 22.88 12.34
C GLU D 72 2.09 21.74 12.37
N VAL D 73 1.00 21.99 13.08
CA VAL D 73 -0.18 21.14 13.07
C VAL D 73 -1.13 21.75 12.06
N GLU D 74 -1.67 20.93 11.15
CA GLU D 74 -2.55 21.41 10.08
C GLU D 74 -3.94 20.77 10.07
N GLY D 75 -3.99 19.46 10.30
CA GLY D 75 -5.25 18.75 10.44
C GLY D 75 -5.48 17.74 9.34
N ARG D 76 -6.53 17.97 8.55
CA ARG D 76 -7.05 16.96 7.63
C ARG D 76 -6.03 16.45 6.62
N ILE D 77 -5.41 17.37 5.91
CA ILE D 77 -4.54 17.01 4.80
C ILE D 77 -3.21 16.41 5.26
N GLN D 78 -2.69 16.89 6.38
CA GLN D 78 -1.50 16.29 7.00
C GLN D 78 -1.81 14.88 7.52
N ASP D 79 -3.00 14.68 8.08
CA ASP D 79 -3.43 13.35 8.50
C ASP D 79 -3.30 12.38 7.33
N LEU D 80 -3.83 12.79 6.17
CA LEU D 80 -3.82 11.95 4.97
C LEU D 80 -2.41 11.63 4.50
N GLU D 81 -1.56 12.66 4.40
CA GLU D 81 -0.16 12.47 4.03
C GLU D 81 0.53 11.47 4.95
N LYS D 82 0.27 11.57 6.26
CA LYS D 82 0.88 10.66 7.24
C LYS D 82 0.33 9.24 7.16
N TYR D 83 -0.97 9.12 6.93
CA TYR D 83 -1.64 7.83 6.83
C TYR D 83 -1.17 7.10 5.58
N VAL D 84 -1.03 7.83 4.48
CA VAL D 84 -0.57 7.24 3.23
C VAL D 84 0.81 6.64 3.42
N GLU D 85 1.73 7.41 3.98
CA GLU D 85 3.09 6.94 4.23
C GLU D 85 3.13 5.80 5.25
N ASP D 86 2.32 5.92 6.29
CA ASP D 86 2.24 4.89 7.32
C ASP D 86 1.65 3.59 6.78
N THR D 87 0.73 3.69 5.81
CA THR D 87 0.14 2.52 5.15
C THR D 87 1.16 1.81 4.24
N LYS D 88 1.88 2.60 3.46
CA LYS D 88 2.92 2.09 2.57
C LYS D 88 4.03 1.39 3.35
N ILE D 89 4.50 2.00 4.43
CA ILE D 89 5.59 1.41 5.21
C ILE D 89 5.16 0.07 5.83
N ASP D 90 3.93 0.00 6.34
CA ASP D 90 3.41 -1.24 6.92
C ASP D 90 3.34 -2.38 5.90
N LEU D 91 2.92 -2.07 4.68
CA LEU D 91 2.81 -3.09 3.63
C LEU D 91 4.19 -3.59 3.17
N TRP D 92 5.16 -2.70 3.09
CA TRP D 92 6.52 -3.09 2.69
C TRP D 92 7.24 -3.87 3.79
N SER D 93 7.00 -3.49 5.04
CA SER D 93 7.51 -4.23 6.18
C SER D 93 6.99 -5.67 6.19
N TYR D 94 5.72 -5.84 5.86
CA TYR D 94 5.12 -7.16 5.73
C TYR D 94 5.75 -7.97 4.59
N ASN D 95 5.96 -7.31 3.45
CA ASN D 95 6.55 -7.97 2.30
C ASN D 95 7.93 -8.51 2.62
N ALA D 96 8.75 -7.69 3.27
CA ALA D 96 10.11 -8.08 3.61
C ALA D 96 10.12 -9.23 4.62
N GLU D 97 9.30 -9.13 5.66
CA GLU D 97 9.21 -10.18 6.69
C GLU D 97 8.78 -11.51 6.10
N LEU D 98 7.84 -11.48 5.16
CA LEU D 98 7.36 -12.71 4.51
C LEU D 98 8.34 -13.21 3.45
N LEU D 99 8.99 -12.30 2.73
CA LEU D 99 9.99 -12.69 1.74
C LEU D 99 11.06 -13.54 2.40
N VAL D 100 11.59 -13.03 3.50
CA VAL D 100 12.66 -13.68 4.23
C VAL D 100 12.23 -15.02 4.85
N ALA D 101 11.04 -15.06 5.46
CA ALA D 101 10.53 -16.28 6.07
C ALA D 101 10.44 -17.42 5.07
N LEU D 102 9.82 -17.15 3.92
CA LEU D 102 9.63 -18.17 2.88
C LEU D 102 10.95 -18.64 2.27
N GLU D 103 11.83 -17.68 1.96
CA GLU D 103 13.08 -17.98 1.29
C GLU D 103 14.02 -18.80 2.17
N ASN D 104 14.01 -18.52 3.47
CA ASN D 104 14.84 -19.26 4.41
C ASN D 104 14.35 -20.69 4.61
N GLN D 105 13.04 -20.83 4.73
CA GLN D 105 12.40 -22.16 4.82
C GLN D 105 12.74 -22.99 3.60
N HIS D 106 12.73 -22.34 2.44
CA HIS D 106 13.03 -23.01 1.17
C HIS D 106 14.51 -23.35 1.10
N THR D 107 15.37 -22.40 1.48
CA THR D 107 16.82 -22.61 1.46
C THR D 107 17.21 -23.82 2.30
N ILE D 108 16.76 -23.84 3.55
CA ILE D 108 16.94 -24.99 4.42
C ILE D 108 16.45 -26.29 3.73
N ASP D 109 15.28 -26.24 3.10
CA ASP D 109 14.72 -27.41 2.44
C ASP D 109 15.55 -27.87 1.22
N LEU D 110 16.06 -26.95 0.40
CA LEU D 110 16.78 -27.36 -0.81
C LEU D 110 18.21 -27.86 -0.53
N THR D 111 18.82 -27.43 0.57
CA THR D 111 20.12 -27.97 0.97
C THR D 111 19.95 -29.35 1.61
N ASP D 112 18.88 -29.53 2.38
CA ASP D 112 18.49 -30.85 2.87
C ASP D 112 18.23 -31.80 1.69
N ALA D 113 17.57 -31.30 0.66
CA ALA D 113 17.29 -32.08 -0.55
C ALA D 113 18.57 -32.53 -1.27
N GLU D 114 19.55 -31.63 -1.42
CA GLU D 114 20.79 -31.99 -2.11
C GLU D 114 21.58 -33.04 -1.32
N MET D 115 21.51 -32.98 0.01
CA MET D 115 22.11 -34.01 0.85
C MET D 115 21.45 -35.36 0.58
N ASN D 116 20.11 -35.37 0.50
CA ASN D 116 19.36 -36.59 0.22
C ASN D 116 19.58 -37.11 -1.21
N LYS D 117 19.65 -36.19 -2.16
CA LYS D 117 19.98 -36.55 -3.54
C LYS D 117 21.33 -37.24 -3.66
N LEU D 118 22.31 -36.80 -2.88
CA LEU D 118 23.67 -37.34 -2.95
C LEU D 118 23.72 -38.76 -2.41
N PHE D 119 23.00 -38.99 -1.33
CA PHE D 119 22.88 -40.32 -0.74
C PHE D 119 22.20 -41.27 -1.71
N GLU D 120 21.05 -40.86 -2.23
CA GLU D 120 20.32 -41.66 -3.20
C GLU D 120 21.11 -41.95 -4.48
N LYS D 121 21.93 -41.01 -4.92
CA LYS D 121 22.80 -41.21 -6.08
C LYS D 121 23.86 -42.28 -5.78
N THR D 122 24.51 -42.14 -4.63
CA THR D 122 25.54 -43.09 -4.18
C THR D 122 24.97 -44.49 -3.95
N ARG D 123 23.80 -44.55 -3.31
CA ARG D 123 23.10 -45.82 -3.09
C ARG D 123 22.91 -46.58 -4.40
N ARG D 124 22.46 -45.86 -5.42
CA ARG D 124 22.25 -46.48 -6.73
C ARG D 124 23.53 -47.05 -7.34
N GLN D 125 24.66 -46.38 -7.14
CA GLN D 125 25.95 -46.88 -7.66
C GLN D 125 26.39 -48.19 -7.03
N LEU D 126 26.19 -48.31 -5.71
CA LEU D 126 26.67 -49.47 -4.96
C LEU D 126 25.77 -50.69 -5.15
N ARG D 127 24.52 -50.43 -5.55
CA ARG D 127 23.57 -51.47 -5.95
C ARG D 127 23.45 -52.62 -4.93
N GLU D 128 23.95 -53.82 -5.22
CA GLU D 128 23.85 -54.92 -4.25
C GLU D 128 25.14 -55.14 -3.47
N ASN D 129 26.08 -54.22 -3.57
CA ASN D 129 27.41 -54.41 -3.00
C ASN D 129 27.56 -53.76 -1.63
N ALA D 130 26.53 -53.04 -1.19
CA ALA D 130 26.55 -52.33 0.09
C ALA D 130 25.17 -52.27 0.73
N GLU D 131 25.14 -52.00 2.04
CA GLU D 131 23.88 -51.87 2.79
C GLU D 131 23.88 -50.56 3.56
N ASP D 132 22.69 -49.99 3.78
CA ASP D 132 22.54 -48.78 4.58
C ASP D 132 22.70 -49.13 6.07
N MET D 133 23.82 -48.70 6.67
CA MET D 133 24.05 -48.85 8.10
C MET D 133 23.15 -47.93 8.93
N GLY D 134 22.71 -46.83 8.33
CA GLY D 134 22.05 -45.75 9.05
C GLY D 134 23.07 -44.66 9.35
N GLY D 135 22.59 -43.47 9.67
CA GLY D 135 23.49 -42.34 9.90
C GLY D 135 24.13 -41.81 8.63
N GLY D 136 23.53 -42.10 7.48
CA GLY D 136 24.09 -41.71 6.18
C GLY D 136 25.33 -42.51 5.78
N CYS D 137 25.53 -43.66 6.41
CA CYS D 137 26.73 -44.47 6.17
C CYS D 137 26.40 -45.80 5.45
N PHE D 138 27.24 -46.15 4.48
CA PHE D 138 27.16 -47.42 3.79
C PHE D 138 28.23 -48.37 4.31
N LYS D 139 27.86 -49.61 4.60
CA LYS D 139 28.84 -50.68 4.76
C LYS D 139 28.99 -51.37 3.41
N ILE D 140 30.19 -51.29 2.85
CA ILE D 140 30.53 -51.96 1.61
C ILE D 140 31.05 -53.36 1.94
N TYR D 141 30.48 -54.37 1.31
CA TYR D 141 30.79 -55.78 1.63
C TYR D 141 31.88 -56.38 0.72
N HIS D 142 32.79 -55.55 0.22
CA HIS D 142 34.00 -56.02 -0.45
C HIS D 142 35.15 -55.07 -0.12
N LYS D 143 36.37 -55.49 -0.47
CA LYS D 143 37.57 -54.69 -0.20
C LYS D 143 37.58 -53.48 -1.12
N CYS D 144 37.69 -52.28 -0.54
CA CYS D 144 37.60 -51.06 -1.32
C CYS D 144 38.64 -50.04 -0.86
N ASP D 145 39.83 -50.13 -1.44
CA ASP D 145 40.93 -49.19 -1.15
C ASP D 145 40.64 -47.79 -1.71
N ASN D 146 41.63 -46.89 -1.70
CA ASN D 146 41.38 -45.49 -2.06
C ASN D 146 41.03 -45.26 -3.52
N ALA D 147 41.61 -46.05 -4.43
CA ALA D 147 41.22 -46.01 -5.83
C ALA D 147 39.75 -46.39 -6.01
N CYS D 148 39.36 -47.47 -5.33
CA CYS D 148 37.99 -47.99 -5.37
C CYS D 148 36.96 -46.97 -4.82
N ILE D 149 37.29 -46.31 -3.72
CA ILE D 149 36.45 -45.27 -3.17
C ILE D 149 36.36 -44.10 -4.16
N GLY D 150 37.50 -43.76 -4.76
CA GLY D 150 37.55 -42.69 -5.76
C GLY D 150 36.65 -42.91 -6.96
N SER D 151 36.52 -44.16 -7.39
CA SER D 151 35.67 -44.50 -8.54
C SER D 151 34.20 -44.26 -8.22
N ILE D 152 33.84 -44.39 -6.94
CA ILE D 152 32.48 -44.09 -6.48
C ILE D 152 32.28 -42.59 -6.48
N ARG D 153 33.30 -41.86 -6.05
CA ARG D 153 33.28 -40.40 -6.03
C ARG D 153 33.29 -39.79 -7.44
N ASN D 154 33.92 -40.49 -8.38
CA ASN D 154 33.92 -40.09 -9.80
C ASN D 154 32.69 -40.56 -10.57
N GLY D 155 31.94 -41.50 -9.99
CA GLY D 155 30.79 -42.09 -10.67
C GLY D 155 31.17 -43.07 -11.76
N THR D 156 32.37 -43.66 -11.64
CA THR D 156 32.85 -44.65 -12.61
C THR D 156 32.97 -46.05 -11.99
N TYR D 157 32.38 -46.22 -10.81
CA TYR D 157 32.41 -47.49 -10.08
C TYR D 157 31.45 -48.48 -10.74
N ASP D 158 31.99 -49.57 -11.28
CA ASP D 158 31.19 -50.63 -11.89
C ASP D 158 30.91 -51.72 -10.85
N HIS D 159 29.68 -51.74 -10.35
CA HIS D 159 29.27 -52.70 -9.31
C HIS D 159 29.44 -54.18 -9.72
N TYR D 160 29.38 -54.47 -11.02
CA TYR D 160 29.51 -55.85 -11.50
C TYR D 160 30.87 -56.49 -11.19
N ILE D 161 31.89 -55.67 -11.00
CA ILE D 161 33.24 -56.16 -10.72
C ILE D 161 33.31 -56.85 -9.35
N TYR D 162 32.64 -56.28 -8.36
CA TYR D 162 32.66 -56.81 -6.99
C TYR D 162 31.38 -57.54 -6.57
N ARG D 163 30.40 -57.65 -7.46
CA ARG D 163 29.08 -58.19 -7.11
C ARG D 163 29.14 -59.58 -6.45
N ASP D 164 29.83 -60.52 -7.07
CA ASP D 164 29.88 -61.89 -6.56
C ASP D 164 30.55 -61.99 -5.21
N GLU D 165 31.68 -61.30 -5.05
CA GLU D 165 32.38 -61.24 -3.77
C GLU D 165 31.48 -60.63 -2.70
N ALA D 166 30.77 -59.57 -3.08
CA ALA D 166 29.94 -58.82 -2.14
C ALA D 166 28.76 -59.65 -1.64
N LEU D 167 27.99 -60.19 -2.58
CA LEU D 167 26.86 -61.05 -2.25
C LEU D 167 27.26 -62.16 -1.27
N ASN D 168 28.44 -62.74 -1.49
CA ASN D 168 28.89 -63.84 -0.66
C ASN D 168 29.27 -63.45 0.78
N ASN D 169 29.60 -62.18 0.99
CA ASN D 169 29.85 -61.66 2.35
C ASN D 169 28.55 -61.18 3.00
N ARG D 170 27.60 -60.73 2.19
CA ARG D 170 26.30 -60.29 2.68
C ARG D 170 25.48 -61.46 3.19
N PHE D 171 25.43 -62.54 2.42
CA PHE D 171 24.74 -63.77 2.82
C PHE D 171 25.71 -64.94 2.74
N GLN D 172 25.70 -65.82 3.73
CA GLN D 172 26.56 -67.02 3.70
C GLN D 172 26.04 -68.10 4.64
N ASN E 9 15.45 -63.60 -24.26
CA ASN E 9 15.88 -63.53 -22.84
C ASN E 9 14.69 -63.70 -21.88
N ASN E 10 14.98 -64.24 -20.70
CA ASN E 10 14.00 -64.33 -19.61
C ASN E 10 14.32 -63.35 -18.46
N THR E 11 14.61 -62.10 -18.84
CA THR E 11 14.54 -60.97 -17.93
C THR E 11 13.85 -59.84 -18.72
N ALA E 12 13.71 -58.67 -18.12
CA ALA E 12 13.12 -57.52 -18.80
C ALA E 12 13.50 -56.22 -18.09
N THR E 13 13.59 -55.13 -18.85
CA THR E 13 13.90 -53.83 -18.27
C THR E 13 12.68 -52.92 -18.34
N LEU E 14 12.27 -52.38 -17.20
CA LEU E 14 11.14 -51.46 -17.14
C LEU E 14 11.61 -50.06 -16.78
N CYS E 15 11.51 -49.14 -17.73
CA CYS E 15 11.99 -47.79 -17.55
C CYS E 15 10.86 -46.82 -17.31
N LEU E 16 11.13 -45.79 -16.50
CA LEU E 16 10.16 -44.73 -16.25
C LEU E 16 10.65 -43.43 -16.85
N GLY E 17 9.73 -42.48 -16.97
CA GLY E 17 10.03 -41.19 -17.56
C GLY E 17 8.82 -40.29 -17.62
N HIS E 18 9.02 -39.14 -18.27
CA HIS E 18 8.00 -38.10 -18.39
C HIS E 18 8.02 -37.59 -19.83
N HIS E 19 6.98 -36.85 -20.21
CA HIS E 19 6.90 -36.33 -21.58
C HIS E 19 7.78 -35.10 -21.76
N ALA E 20 7.87 -34.61 -22.99
CA ALA E 20 8.61 -33.38 -23.31
C ALA E 20 8.20 -32.82 -24.66
N VAL E 21 8.46 -31.54 -24.88
CA VAL E 21 8.15 -30.88 -26.17
C VAL E 21 9.43 -30.36 -26.81
N ALA E 22 9.37 -30.18 -28.13
CA ALA E 22 10.51 -29.72 -28.92
C ALA E 22 11.03 -28.38 -28.41
N ASN E 23 10.18 -27.36 -28.47
CA ASN E 23 10.52 -26.04 -27.93
C ASN E 23 9.49 -25.59 -26.89
N GLY E 24 9.93 -25.58 -25.63
CA GLY E 24 9.12 -25.14 -24.53
C GLY E 24 9.15 -23.63 -24.40
N THR E 25 8.86 -23.14 -23.20
CA THR E 25 8.78 -21.70 -22.96
C THR E 25 9.48 -21.35 -21.64
N LEU E 26 10.16 -20.19 -21.62
CA LEU E 26 10.95 -19.75 -20.47
C LEU E 26 10.08 -19.05 -19.42
N VAL E 27 10.37 -19.32 -18.15
CA VAL E 27 9.66 -18.68 -17.03
C VAL E 27 10.59 -18.39 -15.86
N LYS E 28 10.18 -17.47 -14.98
CA LYS E 28 10.95 -17.11 -13.78
C LYS E 28 10.61 -18.02 -12.61
N THR E 29 11.57 -18.24 -11.73
CA THR E 29 11.34 -18.93 -10.46
C THR E 29 12.19 -18.30 -9.35
N ILE E 30 12.02 -18.83 -8.14
CA ILE E 30 12.78 -18.39 -6.97
C ILE E 30 14.29 -18.40 -7.22
N THR E 31 14.79 -19.54 -7.73
CA THR E 31 16.23 -19.76 -7.88
C THR E 31 16.76 -19.60 -9.31
N ASP E 32 15.88 -19.39 -10.27
CA ASP E 32 16.28 -19.32 -11.68
C ASP E 32 15.64 -18.14 -12.38
N ASP E 33 16.47 -17.31 -13.00
CA ASP E 33 16.02 -16.19 -13.82
C ASP E 33 15.21 -16.70 -15.01
N GLN E 34 15.79 -17.68 -15.72
CA GLN E 34 15.14 -18.32 -16.86
C GLN E 34 15.29 -19.82 -16.75
N ILE E 35 14.17 -20.53 -16.80
CA ILE E 35 14.17 -21.99 -16.78
C ILE E 35 13.03 -22.50 -17.65
N GLU E 36 13.34 -23.47 -18.50
CA GLU E 36 12.42 -23.92 -19.54
C GLU E 36 11.40 -24.90 -18.97
N VAL E 37 10.13 -24.68 -19.30
CA VAL E 37 9.04 -25.59 -18.98
C VAL E 37 8.32 -25.96 -20.27
N THR E 38 7.45 -26.96 -20.22
CA THR E 38 6.75 -27.43 -21.43
C THR E 38 5.77 -26.40 -21.95
N ASN E 39 5.09 -25.70 -21.03
CA ASN E 39 4.05 -24.74 -21.39
C ASN E 39 3.89 -23.66 -20.33
N ALA E 40 3.27 -22.55 -20.70
CA ALA E 40 2.96 -21.47 -19.76
C ALA E 40 1.82 -20.58 -20.27
N THR E 41 1.33 -19.72 -19.40
CA THR E 41 0.20 -18.84 -19.73
C THR E 41 0.46 -17.41 -19.26
N GLU E 42 0.07 -16.45 -20.08
CA GLU E 42 0.36 -15.04 -19.85
C GLU E 42 -0.61 -14.46 -18.82
N LEU E 43 -0.08 -13.72 -17.85
CA LEU E 43 -0.89 -13.13 -16.78
C LEU E 43 -0.95 -11.60 -16.83
N VAL E 44 -0.39 -10.99 -17.86
CA VAL E 44 -0.48 -9.55 -18.05
C VAL E 44 -1.07 -9.22 -19.42
N GLN E 45 -2.22 -8.55 -19.39
CA GLN E 45 -2.87 -8.03 -20.60
C GLN E 45 -2.08 -6.83 -21.12
N SER E 46 -1.51 -6.96 -22.32
CA SER E 46 -0.67 -5.91 -22.90
C SER E 46 -1.35 -5.14 -24.02
N ILE E 47 -2.12 -5.85 -24.85
CA ILE E 47 -2.81 -5.23 -25.99
C ILE E 47 -4.27 -4.95 -25.65
N SER E 48 -4.85 -3.94 -26.28
CA SER E 48 -6.27 -3.61 -26.12
C SER E 48 -6.98 -3.69 -27.46
N ILE E 49 -8.30 -3.71 -27.41
CA ILE E 49 -9.11 -3.81 -28.62
C ILE E 49 -8.87 -2.57 -29.49
N GLY E 50 -8.90 -1.39 -28.89
CA GLY E 50 -8.66 -0.15 -29.61
C GLY E 50 -9.88 0.77 -29.63
N LYS E 51 -11.04 0.19 -29.33
CA LYS E 51 -12.28 0.94 -29.22
C LYS E 51 -12.79 0.81 -27.79
N ILE E 52 -13.54 1.81 -27.33
CA ILE E 52 -14.25 1.73 -26.05
C ILE E 52 -15.57 1.00 -26.32
N CYS E 53 -15.71 -0.18 -25.73
CA CYS E 53 -16.91 -0.99 -25.92
C CYS E 53 -18.08 -0.41 -25.13
N ASN E 54 -19.18 -0.10 -25.81
CA ASN E 54 -20.32 0.57 -25.20
C ASN E 54 -21.55 -0.33 -25.05
N ASN E 55 -21.33 -1.56 -24.58
CA ASN E 55 -22.41 -2.55 -24.44
C ASN E 55 -22.64 -3.05 -23.01
N SER E 56 -21.56 -3.19 -22.23
CA SER E 56 -21.70 -3.51 -20.81
C SER E 56 -22.13 -2.27 -20.04
N TYR E 57 -21.35 -1.20 -20.18
CA TYR E 57 -21.61 0.07 -19.50
C TYR E 57 -22.13 1.13 -20.47
N ARG E 58 -22.91 2.07 -19.95
CA ARG E 58 -23.40 3.19 -20.74
C ARG E 58 -22.29 4.23 -20.88
N VAL E 59 -21.74 4.32 -22.10
CA VAL E 59 -20.65 5.24 -22.40
C VAL E 59 -21.22 6.40 -23.20
N LEU E 60 -21.01 7.62 -22.70
CA LEU E 60 -21.59 8.82 -23.30
C LEU E 60 -20.52 9.77 -23.84
N ASP E 61 -20.53 9.98 -25.16
CA ASP E 61 -19.53 10.79 -25.84
C ASP E 61 -19.77 12.29 -25.61
N GLY E 62 -18.78 12.96 -25.03
CA GLY E 62 -18.84 14.41 -24.80
C GLY E 62 -18.65 15.22 -26.06
N ARG E 63 -17.85 14.69 -26.99
CA ARG E 63 -17.65 15.29 -28.33
C ARG E 63 -16.93 16.65 -28.28
N ASN E 64 -17.69 17.74 -28.29
CA ASN E 64 -17.12 19.08 -28.15
C ASN E 64 -17.34 19.64 -26.74
N CYS E 65 -18.04 18.89 -25.90
CA CYS E 65 -18.42 19.36 -24.55
C CYS E 65 -17.64 18.66 -23.43
N THR E 66 -17.40 19.41 -22.37
CA THR E 66 -16.93 18.87 -21.10
C THR E 66 -18.15 18.66 -20.22
N LEU E 67 -18.00 17.82 -19.20
CA LEU E 67 -19.08 17.56 -18.25
C LEU E 67 -19.57 18.85 -17.58
N ILE E 68 -18.63 19.75 -17.28
CA ILE E 68 -18.95 21.01 -16.60
C ILE E 68 -19.75 21.98 -17.48
N ASP E 69 -19.35 22.15 -18.73
CA ASP E 69 -20.11 23.01 -19.67
C ASP E 69 -21.51 22.47 -19.91
N ALA E 70 -21.63 21.14 -20.01
CA ALA E 70 -22.93 20.47 -20.12
C ALA E 70 -23.82 20.79 -18.93
N MET E 71 -23.25 20.73 -17.73
CA MET E 71 -23.99 21.00 -16.49
C MET E 71 -24.54 22.43 -16.45
N LEU E 72 -23.67 23.40 -16.75
CA LEU E 72 -24.04 24.83 -16.73
C LEU E 72 -25.07 25.16 -17.82
N GLY E 73 -24.87 24.62 -19.02
CA GLY E 73 -25.78 24.84 -20.13
C GLY E 73 -25.22 25.77 -21.20
N ASP E 74 -24.01 25.47 -21.64
CA ASP E 74 -23.38 26.16 -22.78
C ASP E 74 -24.26 25.84 -23.99
N PRO E 75 -24.69 26.87 -24.76
CA PRO E 75 -25.54 26.70 -25.94
C PRO E 75 -25.25 25.49 -26.82
N HIS E 76 -23.98 25.23 -27.14
CA HIS E 76 -23.64 24.06 -27.97
C HIS E 76 -23.71 22.74 -27.19
N CYS E 77 -23.78 22.82 -25.86
CA CYS E 77 -24.00 21.65 -24.99
C CYS E 77 -25.45 21.44 -24.53
N ASP E 78 -26.42 22.01 -25.25
CA ASP E 78 -27.83 21.81 -24.90
C ASP E 78 -28.32 20.38 -25.22
N ASP E 79 -27.54 19.63 -26.00
CA ASP E 79 -27.81 18.20 -26.26
C ASP E 79 -27.84 17.35 -24.99
N PHE E 80 -27.06 17.74 -23.99
CA PHE E 80 -26.89 16.93 -22.78
C PHE E 80 -27.86 17.30 -21.66
N GLN E 81 -28.89 18.11 -21.98
CA GLN E 81 -29.85 18.64 -21.00
C GLN E 81 -30.24 17.69 -19.86
N TYR E 82 -30.94 16.61 -20.21
CA TYR E 82 -31.39 15.63 -19.24
C TYR E 82 -30.81 14.27 -19.60
N GLU E 83 -29.58 14.01 -19.18
CA GLU E 83 -28.92 12.76 -19.54
C GLU E 83 -28.18 12.14 -18.36
N ASN E 84 -27.97 10.82 -18.44
CA ASN E 84 -27.22 10.08 -17.43
C ASN E 84 -26.20 9.14 -18.08
N TRP E 85 -25.32 8.56 -17.27
CA TRP E 85 -24.21 7.77 -17.79
C TRP E 85 -23.55 6.93 -16.71
N ASP E 86 -22.91 5.85 -17.13
CA ASP E 86 -21.96 5.15 -16.28
C ASP E 86 -20.63 5.86 -16.41
N LEU E 87 -20.15 5.98 -17.65
CA LEU E 87 -18.87 6.65 -17.92
C LEU E 87 -19.02 7.77 -18.95
N PHE E 88 -18.70 8.99 -18.53
CA PHE E 88 -18.70 10.15 -19.41
C PHE E 88 -17.32 10.32 -20.04
N ILE E 89 -17.27 10.39 -21.37
CA ILE E 89 -16.01 10.56 -22.09
C ILE E 89 -15.80 12.03 -22.48
N GLU E 90 -14.62 12.56 -22.15
CA GLU E 90 -14.24 13.92 -22.53
C GLU E 90 -13.14 13.87 -23.59
N ARG E 91 -13.34 14.61 -24.68
CA ARG E 91 -12.38 14.65 -25.78
C ARG E 91 -11.42 15.83 -25.63
N SER E 92 -10.19 15.66 -26.10
CA SER E 92 -9.19 16.73 -26.02
C SER E 92 -9.58 17.92 -26.90
N SER E 93 -10.41 17.68 -27.90
CA SER E 93 -10.87 18.72 -28.83
C SER E 93 -12.04 19.59 -28.31
N ALA E 94 -12.56 19.27 -27.13
CA ALA E 94 -13.70 20.01 -26.56
C ALA E 94 -13.35 21.47 -26.26
N PHE E 95 -14.35 22.34 -26.31
CA PHE E 95 -14.15 23.76 -26.05
C PHE E 95 -15.32 24.36 -25.27
N SER E 96 -15.12 25.57 -24.79
CA SER E 96 -16.19 26.38 -24.21
C SER E 96 -16.51 27.48 -25.20
N ASN E 97 -17.79 27.68 -25.50
CA ASN E 97 -18.20 28.73 -26.42
C ASN E 97 -19.32 29.60 -25.84
N CYS E 98 -19.22 29.88 -24.55
CA CYS E 98 -20.16 30.75 -23.84
C CYS E 98 -19.37 31.82 -23.07
N TYR E 99 -19.99 32.44 -22.06
CA TYR E 99 -19.35 33.53 -21.32
C TYR E 99 -18.10 33.03 -20.60
N PRO E 100 -17.00 33.81 -20.65
CA PRO E 100 -15.75 33.36 -20.03
C PRO E 100 -15.84 33.30 -18.50
N TYR E 101 -15.42 32.16 -17.94
CA TYR E 101 -15.60 31.89 -16.52
C TYR E 101 -14.41 31.14 -15.93
N ASP E 102 -14.45 30.97 -14.62
CA ASP E 102 -13.57 30.05 -13.91
C ASP E 102 -14.38 29.43 -12.78
N ILE E 103 -13.83 28.39 -12.15
CA ILE E 103 -14.49 27.74 -11.03
C ILE E 103 -13.44 27.38 -9.96
N PRO E 104 -13.50 28.06 -8.80
CA PRO E 104 -12.68 27.60 -7.68
C PRO E 104 -12.99 26.15 -7.32
N ASP E 105 -11.94 25.33 -7.24
CA ASP E 105 -12.09 23.89 -7.01
C ASP E 105 -12.93 23.25 -8.13
N TYR E 106 -12.50 23.51 -9.37
CA TYR E 106 -13.15 22.98 -10.57
C TYR E 106 -13.25 21.46 -10.52
N ALA E 107 -12.12 20.82 -10.27
CA ALA E 107 -12.02 19.36 -10.24
C ALA E 107 -13.05 18.69 -9.33
N SER E 108 -13.26 19.27 -8.15
CA SER E 108 -14.23 18.73 -7.18
C SER E 108 -15.64 18.65 -7.78
N LEU E 109 -16.11 19.77 -8.32
CA LEU E 109 -17.45 19.84 -8.89
C LEU E 109 -17.61 18.82 -10.03
N ARG E 110 -16.62 18.76 -10.92
CA ARG E 110 -16.57 17.76 -11.99
C ARG E 110 -16.71 16.36 -11.43
N SER E 111 -15.96 16.08 -10.36
CA SER E 111 -15.98 14.77 -9.72
C SER E 111 -17.32 14.44 -9.06
N ILE E 112 -17.98 15.43 -8.47
CA ILE E 112 -19.24 15.18 -7.77
C ILE E 112 -20.34 14.83 -8.75
N VAL E 113 -20.47 15.62 -9.82
CA VAL E 113 -21.44 15.36 -10.88
C VAL E 113 -21.15 14.03 -11.60
N ALA E 114 -19.88 13.82 -11.95
CA ALA E 114 -19.47 12.58 -12.62
C ALA E 114 -19.90 11.34 -11.83
N SER E 115 -19.59 11.35 -10.54
CA SER E 115 -19.99 10.28 -9.62
C SER E 115 -21.51 10.09 -9.57
N SER E 116 -22.26 11.19 -9.52
CA SER E 116 -23.72 11.17 -9.49
C SER E 116 -24.27 10.59 -10.80
N GLY E 117 -23.59 10.88 -11.91
CA GLY E 117 -23.87 10.22 -13.18
C GLY E 117 -25.12 10.70 -13.88
N THR E 118 -25.59 11.89 -13.52
CA THR E 118 -26.86 12.40 -14.06
C THR E 118 -26.91 13.94 -14.04
N LEU E 119 -27.60 14.50 -15.04
CA LEU E 119 -27.83 15.94 -15.15
C LEU E 119 -29.32 16.26 -15.01
N GLU E 120 -30.01 15.46 -14.21
CA GLU E 120 -31.41 15.66 -13.87
C GLU E 120 -31.53 17.00 -13.12
N PHE E 121 -32.38 17.88 -13.63
CA PHE E 121 -32.52 19.24 -13.12
C PHE E 121 -33.99 19.60 -12.94
N THR E 122 -34.33 20.07 -11.74
CA THR E 122 -35.68 20.56 -11.47
C THR E 122 -35.62 22.06 -11.22
N ALA E 123 -36.21 22.84 -12.13
CA ALA E 123 -36.26 24.29 -11.98
C ALA E 123 -37.18 24.67 -10.83
N GLU E 124 -36.88 25.80 -10.19
CA GLU E 124 -37.69 26.32 -9.09
C GLU E 124 -38.03 27.79 -9.36
N GLY E 125 -39.22 28.21 -8.91
CA GLY E 125 -39.72 29.55 -9.17
C GLY E 125 -39.20 30.59 -8.19
N PHE E 126 -37.90 30.86 -8.26
CA PHE E 126 -37.29 31.92 -7.46
C PHE E 126 -37.90 33.25 -7.88
N THR E 127 -38.19 34.11 -6.90
CA THR E 127 -38.70 35.45 -7.18
C THR E 127 -37.60 36.48 -6.95
N TRP E 128 -37.31 37.28 -7.98
CA TRP E 128 -36.31 38.32 -7.90
C TRP E 128 -36.97 39.68 -8.17
N THR E 129 -37.64 40.20 -7.15
CA THR E 129 -38.34 41.48 -7.27
C THR E 129 -37.36 42.65 -7.12
N GLY E 130 -37.56 43.68 -7.94
CA GLY E 130 -36.68 44.85 -7.95
C GLY E 130 -35.53 44.79 -8.95
N VAL E 131 -35.34 43.63 -9.57
CA VAL E 131 -34.24 43.42 -10.53
C VAL E 131 -34.74 42.85 -11.86
N THR E 132 -34.06 43.23 -12.95
CA THR E 132 -34.31 42.65 -14.27
C THR E 132 -33.52 41.35 -14.46
N GLN E 133 -34.11 40.42 -15.19
CA GLN E 133 -33.63 39.03 -15.25
C GLN E 133 -33.16 38.62 -16.66
N ASN E 134 -32.60 37.42 -16.74
CA ASN E 134 -32.23 36.76 -17.99
C ASN E 134 -31.24 37.55 -18.86
N GLY E 135 -30.20 38.08 -18.23
CA GLY E 135 -29.19 38.87 -18.93
C GLY E 135 -28.38 38.01 -19.90
N GLY E 136 -28.03 38.59 -21.04
CA GLY E 136 -27.32 37.87 -22.10
C GLY E 136 -25.98 38.46 -22.46
N SER E 137 -25.28 37.80 -23.38
CA SER E 137 -23.95 38.24 -23.83
C SER E 137 -23.61 37.73 -25.23
N GLY E 138 -22.89 38.55 -25.98
CA GLY E 138 -22.46 38.21 -27.34
C GLY E 138 -21.40 37.13 -27.41
N ALA E 139 -20.70 36.91 -26.31
CA ALA E 139 -19.77 35.78 -26.22
C ALA E 139 -20.51 34.44 -26.17
N CYS E 140 -21.74 34.45 -25.65
CA CYS E 140 -22.53 33.24 -25.47
C CYS E 140 -23.78 33.25 -26.36
N LYS E 141 -23.55 33.07 -27.66
CA LYS E 141 -24.64 33.10 -28.64
C LYS E 141 -25.41 31.77 -28.68
N ARG E 142 -26.70 31.83 -28.37
CA ARG E 142 -27.61 30.69 -28.56
C ARG E 142 -28.41 30.97 -29.82
N GLY E 143 -28.14 30.20 -30.88
CA GLY E 143 -28.68 30.50 -32.20
C GLY E 143 -27.92 31.71 -32.75
N SER E 144 -28.58 32.86 -32.78
CA SER E 144 -27.91 34.12 -33.09
C SER E 144 -28.34 35.22 -32.11
N ALA E 145 -28.61 34.83 -30.88
CA ALA E 145 -29.09 35.74 -29.83
C ALA E 145 -28.09 35.83 -28.68
N ASP E 146 -27.92 37.04 -28.14
CA ASP E 146 -27.09 37.25 -26.96
C ASP E 146 -27.73 36.51 -25.78
N SER E 147 -27.21 35.31 -25.48
CA SER E 147 -27.81 34.44 -24.47
C SER E 147 -26.82 34.17 -23.33
N PHE E 148 -26.99 33.06 -22.63
CA PHE E 148 -26.22 32.78 -21.41
C PHE E 148 -26.31 31.30 -21.05
N PHE E 149 -25.56 30.89 -20.01
CA PHE E 149 -25.67 29.54 -19.47
C PHE E 149 -27.12 29.24 -19.09
N SER E 150 -27.65 28.13 -19.59
CA SER E 150 -29.08 27.83 -19.45
C SER E 150 -29.55 27.64 -18.01
N ARG E 151 -28.66 27.15 -17.14
CA ARG E 151 -29.01 26.92 -15.72
C ARG E 151 -28.75 28.11 -14.79
N LEU E 152 -28.15 29.17 -15.32
CA LEU E 152 -27.85 30.37 -14.53
C LEU E 152 -28.66 31.58 -15.02
N ASN E 153 -28.99 32.47 -14.08
CA ASN E 153 -29.77 33.66 -14.38
C ASN E 153 -28.96 34.91 -14.01
N TRP E 154 -28.53 35.66 -15.02
CA TRP E 154 -27.77 36.89 -14.80
C TRP E 154 -28.71 38.06 -14.46
N LEU E 155 -28.65 38.52 -13.21
CA LEU E 155 -29.49 39.61 -12.71
C LEU E 155 -28.79 40.97 -12.85
N THR E 156 -29.53 41.96 -13.32
CA THR E 156 -29.03 43.35 -13.42
C THR E 156 -30.05 44.30 -12.81
N LYS E 157 -29.69 45.58 -12.73
CA LYS E 157 -30.57 46.61 -12.15
C LYS E 157 -31.82 46.87 -13.00
N SER E 158 -32.97 46.99 -12.34
CA SER E 158 -34.23 47.27 -13.01
C SER E 158 -34.40 48.76 -13.24
N GLY E 159 -33.75 49.26 -14.29
CA GLY E 159 -33.83 50.67 -14.66
C GLY E 159 -33.15 51.60 -13.66
N ASN E 160 -33.79 51.80 -12.52
CA ASN E 160 -33.41 52.85 -11.57
C ASN E 160 -32.51 52.36 -10.43
N SER E 161 -32.83 51.20 -9.86
CA SER E 161 -32.09 50.69 -8.71
C SER E 161 -32.02 49.16 -8.66
N TYR E 162 -31.20 48.67 -7.73
CA TYR E 162 -30.98 47.23 -7.52
C TYR E 162 -31.03 46.97 -6.01
N PRO E 163 -32.11 46.34 -5.51
CA PRO E 163 -32.30 46.23 -4.06
C PRO E 163 -31.61 45.01 -3.46
N ILE E 164 -31.53 44.98 -2.13
CA ILE E 164 -30.97 43.85 -1.40
C ILE E 164 -31.90 42.65 -1.59
N LEU E 165 -31.44 41.66 -2.34
CA LEU E 165 -32.22 40.45 -2.61
C LEU E 165 -32.15 39.49 -1.41
N ASN E 166 -33.24 38.79 -1.15
CA ASN E 166 -33.37 37.91 0.00
C ASN E 166 -34.39 36.82 -0.30
N VAL E 167 -33.93 35.72 -0.89
CA VAL E 167 -34.82 34.66 -1.35
C VAL E 167 -34.44 33.32 -0.73
N THR E 168 -35.46 32.56 -0.33
CA THR E 168 -35.29 31.27 0.34
C THR E 168 -35.89 30.13 -0.49
N MET E 169 -35.46 28.90 -0.18
CA MET E 169 -35.99 27.71 -0.83
C MET E 169 -35.74 26.45 0.02
N PRO E 170 -36.76 26.01 0.77
CA PRO E 170 -36.60 24.88 1.70
C PRO E 170 -36.56 23.51 1.01
N ASN E 171 -35.91 22.55 1.67
CA ASN E 171 -35.78 21.18 1.17
C ASN E 171 -36.84 20.26 1.80
N ASN E 172 -37.94 20.04 1.08
CA ASN E 172 -39.01 19.12 1.51
C ASN E 172 -38.71 17.65 1.25
N LYS E 173 -37.62 17.37 0.55
CA LYS E 173 -37.37 16.05 -0.02
C LYS E 173 -36.79 15.10 1.02
N ASN E 174 -36.27 13.95 0.56
CA ASN E 174 -35.45 13.07 1.39
C ASN E 174 -34.08 12.82 0.72
N PHE E 175 -33.64 13.76 -0.10
CA PHE E 175 -32.33 13.68 -0.76
C PHE E 175 -31.69 15.07 -0.91
N ASP E 176 -30.40 15.07 -1.23
CA ASP E 176 -29.60 16.30 -1.28
C ASP E 176 -29.81 17.06 -2.58
N LYS E 177 -29.88 18.39 -2.48
CA LYS E 177 -29.98 19.26 -3.64
C LYS E 177 -28.62 19.87 -3.96
N LEU E 178 -28.27 19.94 -5.24
CA LEU E 178 -27.04 20.61 -5.69
C LEU E 178 -27.38 21.90 -6.43
N TYR E 179 -27.22 23.03 -5.76
CA TYR E 179 -27.50 24.34 -6.34
C TYR E 179 -26.24 24.91 -6.98
N ILE E 180 -26.36 25.37 -8.21
CA ILE E 180 -25.25 25.99 -8.94
C ILE E 180 -25.55 27.47 -9.11
N TRP E 181 -24.62 28.31 -8.66
CA TRP E 181 -24.77 29.76 -8.78
C TRP E 181 -23.41 30.40 -9.02
N GLY E 182 -23.40 31.71 -9.28
CA GLY E 182 -22.15 32.40 -9.55
C GLY E 182 -22.20 33.88 -9.22
N ILE E 183 -21.12 34.58 -9.57
CA ILE E 183 -21.01 36.01 -9.34
C ILE E 183 -20.18 36.63 -10.47
N HIS E 184 -20.57 37.82 -10.91
CA HIS E 184 -19.90 38.48 -12.04
C HIS E 184 -18.81 39.44 -11.57
N HIS E 185 -17.68 39.43 -12.28
CA HIS E 185 -16.58 40.35 -12.00
C HIS E 185 -16.45 41.33 -13.18
N PRO E 186 -16.88 42.60 -13.00
CA PRO E 186 -16.81 43.55 -14.11
C PRO E 186 -15.40 44.05 -14.44
N SER E 187 -15.29 44.71 -15.60
CA SER E 187 -14.00 45.18 -16.11
C SER E 187 -13.63 46.62 -15.68
N SER E 188 -14.61 47.38 -15.19
CA SER E 188 -14.37 48.72 -14.65
C SER E 188 -15.42 49.10 -13.61
N ASN E 189 -15.17 50.20 -12.90
CA ASN E 189 -16.12 50.72 -11.92
C ASN E 189 -17.30 51.40 -12.61
N LYS E 190 -17.03 51.97 -13.79
CA LYS E 190 -18.10 52.52 -14.63
C LYS E 190 -19.09 51.43 -15.05
N GLU E 191 -18.63 50.19 -15.17
CA GLU E 191 -19.51 49.04 -15.36
C GLU E 191 -20.24 48.68 -14.06
N GLN E 192 -19.49 48.27 -13.05
CA GLN E 192 -20.05 47.92 -11.72
C GLN E 192 -21.22 48.82 -11.30
N THR E 193 -21.07 50.12 -11.50
CA THR E 193 -22.14 51.08 -11.20
C THR E 193 -23.28 50.98 -12.21
N LYS E 194 -22.93 50.95 -13.50
CA LYS E 194 -23.94 50.90 -14.56
C LYS E 194 -24.89 49.72 -14.43
N LEU E 195 -24.35 48.53 -14.17
CA LEU E 195 -25.15 47.30 -14.17
C LEU E 195 -25.83 47.00 -12.83
N TYR E 196 -25.13 47.24 -11.73
CA TYR E 196 -25.62 46.82 -10.41
C TYR E 196 -25.83 47.99 -9.42
N ILE E 197 -25.77 49.22 -9.92
CA ILE E 197 -25.93 50.45 -9.11
C ILE E 197 -24.83 50.62 -8.08
N GLN E 198 -24.77 49.72 -7.10
CA GLN E 198 -23.82 49.83 -6.00
C GLN E 198 -22.38 49.69 -6.51
N GLU E 199 -21.49 50.54 -6.00
CA GLU E 199 -20.07 50.49 -6.33
C GLU E 199 -19.39 49.25 -5.71
N SER E 200 -20.04 48.64 -4.73
CA SER E 200 -19.54 47.44 -4.07
C SER E 200 -20.58 46.32 -4.05
N GLY E 201 -20.32 45.24 -4.80
CA GLY E 201 -21.20 44.07 -4.80
C GLY E 201 -20.89 43.11 -3.67
N ARG E 202 -21.66 42.04 -3.56
CA ARG E 202 -21.50 41.01 -2.52
C ARG E 202 -22.58 39.92 -2.65
N VAL E 203 -22.18 38.66 -2.53
CA VAL E 203 -23.12 37.52 -2.56
C VAL E 203 -22.92 36.62 -1.34
N THR E 204 -24.02 36.28 -0.67
CA THR E 204 -24.00 35.48 0.56
C THR E 204 -25.02 34.34 0.48
N VAL E 205 -24.57 33.17 0.03
CA VAL E 205 -25.43 31.99 -0.04
C VAL E 205 -25.29 31.16 1.23
N SER E 206 -26.33 31.21 2.06
CA SER E 206 -26.31 30.59 3.38
C SER E 206 -27.33 29.45 3.49
N THR E 207 -27.09 28.57 4.47
CA THR E 207 -28.02 27.50 4.82
C THR E 207 -28.11 27.45 6.35
N GLU E 208 -28.88 26.50 6.88
CA GLU E 208 -28.96 26.32 8.34
C GLU E 208 -27.74 25.59 8.91
N ARG E 209 -26.84 25.13 8.05
CA ARG E 209 -25.60 24.47 8.46
C ARG E 209 -24.34 25.25 8.09
N SER E 210 -24.38 26.00 6.99
CA SER E 210 -23.17 26.59 6.41
C SER E 210 -23.47 27.90 5.69
N GLN E 211 -22.41 28.55 5.19
CA GLN E 211 -22.55 29.79 4.42
C GLN E 211 -21.29 30.08 3.61
N GLN E 212 -21.47 30.78 2.49
CA GLN E 212 -20.34 31.22 1.65
C GLN E 212 -20.59 32.65 1.22
N THR E 213 -19.65 33.53 1.52
CA THR E 213 -19.68 34.90 0.99
C THR E 213 -18.60 35.06 -0.06
N VAL E 214 -18.99 35.54 -1.24
CA VAL E 214 -18.04 35.87 -2.30
C VAL E 214 -18.23 37.33 -2.67
N ILE E 215 -17.11 38.02 -2.87
CA ILE E 215 -17.10 39.43 -3.21
C ILE E 215 -16.58 39.59 -4.65
N PRO E 216 -17.24 40.43 -5.46
CA PRO E 216 -16.77 40.60 -6.84
C PRO E 216 -15.44 41.35 -6.90
N ASN E 217 -14.86 41.38 -8.08
CA ASN E 217 -13.45 41.75 -8.26
C ASN E 217 -13.33 42.60 -9.51
N ILE E 218 -13.40 43.91 -9.33
CA ILE E 218 -13.44 44.81 -10.47
C ILE E 218 -12.04 44.92 -11.06
N GLY E 219 -11.97 45.11 -12.37
CA GLY E 219 -10.70 45.17 -13.09
C GLY E 219 -10.78 44.39 -14.39
N SER E 220 -10.02 44.83 -15.38
CA SER E 220 -10.06 44.24 -16.72
C SER E 220 -9.19 42.99 -16.83
N ARG E 221 -9.60 42.09 -17.71
CA ARG E 221 -8.88 40.85 -18.01
C ARG E 221 -8.66 40.74 -19.51
N PRO E 222 -7.90 39.71 -19.96
CA PRO E 222 -7.76 39.48 -21.40
C PRO E 222 -9.10 39.16 -22.08
N TRP E 223 -9.23 39.56 -23.34
CA TRP E 223 -10.48 39.38 -24.07
C TRP E 223 -10.67 37.93 -24.52
N VAL E 224 -11.76 37.33 -24.05
CA VAL E 224 -12.21 36.02 -24.50
C VAL E 224 -13.57 36.21 -25.18
N ARG E 225 -13.59 36.02 -26.50
CA ARG E 225 -14.78 36.28 -27.33
C ARG E 225 -15.32 37.69 -27.12
N GLY E 226 -14.41 38.66 -27.02
CA GLY E 226 -14.78 40.07 -26.90
C GLY E 226 -14.98 40.61 -25.50
N GLN E 227 -15.01 39.75 -24.48
CA GLN E 227 -15.40 40.17 -23.13
C GLN E 227 -14.24 40.26 -22.14
N SER E 228 -14.21 41.38 -21.41
CA SER E 228 -13.20 41.65 -20.38
C SER E 228 -13.66 41.19 -18.99
N GLY E 229 -14.97 41.02 -18.82
CA GLY E 229 -15.54 40.55 -17.55
C GLY E 229 -15.39 39.05 -17.38
N ARG E 230 -15.75 38.57 -16.20
CA ARG E 230 -15.65 37.14 -15.87
C ARG E 230 -16.74 36.74 -14.88
N ILE E 231 -16.96 35.42 -14.78
CA ILE E 231 -17.88 34.84 -13.81
C ILE E 231 -17.19 33.72 -13.03
N SER E 232 -17.41 33.67 -11.72
CA SER E 232 -16.89 32.59 -10.88
C SER E 232 -18.04 31.72 -10.37
N ILE E 233 -18.02 30.44 -10.73
CA ILE E 233 -19.09 29.52 -10.34
C ILE E 233 -18.85 28.99 -8.93
N TYR E 234 -19.94 28.78 -8.21
CA TYR E 234 -19.92 28.17 -6.88
C TYR E 234 -21.06 27.16 -6.77
N TRP E 235 -21.06 26.37 -5.70
CA TRP E 235 -22.17 25.47 -5.42
C TRP E 235 -22.44 25.31 -3.93
N THR E 236 -23.69 24.97 -3.61
CA THR E 236 -24.10 24.72 -2.24
C THR E 236 -24.98 23.48 -2.23
N ILE E 237 -24.59 22.48 -1.46
CA ILE E 237 -25.41 21.30 -1.25
C ILE E 237 -26.41 21.64 -0.15
N VAL E 238 -27.63 21.09 -0.26
CA VAL E 238 -28.65 21.30 0.78
C VAL E 238 -29.25 19.97 1.20
N LYS E 239 -29.44 19.79 2.51
CA LYS E 239 -29.89 18.51 3.07
C LYS E 239 -31.37 18.54 3.45
N PRO E 240 -32.00 17.35 3.58
CA PRO E 240 -33.41 17.29 3.93
C PRO E 240 -33.69 18.02 5.24
N GLY E 241 -34.70 18.89 5.23
CA GLY E 241 -35.01 19.74 6.38
C GLY E 241 -34.36 21.11 6.27
N ASP E 242 -33.08 21.12 5.88
CA ASP E 242 -32.30 22.36 5.72
C ASP E 242 -32.92 23.30 4.69
N ILE E 243 -32.67 24.60 4.87
CA ILE E 243 -33.30 25.65 4.07
C ILE E 243 -32.24 26.56 3.42
N LEU E 244 -32.19 26.56 2.09
CA LEU E 244 -31.31 27.45 1.34
C LEU E 244 -31.75 28.91 1.51
N MET E 245 -30.79 29.82 1.49
CA MET E 245 -31.08 31.27 1.48
C MET E 245 -29.99 32.03 0.71
N ILE E 246 -30.42 33.05 -0.04
CA ILE E 246 -29.51 33.84 -0.87
C ILE E 246 -29.66 35.34 -0.59
N ASN E 247 -28.69 35.90 0.12
CA ASN E 247 -28.57 37.35 0.29
C ASN E 247 -27.65 37.92 -0.79
N SER E 248 -28.03 39.07 -1.36
CA SER E 248 -27.20 39.75 -2.35
C SER E 248 -27.64 41.19 -2.55
N ASN E 249 -26.67 42.08 -2.77
CA ASN E 249 -26.94 43.47 -3.13
C ASN E 249 -26.15 43.87 -4.38
N GLY E 250 -25.84 42.89 -5.22
CA GLY E 250 -25.14 43.14 -6.48
C GLY E 250 -24.40 41.93 -7.02
N ASN E 251 -24.27 41.89 -8.35
CA ASN E 251 -23.40 40.95 -9.06
C ASN E 251 -23.80 39.47 -9.03
N LEU E 252 -24.97 39.17 -8.46
CA LEU E 252 -25.42 37.78 -8.32
C LEU E 252 -25.80 37.17 -9.67
N VAL E 253 -25.21 36.02 -9.98
CA VAL E 253 -25.67 35.18 -11.09
C VAL E 253 -26.48 34.05 -10.45
N ALA E 254 -27.79 34.25 -10.37
CA ALA E 254 -28.67 33.39 -9.58
C ALA E 254 -28.93 32.02 -10.23
N PRO E 255 -29.28 31.02 -9.40
CA PRO E 255 -29.63 29.69 -9.87
C PRO E 255 -31.09 29.59 -10.30
N ARG E 256 -31.35 28.80 -11.33
CA ARG E 256 -32.71 28.54 -11.78
C ARG E 256 -33.33 27.35 -11.05
N GLY E 257 -32.50 26.53 -10.43
CA GLY E 257 -32.98 25.36 -9.69
C GLY E 257 -31.84 24.50 -9.13
N TYR E 258 -32.14 23.22 -8.96
CA TYR E 258 -31.19 22.27 -8.35
C TYR E 258 -31.04 20.98 -9.16
N PHE E 259 -29.90 20.32 -8.97
CA PHE E 259 -29.67 18.99 -9.50
C PHE E 259 -29.87 17.96 -8.39
N LYS E 260 -30.41 16.80 -8.75
CA LYS E 260 -30.54 15.69 -7.80
C LYS E 260 -29.20 14.98 -7.68
N LEU E 261 -28.81 14.67 -6.44
CA LEU E 261 -27.57 13.95 -6.19
C LEU E 261 -27.85 12.51 -5.82
N ARG E 262 -27.64 11.61 -6.78
CA ARG E 262 -27.65 10.18 -6.53
C ARG E 262 -26.27 9.75 -6.06
N THR E 263 -26.22 8.80 -5.14
CA THR E 263 -24.98 8.10 -4.83
C THR E 263 -24.89 6.91 -5.78
N GLY E 264 -23.99 7.02 -6.77
CA GLY E 264 -23.92 6.04 -7.85
C GLY E 264 -22.50 5.59 -8.21
N LYS E 265 -22.43 4.58 -9.08
CA LYS E 265 -21.16 4.00 -9.51
C LYS E 265 -20.63 4.63 -10.81
N SER E 266 -21.04 5.87 -11.09
CA SER E 266 -20.69 6.51 -12.35
C SER E 266 -19.38 7.27 -12.22
N SER E 267 -18.80 7.63 -13.37
CA SER E 267 -17.53 8.36 -13.40
C SER E 267 -17.35 9.16 -14.69
N VAL E 268 -16.19 9.77 -14.83
CA VAL E 268 -15.81 10.50 -16.04
C VAL E 268 -14.40 10.05 -16.43
N MET E 269 -14.10 10.08 -17.73
CA MET E 269 -12.79 9.68 -18.23
C MET E 269 -12.39 10.53 -19.43
N ARG E 270 -11.08 10.74 -19.59
CA ARG E 270 -10.53 11.48 -20.72
C ARG E 270 -9.98 10.51 -21.75
N SER E 271 -10.51 10.53 -22.97
CA SER E 271 -10.01 9.68 -24.04
C SER E 271 -10.41 10.21 -25.41
N ASP E 272 -9.55 9.95 -26.41
CA ASP E 272 -9.84 10.27 -27.81
C ASP E 272 -10.01 9.00 -28.66
N ALA E 273 -10.34 7.88 -28.02
CA ALA E 273 -10.53 6.63 -28.75
C ALA E 273 -11.96 6.54 -29.26
N LEU E 274 -12.15 5.79 -30.35
CA LEU E 274 -13.48 5.54 -30.89
C LEU E 274 -14.32 4.73 -29.90
N ILE E 275 -15.59 5.07 -29.80
CA ILE E 275 -16.55 4.30 -29.02
C ILE E 275 -17.36 3.45 -29.99
N ASP E 276 -17.32 2.14 -29.82
CA ASP E 276 -17.97 1.21 -30.76
C ASP E 276 -18.54 -0.02 -30.06
N THR E 277 -19.45 -0.70 -30.73
CA THR E 277 -20.10 -1.92 -30.21
C THR E 277 -19.10 -3.06 -30.06
N CYS E 278 -19.00 -3.60 -28.86
CA CYS E 278 -18.26 -4.85 -28.60
C CYS E 278 -18.51 -5.37 -27.18
N VAL E 279 -18.06 -6.59 -26.92
CA VAL E 279 -18.19 -7.20 -25.59
C VAL E 279 -16.93 -6.90 -24.79
N SER E 280 -17.11 -6.24 -23.64
CA SER E 280 -16.00 -5.96 -22.74
C SER E 280 -16.51 -5.38 -21.43
N GLU E 281 -15.90 -5.79 -20.32
CA GLU E 281 -16.33 -5.34 -18.99
C GLU E 281 -15.36 -4.33 -18.36
N CYS E 282 -14.34 -3.91 -19.10
CA CYS E 282 -13.31 -3.01 -18.57
C CYS E 282 -12.87 -1.97 -19.60
N ILE E 283 -12.77 -0.71 -19.16
CA ILE E 283 -12.50 0.41 -20.06
C ILE E 283 -11.25 1.20 -19.63
N THR E 284 -10.42 1.52 -20.62
CA THR E 284 -9.27 2.41 -20.42
C THR E 284 -9.33 3.54 -21.45
N PRO E 285 -8.49 4.58 -21.28
CA PRO E 285 -8.33 5.61 -22.31
C PRO E 285 -7.85 5.09 -23.68
N ASN E 286 -7.15 3.97 -23.70
CA ASN E 286 -6.65 3.39 -24.94
C ASN E 286 -7.73 2.59 -25.67
N GLY E 287 -8.75 2.17 -24.92
CA GLY E 287 -9.80 1.30 -25.42
C GLY E 287 -10.08 0.24 -24.38
N SER E 288 -11.12 -0.55 -24.61
CA SER E 288 -11.48 -1.61 -23.68
C SER E 288 -10.44 -2.73 -23.73
N ILE E 289 -10.35 -3.49 -22.64
CA ILE E 289 -9.46 -4.65 -22.57
C ILE E 289 -10.20 -5.87 -22.01
N PRO E 290 -9.80 -7.09 -22.44
CA PRO E 290 -10.38 -8.28 -21.82
C PRO E 290 -9.87 -8.49 -20.40
N ASN E 291 -10.73 -9.00 -19.53
CA ASN E 291 -10.40 -9.17 -18.10
C ASN E 291 -10.26 -10.63 -17.66
N ASP E 292 -9.68 -11.46 -18.52
CA ASP E 292 -9.42 -12.86 -18.19
C ASP E 292 -8.13 -13.00 -17.41
N LYS E 293 -7.14 -12.17 -17.74
CA LYS E 293 -5.87 -12.19 -17.02
C LYS E 293 -6.00 -11.37 -15.73
N PRO E 294 -5.16 -11.65 -14.73
CA PRO E 294 -5.27 -10.98 -13.43
C PRO E 294 -4.67 -9.57 -13.40
N PHE E 295 -3.64 -9.33 -14.21
CA PHE E 295 -2.98 -8.03 -14.25
C PHE E 295 -3.05 -7.47 -15.67
N GLN E 296 -2.67 -6.20 -15.82
CA GLN E 296 -2.61 -5.56 -17.14
C GLN E 296 -1.60 -4.41 -17.17
N ASN E 297 -1.12 -4.10 -18.37
CA ASN E 297 -0.03 -3.13 -18.56
C ASN E 297 -0.44 -1.96 -19.47
N VAL E 298 -1.73 -1.82 -19.73
CA VAL E 298 -2.22 -0.88 -20.73
C VAL E 298 -2.29 0.55 -20.19
N ASN E 299 -2.91 0.72 -19.03
CA ASN E 299 -3.12 2.05 -18.48
C ASN E 299 -3.63 1.97 -17.05
N LYS E 300 -2.99 2.71 -16.16
CA LYS E 300 -3.43 2.80 -14.77
C LYS E 300 -4.83 3.43 -14.62
N ILE E 301 -5.23 4.26 -15.58
CA ILE E 301 -6.58 4.84 -15.58
C ILE E 301 -7.56 3.80 -16.14
N THR E 302 -8.51 3.36 -15.31
CA THR E 302 -9.47 2.34 -15.69
C THR E 302 -10.85 2.55 -15.06
N TYR E 303 -11.86 1.99 -15.72
CA TYR E 303 -13.22 1.95 -15.21
C TYR E 303 -13.78 0.59 -15.55
N GLY E 304 -14.52 0.00 -14.60
CA GLY E 304 -15.17 -1.30 -14.80
C GLY E 304 -14.45 -2.42 -14.09
N LYS E 305 -14.74 -3.65 -14.52
CA LYS E 305 -14.15 -4.85 -13.94
C LYS E 305 -12.80 -5.11 -14.60
N CYS E 306 -11.74 -4.61 -13.97
CA CYS E 306 -10.45 -4.52 -14.62
C CYS E 306 -9.32 -5.28 -13.92
N PRO E 307 -8.39 -5.85 -14.71
CA PRO E 307 -7.14 -6.36 -14.14
C PRO E 307 -6.34 -5.24 -13.51
N LYS E 308 -5.49 -5.58 -12.55
CA LYS E 308 -4.71 -4.58 -11.84
C LYS E 308 -3.50 -4.13 -12.66
N TYR E 309 -3.33 -2.82 -12.74
CA TYR E 309 -2.22 -2.25 -13.48
C TYR E 309 -0.90 -2.52 -12.78
N ILE E 310 0.07 -3.04 -13.55
CA ILE E 310 1.44 -3.22 -13.07
C ILE E 310 2.45 -2.69 -14.10
N ARG E 311 3.71 -2.59 -13.68
CA ARG E 311 4.77 -2.03 -14.52
C ARG E 311 5.33 -3.06 -15.49
N GLN E 312 5.25 -4.35 -15.14
CA GLN E 312 5.72 -5.41 -16.03
C GLN E 312 4.81 -5.51 -17.26
N ASN E 313 5.38 -5.96 -18.38
CA ASN E 313 4.60 -6.17 -19.61
C ASN E 313 4.36 -7.63 -19.94
N THR E 314 5.04 -8.53 -19.24
CA THR E 314 4.82 -9.97 -19.41
C THR E 314 5.19 -10.74 -18.15
N LEU E 315 4.35 -11.71 -17.80
CA LEU E 315 4.61 -12.60 -16.68
C LEU E 315 4.02 -13.96 -16.99
N LYS E 316 4.89 -14.94 -17.23
CA LYS E 316 4.49 -16.27 -17.65
C LYS E 316 4.28 -17.18 -16.43
N LEU E 317 3.08 -17.73 -16.29
CA LEU E 317 2.80 -18.73 -15.26
C LEU E 317 2.96 -20.11 -15.87
N ALA E 318 3.76 -20.95 -15.22
CA ALA E 318 4.01 -22.31 -15.69
C ALA E 318 2.76 -23.17 -15.57
N THR E 319 2.42 -23.86 -16.66
CA THR E 319 1.28 -24.78 -16.67
C THR E 319 1.72 -26.22 -16.92
N GLY E 320 3.03 -26.46 -16.84
CA GLY E 320 3.60 -27.79 -17.08
C GLY E 320 4.93 -27.99 -16.38
N MET E 321 5.53 -29.15 -16.60
CA MET E 321 6.76 -29.52 -15.91
C MET E 321 8.00 -28.93 -16.59
N ARG E 322 9.13 -29.05 -15.90
CA ARG E 322 10.44 -28.75 -16.45
C ARG E 322 10.64 -29.53 -17.75
N ASN E 323 10.85 -28.81 -18.86
CA ASN E 323 11.03 -29.43 -20.16
C ASN E 323 12.47 -29.86 -20.29
N VAL E 324 12.68 -31.16 -20.41
CA VAL E 324 14.01 -31.72 -20.65
C VAL E 324 13.97 -32.51 -21.97
N PRO E 325 14.28 -31.83 -23.09
CA PRO E 325 14.22 -32.52 -24.38
C PRO E 325 15.29 -33.58 -24.52
N GLU E 326 15.07 -34.54 -25.42
CA GLU E 326 16.08 -35.56 -25.71
C GLU E 326 17.05 -35.01 -26.75
N LYS E 327 18.33 -35.24 -26.51
CA LYS E 327 19.40 -34.61 -27.30
C LYS E 327 20.01 -35.59 -28.31
N GLN E 328 19.47 -36.80 -28.37
CA GLN E 328 20.01 -37.84 -29.24
C GLN E 328 19.72 -37.57 -30.72
N ILE E 329 18.51 -37.09 -31.02
CA ILE E 329 18.10 -36.71 -32.38
C ILE E 329 18.53 -37.74 -33.42
N GLY F 1 13.71 -31.12 -10.02
CA GLY F 1 13.40 -30.16 -8.92
C GLY F 1 13.97 -30.63 -7.61
N ILE F 2 13.14 -30.63 -6.57
CA ILE F 2 13.60 -30.90 -5.20
C ILE F 2 13.72 -32.40 -4.86
N PHE F 3 13.08 -33.26 -5.65
CA PHE F 3 13.23 -34.72 -5.54
C PHE F 3 14.33 -35.28 -6.45
N GLY F 4 14.77 -34.47 -7.39
CA GLY F 4 15.88 -34.83 -8.27
C GLY F 4 15.59 -36.01 -9.20
N ALA F 5 14.33 -36.13 -9.63
CA ALA F 5 13.96 -37.15 -10.61
C ALA F 5 13.99 -36.54 -12.01
N ILE F 6 13.16 -35.52 -12.23
CA ILE F 6 13.15 -34.78 -13.49
C ILE F 6 14.34 -33.83 -13.51
N ALA F 7 15.03 -33.75 -14.65
CA ALA F 7 16.32 -33.08 -14.76
C ALA F 7 17.28 -33.55 -13.67
N GLY F 8 17.17 -34.83 -13.31
CA GLY F 8 17.92 -35.41 -12.21
C GLY F 8 18.38 -36.80 -12.60
N PHE F 9 17.96 -37.81 -11.84
CA PHE F 9 18.40 -39.18 -12.11
C PHE F 9 17.72 -39.77 -13.36
N ILE F 10 16.64 -39.16 -13.81
CA ILE F 10 16.08 -39.43 -15.14
C ILE F 10 16.71 -38.43 -16.11
N GLU F 11 17.47 -38.96 -17.06
CA GLU F 11 18.34 -38.15 -17.94
C GLU F 11 17.56 -37.10 -18.71
N ASN F 12 16.44 -37.50 -19.31
CA ASN F 12 15.59 -36.57 -20.06
C ASN F 12 14.18 -37.11 -20.30
N GLY F 13 13.31 -36.23 -20.81
CA GLY F 13 11.93 -36.59 -21.12
C GLY F 13 11.78 -37.29 -22.45
N TRP F 14 10.56 -37.76 -22.72
CA TRP F 14 10.24 -38.48 -23.94
C TRP F 14 9.28 -37.68 -24.81
N GLU F 15 9.80 -37.07 -25.86
CA GLU F 15 8.97 -36.35 -26.84
C GLU F 15 7.96 -37.30 -27.50
N GLY F 16 8.38 -38.54 -27.73
CA GLY F 16 7.51 -39.57 -28.31
C GLY F 16 6.25 -39.85 -27.53
N MET F 17 6.31 -39.71 -26.20
CA MET F 17 5.14 -39.89 -25.35
C MET F 17 4.19 -38.70 -25.48
N VAL F 18 3.10 -38.91 -26.20
CA VAL F 18 2.13 -37.84 -26.49
C VAL F 18 0.77 -38.04 -25.80
N ASP F 19 0.48 -39.25 -25.32
CA ASP F 19 -0.83 -39.55 -24.73
C ASP F 19 -0.88 -39.31 -23.21
N GLY F 20 0.23 -38.88 -22.62
CA GLY F 20 0.26 -38.56 -21.18
C GLY F 20 1.49 -37.78 -20.74
N TRP F 21 1.56 -37.49 -19.44
CA TRP F 21 2.68 -36.71 -18.86
C TRP F 21 3.77 -37.59 -18.24
N TYR F 22 3.37 -38.77 -17.75
CA TYR F 22 4.30 -39.75 -17.17
C TYR F 22 3.92 -41.13 -17.70
N GLY F 23 4.88 -42.05 -17.71
CA GLY F 23 4.59 -43.40 -18.19
C GLY F 23 5.77 -44.36 -18.21
N PHE F 24 5.57 -45.47 -18.92
CA PHE F 24 6.54 -46.57 -18.95
C PHE F 24 7.05 -46.87 -20.36
N ARG F 25 8.32 -47.25 -20.44
CA ARG F 25 8.90 -47.87 -21.62
C ARG F 25 9.51 -49.20 -21.18
N TYR F 26 9.55 -50.18 -22.08
CA TYR F 26 10.00 -51.51 -21.71
C TYR F 26 10.44 -52.34 -22.89
N GLN F 27 11.39 -53.24 -22.66
CA GLN F 27 11.67 -54.33 -23.59
C GLN F 27 11.52 -55.67 -22.88
N ASN F 28 11.16 -56.70 -23.64
CA ASN F 28 10.85 -58.01 -23.09
C ASN F 28 10.77 -59.04 -24.21
N SER F 29 10.23 -60.22 -23.91
CA SER F 29 10.12 -61.31 -24.89
C SER F 29 9.25 -60.98 -26.13
N GLU F 30 8.34 -60.01 -26.01
CA GLU F 30 7.50 -59.57 -27.13
C GLU F 30 7.96 -58.26 -27.78
N GLY F 31 9.24 -57.92 -27.66
CA GLY F 31 9.77 -56.68 -28.23
C GLY F 31 9.68 -55.52 -27.24
N THR F 32 9.52 -54.30 -27.75
CA THR F 32 9.50 -53.10 -26.90
C THR F 32 8.22 -52.27 -27.07
N GLY F 33 7.82 -51.58 -26.02
CA GLY F 33 6.60 -50.77 -26.05
C GLY F 33 6.60 -49.59 -25.08
N GLN F 34 5.64 -48.70 -25.27
CA GLN F 34 5.47 -47.49 -24.48
C GLN F 34 4.01 -47.32 -24.07
N ALA F 35 3.77 -46.76 -22.90
CA ALA F 35 2.40 -46.55 -22.40
C ALA F 35 2.36 -45.49 -21.31
N ALA F 36 1.39 -44.59 -21.40
CA ALA F 36 1.25 -43.50 -20.45
C ALA F 36 0.51 -43.96 -19.19
N ASP F 37 0.91 -43.39 -18.05
CA ASP F 37 0.20 -43.60 -16.77
C ASP F 37 -0.78 -42.45 -16.55
N LEU F 38 -2.05 -42.79 -16.35
CA LEU F 38 -3.11 -41.78 -16.33
C LEU F 38 -3.34 -41.17 -14.95
N LYS F 39 -3.26 -41.99 -13.89
CA LYS F 39 -3.45 -41.50 -12.51
C LYS F 39 -2.44 -40.40 -12.15
N SER F 40 -1.15 -40.67 -12.35
CA SER F 40 -0.09 -39.69 -12.08
C SER F 40 -0.24 -38.43 -12.94
N THR F 41 -0.44 -38.62 -14.24
CA THR F 41 -0.69 -37.52 -15.17
C THR F 41 -1.81 -36.60 -14.69
N GLN F 42 -2.93 -37.20 -14.31
CA GLN F 42 -4.11 -36.46 -13.88
C GLN F 42 -3.87 -35.70 -12.57
N ALA F 43 -3.06 -36.28 -11.69
CA ALA F 43 -2.75 -35.66 -10.40
C ALA F 43 -2.04 -34.32 -10.57
N ALA F 44 -1.04 -34.27 -11.47
CA ALA F 44 -0.32 -33.04 -11.76
C ALA F 44 -1.24 -32.00 -12.39
N ILE F 45 -2.00 -32.42 -13.40
CA ILE F 45 -2.90 -31.52 -14.11
C ILE F 45 -3.96 -30.92 -13.17
N ASP F 46 -4.52 -31.74 -12.29
CA ASP F 46 -5.52 -31.27 -11.32
C ASP F 46 -4.94 -30.22 -10.37
N GLN F 47 -3.70 -30.43 -9.96
CA GLN F 47 -3.01 -29.46 -9.13
C GLN F 47 -2.78 -28.15 -9.91
N ILE F 48 -2.31 -28.27 -11.15
CA ILE F 48 -2.01 -27.09 -11.97
C ILE F 48 -3.28 -26.31 -12.33
N ASN F 49 -4.33 -27.00 -12.73
CA ASN F 49 -5.64 -26.37 -12.98
C ASN F 49 -6.13 -25.62 -11.73
N GLY F 50 -5.86 -26.20 -10.56
CA GLY F 50 -6.20 -25.59 -9.28
C GLY F 50 -5.64 -24.20 -9.15
N LYS F 51 -4.39 -24.02 -9.57
CA LYS F 51 -3.71 -22.73 -9.52
C LYS F 51 -4.34 -21.75 -10.49
N LEU F 52 -4.63 -22.22 -11.70
CA LEU F 52 -5.29 -21.40 -12.70
C LEU F 52 -6.60 -20.81 -12.17
N ASN F 53 -7.36 -21.60 -11.39
CA ASN F 53 -8.61 -21.12 -10.80
C ASN F 53 -8.41 -19.95 -9.83
N ARG F 54 -7.30 -19.95 -9.10
CA ARG F 54 -7.01 -18.87 -8.17
C ARG F 54 -6.59 -17.56 -8.87
N VAL F 55 -6.19 -17.65 -10.13
CA VAL F 55 -5.58 -16.52 -10.85
C VAL F 55 -6.40 -16.03 -12.04
N ILE F 56 -6.98 -16.95 -12.82
CA ILE F 56 -7.75 -16.57 -14.02
C ILE F 56 -9.17 -16.13 -13.66
N GLU F 57 -9.65 -15.10 -14.36
CA GLU F 57 -10.97 -14.50 -14.11
C GLU F 57 -11.24 -14.13 -12.63
N ARG F 58 -10.19 -13.72 -11.92
CA ARG F 58 -10.33 -13.18 -10.58
C ARG F 58 -10.04 -11.68 -10.64
N THR F 59 -11.10 -10.92 -10.90
CA THR F 59 -10.98 -9.51 -11.24
C THR F 59 -11.88 -8.69 -10.33
N ASN F 60 -11.44 -7.48 -9.99
CA ASN F 60 -12.20 -6.56 -9.14
C ASN F 60 -12.94 -5.52 -9.97
N GLU F 61 -14.10 -5.09 -9.46
CA GLU F 61 -14.89 -4.06 -10.10
C GLU F 61 -14.66 -2.72 -9.40
N LYS F 62 -14.16 -1.73 -10.14
CA LYS F 62 -13.91 -0.39 -9.61
C LYS F 62 -14.60 0.67 -10.47
N PHE F 63 -14.97 1.79 -9.85
CA PHE F 63 -15.76 2.82 -10.52
C PHE F 63 -15.06 4.18 -10.47
N HIS F 64 -15.63 5.19 -9.81
CA HIS F 64 -14.95 6.48 -9.72
C HIS F 64 -13.74 6.33 -8.80
N GLN F 65 -12.64 6.96 -9.15
CA GLN F 65 -11.41 6.84 -8.39
C GLN F 65 -10.79 8.22 -8.20
N ILE F 66 -9.50 8.35 -8.51
CA ILE F 66 -8.82 9.63 -8.47
C ILE F 66 -8.17 9.89 -9.82
N GLU F 67 -7.96 11.16 -10.13
CA GLU F 67 -7.33 11.54 -11.39
C GLU F 67 -5.85 11.16 -11.34
N LYS F 68 -5.35 10.63 -12.46
CA LYS F 68 -3.98 10.10 -12.52
C LYS F 68 -3.12 10.75 -13.61
N GLU F 69 -3.67 11.75 -14.28
CA GLU F 69 -2.94 12.58 -15.22
C GLU F 69 -3.35 14.01 -14.98
N PHE F 70 -2.48 14.96 -15.30
CA PHE F 70 -2.68 16.35 -14.88
C PHE F 70 -2.21 17.35 -15.92
N SER F 71 -2.98 18.44 -16.06
CA SER F 71 -2.69 19.49 -17.05
C SER F 71 -1.74 20.52 -16.49
N GLU F 72 -2.09 21.07 -15.34
CA GLU F 72 -1.34 22.12 -14.70
C GLU F 72 -0.50 21.59 -13.56
N VAL F 73 0.38 22.44 -13.05
CA VAL F 73 1.14 22.14 -11.86
C VAL F 73 0.33 22.73 -10.71
N GLU F 74 0.15 21.95 -9.64
CA GLU F 74 -0.61 22.39 -8.47
C GLU F 74 0.14 22.20 -7.15
N GLY F 75 1.19 21.38 -7.17
CA GLY F 75 1.97 21.14 -5.96
C GLY F 75 1.33 20.13 -5.02
N ARG F 76 1.10 20.55 -3.78
CA ARG F 76 0.91 19.65 -2.65
C ARG F 76 -0.09 18.52 -2.85
N ILE F 77 -1.34 18.86 -3.11
CA ILE F 77 -2.37 17.83 -3.11
C ILE F 77 -2.32 16.99 -4.40
N GLN F 78 -1.65 17.52 -5.44
CA GLN F 78 -1.34 16.72 -6.65
C GLN F 78 -0.12 15.81 -6.43
N ASP F 79 0.86 16.27 -5.67
CA ASP F 79 2.00 15.41 -5.27
C ASP F 79 1.49 14.19 -4.52
N LEU F 80 0.52 14.39 -3.64
CA LEU F 80 -0.05 13.32 -2.84
C LEU F 80 -0.82 12.35 -3.70
N GLU F 81 -1.56 12.89 -4.67
CA GLU F 81 -2.35 12.06 -5.59
C GLU F 81 -1.48 11.13 -6.43
N LYS F 82 -0.41 11.67 -7.01
CA LYS F 82 0.53 10.88 -7.81
C LYS F 82 1.31 9.87 -6.98
N TYR F 83 1.58 10.22 -5.72
CA TYR F 83 2.35 9.36 -4.82
C TYR F 83 1.53 8.16 -4.38
N VAL F 84 0.25 8.41 -4.11
CA VAL F 84 -0.69 7.34 -3.78
C VAL F 84 -0.73 6.32 -4.90
N GLU F 85 -0.98 6.78 -6.12
CA GLU F 85 -1.10 5.87 -7.24
C GLU F 85 0.21 5.16 -7.50
N ASP F 86 1.32 5.87 -7.32
CA ASP F 86 2.64 5.29 -7.56
C ASP F 86 2.95 4.22 -6.53
N THR F 87 2.65 4.51 -5.28
CA THR F 87 2.76 3.55 -4.19
C THR F 87 1.97 2.28 -4.47
N LYS F 88 0.74 2.43 -4.96
CA LYS F 88 -0.16 1.31 -5.24
C LYS F 88 0.37 0.40 -6.33
N ILE F 89 0.90 1.00 -7.39
CA ILE F 89 1.37 0.25 -8.54
C ILE F 89 2.61 -0.60 -8.24
N ASP F 90 3.54 -0.06 -7.45
CA ASP F 90 4.75 -0.81 -7.11
C ASP F 90 4.42 -2.03 -6.26
N LEU F 91 3.53 -1.84 -5.29
CA LEU F 91 3.10 -2.95 -4.44
C LEU F 91 2.42 -4.07 -5.24
N TRP F 92 1.53 -3.71 -6.17
CA TRP F 92 0.90 -4.72 -7.02
C TRP F 92 1.89 -5.34 -7.99
N SER F 93 2.85 -4.55 -8.46
CA SER F 93 3.89 -5.07 -9.32
C SER F 93 4.72 -6.12 -8.59
N TYR F 94 5.03 -5.86 -7.33
CA TYR F 94 5.79 -6.79 -6.50
C TYR F 94 4.96 -8.06 -6.29
N ASN F 95 3.72 -7.89 -5.83
CA ASN F 95 2.81 -9.01 -5.67
C ASN F 95 2.83 -9.95 -6.88
N ALA F 96 2.74 -9.38 -8.07
CA ALA F 96 2.72 -10.13 -9.32
C ALA F 96 4.03 -10.88 -9.54
N GLU F 97 5.14 -10.16 -9.40
CA GLU F 97 6.47 -10.76 -9.57
C GLU F 97 6.68 -11.97 -8.66
N LEU F 98 6.29 -11.84 -7.40
CA LEU F 98 6.47 -12.88 -6.40
C LEU F 98 5.52 -14.06 -6.59
N LEU F 99 4.28 -13.78 -6.97
CA LEU F 99 3.30 -14.84 -7.19
C LEU F 99 3.82 -15.81 -8.24
N VAL F 100 4.15 -15.25 -9.39
CA VAL F 100 4.65 -16.02 -10.53
C VAL F 100 5.91 -16.80 -10.15
N ALA F 101 6.75 -16.21 -9.31
CA ALA F 101 7.98 -16.84 -8.85
C ALA F 101 7.69 -18.07 -7.99
N LEU F 102 6.92 -17.89 -6.93
CA LEU F 102 6.60 -18.98 -5.99
C LEU F 102 5.80 -20.10 -6.67
N GLU F 103 4.85 -19.72 -7.51
CA GLU F 103 4.03 -20.68 -8.25
C GLU F 103 4.88 -21.55 -9.16
N ASN F 104 5.70 -20.93 -10.00
CA ASN F 104 6.51 -21.67 -10.95
C ASN F 104 7.54 -22.57 -10.27
N GLN F 105 8.11 -22.09 -9.18
CA GLN F 105 8.99 -22.93 -8.37
C GLN F 105 8.22 -24.14 -7.85
N HIS F 106 7.01 -23.90 -7.36
CA HIS F 106 6.14 -24.96 -6.84
C HIS F 106 5.59 -25.90 -7.93
N THR F 107 5.34 -25.36 -9.11
CA THR F 107 4.84 -26.18 -10.23
C THR F 107 5.94 -27.17 -10.64
N ILE F 108 7.18 -26.72 -10.64
CA ILE F 108 8.29 -27.59 -10.99
C ILE F 108 8.48 -28.65 -9.91
N ASP F 109 8.42 -28.25 -8.65
CA ASP F 109 8.63 -29.19 -7.55
C ASP F 109 7.52 -30.24 -7.43
N LEU F 110 6.27 -29.88 -7.74
CA LEU F 110 5.18 -30.84 -7.60
C LEU F 110 5.12 -31.81 -8.80
N THR F 111 5.57 -31.38 -9.98
CA THR F 111 5.59 -32.27 -11.16
C THR F 111 6.75 -33.25 -11.09
N ASP F 112 7.84 -32.82 -10.43
CA ASP F 112 8.96 -33.70 -10.13
C ASP F 112 8.54 -34.74 -9.09
N ALA F 113 7.82 -34.29 -8.07
CA ALA F 113 7.32 -35.17 -7.02
C ALA F 113 6.50 -36.33 -7.56
N GLU F 114 5.60 -36.04 -8.51
CA GLU F 114 4.73 -37.06 -9.11
C GLU F 114 5.52 -38.10 -9.88
N MET F 115 6.56 -37.65 -10.58
CA MET F 115 7.52 -38.55 -11.22
C MET F 115 8.12 -39.51 -10.19
N ASN F 116 8.57 -38.96 -9.06
CA ASN F 116 9.15 -39.79 -8.01
C ASN F 116 8.15 -40.73 -7.39
N LYS F 117 6.95 -40.24 -7.09
CA LYS F 117 5.85 -41.07 -6.56
C LYS F 117 5.60 -42.28 -7.44
N LEU F 118 5.54 -42.06 -8.75
CA LEU F 118 5.33 -43.15 -9.69
C LEU F 118 6.46 -44.17 -9.59
N PHE F 119 7.69 -43.67 -9.47
CA PHE F 119 8.85 -44.55 -9.34
C PHE F 119 8.77 -45.38 -8.06
N GLU F 120 8.53 -44.74 -6.92
CA GLU F 120 8.42 -45.47 -5.64
C GLU F 120 7.26 -46.46 -5.57
N LYS F 121 6.18 -46.18 -6.31
CA LYS F 121 5.02 -47.08 -6.38
C LYS F 121 5.34 -48.36 -7.16
N THR F 122 6.09 -48.20 -8.25
CA THR F 122 6.57 -49.32 -9.04
C THR F 122 7.61 -50.14 -8.27
N ARG F 123 8.53 -49.46 -7.59
CA ARG F 123 9.54 -50.14 -6.76
C ARG F 123 8.92 -51.06 -5.71
N ARG F 124 7.88 -50.57 -5.03
CA ARG F 124 7.18 -51.34 -3.99
C ARG F 124 6.42 -52.55 -4.55
N GLN F 125 5.89 -52.42 -5.76
CA GLN F 125 5.23 -53.54 -6.43
C GLN F 125 6.21 -54.66 -6.75
N LEU F 126 7.31 -54.30 -7.41
CA LEU F 126 8.27 -55.27 -7.89
C LEU F 126 8.95 -56.01 -6.73
N ARG F 127 9.06 -55.34 -5.59
CA ARG F 127 9.62 -55.95 -4.39
C ARG F 127 11.00 -56.56 -4.69
N GLU F 128 11.24 -57.84 -4.39
CA GLU F 128 12.57 -58.44 -4.53
C GLU F 128 12.87 -58.97 -5.93
N ASN F 129 11.92 -58.84 -6.85
CA ASN F 129 12.05 -59.39 -8.19
C ASN F 129 12.79 -58.46 -9.16
N ALA F 130 13.16 -57.27 -8.69
CA ALA F 130 13.81 -56.26 -9.54
C ALA F 130 14.87 -55.48 -8.77
N GLU F 131 15.78 -54.83 -9.52
CA GLU F 131 16.77 -53.93 -8.96
C GLU F 131 16.73 -52.60 -9.70
N ASP F 132 17.09 -51.53 -9.00
CA ASP F 132 17.18 -50.20 -9.58
C ASP F 132 18.48 -50.08 -10.35
N MET F 133 18.40 -49.97 -11.68
CA MET F 133 19.58 -49.83 -12.54
C MET F 133 20.16 -48.43 -12.46
N GLY F 134 19.31 -47.45 -12.18
CA GLY F 134 19.64 -46.03 -12.36
C GLY F 134 18.91 -45.56 -13.60
N GLY F 135 18.96 -44.26 -13.87
CA GLY F 135 18.31 -43.67 -15.05
C GLY F 135 16.79 -43.76 -15.05
N GLY F 136 16.21 -44.05 -13.88
CA GLY F 136 14.77 -44.32 -13.78
C GLY F 136 14.36 -45.67 -14.33
N CYS F 137 15.30 -46.61 -14.44
CA CYS F 137 15.04 -47.92 -15.02
C CYS F 137 15.22 -49.07 -14.03
N PHE F 138 14.30 -50.04 -14.13
CA PHE F 138 14.35 -51.27 -13.35
C PHE F 138 14.87 -52.42 -14.21
N LYS F 139 15.64 -53.31 -13.61
CA LYS F 139 15.94 -54.60 -14.23
C LYS F 139 15.09 -55.66 -13.54
N ILE F 140 14.02 -56.08 -14.19
CA ILE F 140 13.19 -57.18 -13.70
C ILE F 140 13.94 -58.46 -14.03
N TYR F 141 14.01 -59.39 -13.08
CA TYR F 141 14.83 -60.60 -13.22
C TYR F 141 14.05 -61.86 -13.63
N HIS F 142 13.04 -61.69 -14.47
CA HIS F 142 12.25 -62.82 -14.95
C HIS F 142 11.52 -62.51 -16.26
N LYS F 143 11.09 -63.57 -16.94
CA LYS F 143 10.37 -63.44 -18.21
C LYS F 143 9.04 -62.72 -17.96
N CYS F 144 9.06 -61.40 -18.13
CA CYS F 144 7.88 -60.59 -17.92
C CYS F 144 7.36 -60.11 -19.28
N ASP F 145 6.38 -60.82 -19.81
CA ASP F 145 5.76 -60.48 -21.09
C ASP F 145 4.78 -59.30 -20.95
N ASN F 146 4.15 -58.90 -22.06
CA ASN F 146 3.26 -57.73 -22.06
C ASN F 146 2.09 -57.83 -21.08
N ALA F 147 1.57 -59.04 -20.91
CA ALA F 147 0.53 -59.29 -19.90
C ALA F 147 1.06 -59.04 -18.49
N CYS F 148 2.30 -59.48 -18.23
CA CYS F 148 2.99 -59.25 -16.96
C CYS F 148 3.27 -57.75 -16.74
N ILE F 149 3.79 -57.08 -17.76
CA ILE F 149 4.06 -55.64 -17.69
C ILE F 149 2.76 -54.89 -17.45
N GLY F 150 1.72 -55.27 -18.20
CA GLY F 150 0.39 -54.69 -18.03
C GLY F 150 -0.06 -54.71 -16.58
N SER F 151 0.23 -55.81 -15.88
CA SER F 151 -0.14 -55.96 -14.48
C SER F 151 0.56 -54.94 -13.58
N ILE F 152 1.82 -54.65 -13.87
CA ILE F 152 2.57 -53.62 -13.13
C ILE F 152 1.92 -52.26 -13.39
N ARG F 153 1.79 -51.91 -14.66
CA ARG F 153 1.10 -50.69 -15.07
C ARG F 153 -0.31 -50.56 -14.46
N ASN F 154 -1.03 -51.67 -14.36
CA ASN F 154 -2.37 -51.70 -13.73
C ASN F 154 -2.35 -51.77 -12.19
N GLY F 155 -1.17 -51.90 -11.59
CA GLY F 155 -1.05 -51.98 -10.12
C GLY F 155 -1.56 -53.30 -9.54
N THR F 156 -1.51 -54.36 -10.33
CA THR F 156 -2.02 -55.68 -9.92
C THR F 156 -0.96 -56.79 -10.08
N TYR F 157 0.31 -56.40 -10.15
CA TYR F 157 1.42 -57.34 -10.33
C TYR F 157 1.67 -58.14 -9.05
N ASP F 158 1.55 -59.45 -9.15
CA ASP F 158 1.66 -60.33 -8.00
C ASP F 158 3.07 -60.90 -7.92
N HIS F 159 3.94 -60.26 -7.15
CA HIS F 159 5.35 -60.63 -7.07
C HIS F 159 5.58 -62.08 -6.61
N TYR F 160 4.66 -62.62 -5.81
CA TYR F 160 4.79 -64.00 -5.33
C TYR F 160 4.75 -65.05 -6.45
N ILE F 161 4.17 -64.71 -7.59
CA ILE F 161 4.16 -65.60 -8.76
C ILE F 161 5.58 -65.80 -9.32
N TYR F 162 6.35 -64.71 -9.42
CA TYR F 162 7.68 -64.74 -10.06
C TYR F 162 8.86 -64.74 -9.07
N ARG F 163 8.59 -64.68 -7.77
CA ARG F 163 9.65 -64.49 -6.77
C ARG F 163 10.78 -65.50 -6.91
N ASP F 164 10.44 -66.78 -6.79
CA ASP F 164 11.43 -67.85 -6.74
C ASP F 164 12.27 -67.94 -8.01
N GLU F 165 11.67 -67.56 -9.14
CA GLU F 165 12.41 -67.42 -10.40
C GLU F 165 13.43 -66.28 -10.30
N ALA F 166 12.96 -65.10 -9.93
CA ALA F 166 13.78 -63.88 -9.96
C ALA F 166 14.83 -63.83 -8.85
N LEU F 167 14.47 -64.34 -7.69
CA LEU F 167 15.39 -64.41 -6.55
C LEU F 167 16.57 -65.31 -6.90
N ASN F 168 16.30 -66.34 -7.68
CA ASN F 168 17.33 -67.25 -8.15
C ASN F 168 18.27 -66.60 -9.16
N ASN F 169 17.72 -65.79 -10.06
CA ASN F 169 18.52 -65.07 -11.06
C ASN F 169 19.47 -64.02 -10.48
N ARG F 170 19.04 -63.37 -9.40
CA ARG F 170 19.85 -62.32 -8.76
C ARG F 170 21.03 -62.89 -7.97
N PHE F 171 20.82 -64.01 -7.29
CA PHE F 171 21.86 -64.58 -6.42
C PHE F 171 22.15 -66.04 -6.78
N GLN F 172 23.22 -66.26 -7.56
CA GLN F 172 23.65 -67.62 -7.92
C GLN F 172 25.10 -67.68 -8.43
C1 NAG G . -0.01 47.37 18.70
C2 NAG G . 0.65 48.69 18.31
C3 NAG G . 2.15 48.49 18.07
C4 NAG G . 2.84 47.66 19.15
C5 NAG G . 2.01 46.43 19.51
C6 NAG G . 2.58 45.65 20.70
C7 NAG G . -0.79 50.27 17.06
C8 NAG G . -1.39 50.61 15.73
N2 NAG G . -0.01 49.18 17.11
O3 NAG G . 2.80 49.75 17.96
O4 NAG G . 4.10 47.26 18.63
O5 NAG G . 0.67 46.79 19.79
O6 NAG G . 1.75 45.74 21.83
O7 NAG G . -1.04 50.98 18.04
C1 NAG G . 5.25 47.59 19.45
C2 NAG G . 6.33 46.53 19.17
C3 NAG G . 7.68 46.87 19.80
C4 NAG G . 8.07 48.31 19.45
C5 NAG G . 6.93 49.22 19.92
C6 NAG G . 7.23 50.71 19.73
C7 NAG G . 5.24 44.35 18.80
C8 NAG G . 4.90 42.99 19.37
N2 NAG G . 5.91 45.19 19.59
O3 NAG G . 8.65 45.97 19.33
O4 NAG G . 9.32 48.68 20.03
O5 NAG G . 5.76 48.89 19.19
O6 NAG G . 7.41 50.99 18.36
O7 NAG G . 4.90 44.62 17.64
C1 BMA G . 10.46 48.14 19.30
C2 BMA G . 11.56 49.22 19.14
C3 BMA G . 12.74 49.09 20.11
C4 BMA G . 13.20 47.65 20.34
C5 BMA G . 12.32 46.63 19.62
C6 BMA G . 12.62 45.18 20.03
O2 BMA G . 10.98 50.53 19.28
O3 BMA G . 12.40 49.69 21.36
O4 BMA G . 14.56 47.50 19.90
O5 BMA G . 10.95 46.94 19.92
O6 BMA G . 13.87 45.08 20.73
C1 MAN G . 14.00 43.86 21.51
C2 MAN G . 13.30 44.01 22.85
C3 MAN G . 13.90 45.17 23.64
C4 MAN G . 15.42 45.06 23.73
C5 MAN G . 16.10 44.54 22.45
C6 MAN G . 17.47 43.98 22.79
O2 MAN G . 13.42 42.80 23.57
O3 MAN G . 13.34 45.23 24.94
O4 MAN G . 15.94 46.34 24.04
O5 MAN G . 15.35 43.54 21.78
O6 MAN G . 18.26 44.94 23.46
C1 NAG H . -20.69 -2.79 11.48
C2 NAG H . -21.32 -3.89 10.62
C3 NAG H . -21.39 -3.51 9.14
C4 NAG H . -21.96 -2.10 8.99
C5 NAG H . -21.09 -1.15 9.82
C6 NAG H . -21.42 0.32 9.67
C7 NAG H . -20.80 -6.11 11.68
C8 NAG H . -21.89 -6.03 12.71
N2 NAG H . -20.59 -5.14 10.77
O3 NAG H . -22.17 -4.43 8.41
O4 NAG H . -22.07 -1.72 7.62
O5 NAG H . -21.26 -1.53 11.18
O6 NAG H . -22.74 0.56 10.09
O7 NAG H . -20.09 -7.11 11.69
C1 NAG H . -23.45 -1.72 7.18
C2 NAG H . -23.63 -0.74 6.00
C3 NAG H . -24.98 -0.89 5.28
C4 NAG H . -25.48 -2.32 5.19
C5 NAG H . -25.28 -3.03 6.52
C6 NAG H . -25.81 -4.47 6.50
C7 NAG H . -22.55 1.47 6.20
C8 NAG H . -22.65 2.85 6.79
N2 NAG H . -23.55 0.64 6.48
O3 NAG H . -24.87 -0.34 3.98
O4 NAG H . -26.86 -2.31 4.86
O5 NAG H . -23.90 -3.00 6.82
O6 NAG H . -25.39 -5.17 5.36
O7 NAG H . -21.57 1.18 5.49
C1 NGS I . -38.54 44.73 20.52
C2 NGS I . -38.77 43.82 19.32
C3 NGS I . -37.77 42.64 19.29
C4 NGS I . -36.38 42.93 19.87
C5 NGS I . -36.46 43.63 21.24
C6 NGS I . -35.10 44.06 21.79
O1 NGS I . -37.82 45.53 19.57
O3 NGS I . -37.59 42.16 17.95
O5 NGS I . -37.29 44.82 21.21
O6 NGS I . -34.52 45.10 21.00
N2 NGS I . -40.13 43.32 19.37
C7 NGS I . -40.74 42.78 18.32
O7 NGS I . -40.20 42.66 17.23
C8 NGS I . -42.15 42.32 18.56
S NGS I . -33.03 45.50 21.11
O7A NGS I . -32.59 46.02 19.84
O8 NGS I . -32.83 46.66 22.24
O9 NGS I . -32.22 44.36 21.45
O4 NGS I . -35.72 41.64 19.96
C1 GAL I . -34.34 41.62 19.52
C2 GAL I . -33.62 40.48 20.25
C3 GAL I . -32.17 40.29 19.81
C4 GAL I . -32.07 40.30 18.30
C5 GAL I . -32.82 41.49 17.72
C6 GAL I . -32.74 41.52 16.20
O2 GAL I . -33.61 40.70 21.65
O3 GAL I . -31.73 39.05 20.35
O4 GAL I . -32.61 39.12 17.77
O5 GAL I . -34.18 41.46 18.13
O6 GAL I . -32.75 42.85 15.74
C1 SIA I . -30.13 37.57 21.28
C2 SIA I . -30.44 39.03 20.99
C3 SIA I . -30.30 39.84 22.28
C4 SIA I . -28.86 39.92 22.76
C5 SIA I . -27.93 40.47 21.68
C6 SIA I . -28.16 39.69 20.37
C7 SIA I . -27.41 40.29 19.18
C8 SIA I . -27.71 39.55 17.89
C9 SIA I . -26.67 39.91 16.85
C10 SIA I . -25.53 41.17 21.92
C11 SIA I . -25.76 42.48 21.23
N5 SIA I . -26.54 40.31 22.10
O1A SIA I . -30.71 37.03 22.24
O1B SIA I . -29.31 36.92 20.58
O4 SIA I . -28.77 40.75 23.91
O6 SIA I . -29.54 39.57 20.01
O7 SIA I . -27.76 41.67 19.00
O8 SIA I . -27.70 38.14 18.09
O9 SIA I . -27.03 39.33 15.59
O10 SIA I . -24.40 40.90 22.32
C1 NAG J . 30.88 18.71 -3.82
C2 NAG J . 31.05 19.99 -4.63
C3 NAG J . 32.54 20.34 -4.67
C4 NAG J . 33.05 20.54 -3.25
C5 NAG J . 32.67 19.35 -2.37
C6 NAG J . 32.94 19.59 -0.88
C7 NAG J . 30.68 19.13 -6.93
C8 NAG J . 29.84 19.25 -8.17
N2 NAG J . 30.35 19.94 -5.91
O3 NAG J . 32.77 21.50 -5.46
O4 NAG J . 34.46 20.68 -3.30
O5 NAG J . 31.30 19.01 -2.50
O6 NAG J . 32.28 20.74 -0.41
O7 NAG J . 31.60 18.33 -6.90
C1 NAG J . 34.97 21.73 -2.45
C2 NAG J . 36.39 21.35 -2.04
C3 NAG J . 37.01 22.45 -1.19
C4 NAG J . 36.90 23.79 -1.91
C5 NAG J . 35.45 24.06 -2.31
C6 NAG J . 35.32 25.38 -3.07
C7 NAG J . 36.76 19.60 -0.26
C8 NAG J . 36.60 18.13 0.05
N2 NAG J . 36.36 19.99 -1.48
O3 NAG J . 38.37 22.17 -0.92
O4 NAG J . 37.37 24.83 -1.07
O5 NAG J . 34.97 22.99 -3.11
O6 NAG J . 33.98 25.58 -3.47
O7 NAG J . 37.23 20.33 0.61
C1 NAG K . 24.94 32.31 7.91
C2 NAG K . 26.20 32.55 7.08
C3 NAG K . 27.29 33.12 7.95
C4 NAG K . 26.72 34.39 8.55
C5 NAG K . 25.62 34.00 9.53
C6 NAG K . 24.99 35.15 10.35
C7 NAG K . 27.08 31.24 5.20
C8 NAG K . 27.54 29.90 4.72
N2 NAG K . 26.67 31.32 6.47
O3 NAG K . 28.45 33.39 7.18
O4 NAG K . 27.73 35.27 9.01
O5 NAG K . 24.59 33.39 8.77
O6 NAG K . 25.16 36.42 9.75
O7 NAG K . 27.08 32.21 4.42
C1 NAG K . 28.53 34.96 10.16
C2 NAG K . 28.99 36.24 10.84
C3 NAG K . 29.34 36.02 12.30
C4 NAG K . 29.94 34.64 12.57
C5 NAG K . 29.16 33.46 11.97
C6 NAG K . 27.90 33.07 12.75
C7 NAG K . 30.05 37.66 9.10
C8 NAG K . 28.72 38.23 8.68
N2 NAG K . 30.12 36.76 10.10
O3 NAG K . 28.20 36.22 13.09
O4 NAG K . 31.27 34.62 12.08
O5 NAG K . 28.82 33.63 10.61
O6 NAG K . 28.24 32.45 13.98
O7 NAG K . 31.06 38.04 8.52
C1 NAG L . -6.68 47.62 -20.20
C2 NAG L . -7.91 48.09 -20.98
C3 NAG L . -8.34 47.13 -22.11
C4 NAG L . -7.20 46.36 -22.79
C5 NAG L . -6.11 45.97 -21.78
C6 NAG L . -4.90 45.33 -22.45
C7 NAG L . -9.25 49.41 -19.37
C8 NAG L . -10.46 49.42 -18.48
N2 NAG L . -9.04 48.29 -20.07
O3 NAG L . -9.07 47.85 -23.08
O4 NAG L . -7.70 45.20 -23.42
O5 NAG L . -5.70 47.14 -21.11
O6 NAG L . -4.27 46.24 -23.32
O7 NAG L . -8.52 50.40 -19.41
C1 NAG L . -7.66 45.28 -24.87
C2 NAG L . -7.62 43.88 -25.46
C3 NAG L . -7.63 43.92 -26.98
C4 NAG L . -8.77 44.81 -27.47
C5 NAG L . -8.76 46.17 -26.77
C6 NAG L . -9.96 47.02 -27.22
C7 NAG L . -6.46 41.96 -24.45
C8 NAG L . -5.15 41.34 -24.06
N2 NAG L . -6.43 43.16 -25.02
O3 NAG L . -7.78 42.61 -27.48
O4 NAG L . -8.67 44.98 -28.88
O5 NAG L . -8.78 45.98 -25.38
O6 NAG L . -10.02 48.20 -26.46
O7 NAG L . -7.50 41.34 -24.25
C1 BMA L . -9.69 44.27 -29.61
C2 BMA L . -10.23 45.19 -30.70
C3 BMA L . -11.20 44.46 -31.63
C4 BMA L . -10.58 43.15 -32.10
C5 BMA L . -10.17 42.31 -30.90
C6 BMA L . -9.58 40.94 -31.28
O2 BMA L . -9.14 45.74 -31.46
O3 BMA L . -11.53 45.28 -32.77
O4 BMA L . -11.55 42.47 -32.91
O5 BMA L . -9.19 43.05 -30.14
O6 BMA L . -8.18 41.04 -31.56
C1 MAN L . -7.85 40.59 -32.90
C2 MAN L . -6.35 40.71 -33.10
C3 MAN L . -5.94 40.18 -34.47
C4 MAN L . -6.76 40.79 -35.60
C5 MAN L . -8.26 40.97 -35.27
C6 MAN L . -9.11 39.77 -35.68
O2 MAN L . -5.67 40.01 -32.07
O3 MAN L . -6.05 38.78 -34.49
O4 MAN L . -6.22 42.04 -35.97
O5 MAN L . -8.50 41.34 -33.91
O6 MAN L . -8.48 38.54 -35.39
C1 NAG M . 18.20 9.43 10.96
C2 NAG M . 18.46 8.46 12.11
C3 NAG M . 17.17 8.17 12.89
C4 NAG M . 16.50 9.48 13.29
C5 NAG M . 16.31 10.33 12.02
C6 NAG M . 15.62 11.66 12.27
C7 NAG M . 20.27 6.83 11.72
C8 NAG M . 21.23 7.62 12.55
N2 NAG M . 19.01 7.24 11.55
O3 NAG M . 17.49 7.41 14.03
O4 NAG M . 15.25 9.17 13.87
O5 NAG M . 17.58 10.59 11.45
O6 NAG M . 16.57 12.59 12.70
O7 NAG M . 20.67 5.80 11.19
C1 NAG M . 15.13 9.62 15.23
C2 NAG M . 13.66 9.56 15.62
C3 NAG M . 13.46 10.05 17.05
C4 NAG M . 14.40 9.34 18.03
C5 NAG M . 15.82 9.26 17.48
C6 NAG M . 16.69 8.29 18.28
C7 NAG M . 12.15 9.83 13.69
C8 NAG M . 11.41 10.79 12.80
N2 NAG M . 12.88 10.35 14.68
O3 NAG M . 12.14 9.82 17.46
O4 NAG M . 14.39 10.08 19.26
O5 NAG M . 15.85 8.81 16.13
O6 NAG M . 16.25 6.96 18.08
O7 NAG M . 12.06 8.61 13.48
C1 BMA M . 13.86 9.40 20.43
C2 BMA M . 14.91 9.48 21.55
C3 BMA M . 14.37 8.96 22.89
C4 BMA M . 13.07 9.67 23.23
C5 BMA M . 12.07 9.47 22.10
C6 BMA M . 10.74 10.15 22.43
O2 BMA M . 15.36 10.83 21.70
O3 BMA M . 15.34 9.16 23.93
O4 BMA M . 12.55 9.16 24.47
O5 BMA M . 12.60 9.98 20.87
O6 BMA M . 9.80 9.91 21.38
C1 NAG N . 33.79 -17.10 13.14
C2 NAG N . 33.69 -15.69 12.59
C3 NAG N . 34.96 -15.23 11.90
C4 NAG N . 36.15 -15.46 12.80
C5 NAG N . 36.15 -16.91 13.30
C6 NAG N . 37.27 -17.14 14.31
C7 NAG N . 31.69 -14.70 11.69
C8 NAG N . 30.57 -14.80 10.69
N2 NAG N . 32.59 -15.66 11.67
O3 NAG N . 34.88 -13.85 11.65
O4 NAG N . 37.33 -15.25 12.08
O5 NAG N . 34.95 -17.24 13.95
O6 NAG N . 37.26 -16.04 15.20
O7 NAG N . 31.75 -13.76 12.48
C1 NAG N . 38.11 -14.18 12.63
C2 NAG N . 39.54 -14.31 12.11
C3 NAG N . 40.35 -13.15 12.66
C4 NAG N . 39.70 -11.88 12.12
C5 NAG N . 38.30 -11.81 12.73
C6 NAG N . 37.59 -10.51 12.41
C7 NAG N . 40.21 -16.64 11.71
C8 NAG N . 40.94 -17.85 12.27
N2 NAG N . 40.18 -15.56 12.50
O3 NAG N . 41.71 -13.31 12.32
O4 NAG N . 40.44 -10.70 12.35
O5 NAG N . 37.54 -12.93 12.29
O6 NAG N . 37.86 -9.56 13.42
O7 NAG N . 39.67 -16.70 10.60
C1 BMA N . 41.68 -10.70 11.59
C2 BMA N . 41.95 -9.38 10.86
C3 BMA N . 43.31 -8.72 11.13
C4 BMA N . 44.44 -9.64 11.63
C5 BMA N . 43.99 -11.09 11.75
C6 BMA N . 44.99 -11.99 12.49
O2 BMA N . 40.87 -8.45 11.13
O3 BMA N . 43.14 -7.66 12.08
O4 BMA N . 45.57 -9.56 10.74
O5 BMA N . 42.76 -11.06 12.45
O6 BMA N . 44.27 -13.00 13.23
C1 MAN N . 43.17 -6.35 11.47
C2 MAN N . 43.29 -5.31 12.59
C3 MAN N . 42.80 -3.91 12.22
C4 MAN N . 41.55 -3.92 11.33
C5 MAN N . 41.02 -5.34 11.13
C6 MAN N . 39.86 -5.35 10.14
O2 MAN N . 44.64 -5.24 13.00
O3 MAN N . 43.81 -3.19 11.57
O4 MAN N . 40.54 -3.10 11.87
O5 MAN N . 42.04 -6.16 10.62
O6 MAN N . 38.73 -4.76 10.72
C1 MAN N . 45.07 -14.18 13.49
C2 MAN N . 44.14 -15.28 14.00
C3 MAN N . 44.88 -16.59 14.21
C4 MAN N . 46.37 -16.34 14.41
C5 MAN N . 46.59 -15.04 15.17
C6 MAN N . 48.07 -14.84 15.51
O2 MAN N . 43.06 -15.45 13.10
O3 MAN N . 44.69 -17.47 13.12
O4 MAN N . 46.91 -17.44 15.12
O5 MAN N . 46.11 -13.92 14.44
O6 MAN N . 48.24 -13.63 16.20
C1 FUC N . 37.91 -16.35 16.44
C2 FUC N . 38.29 -15.31 17.46
C3 FUC N . 37.46 -15.61 18.68
C4 FUC N . 37.69 -17.06 19.11
C5 FUC N . 37.55 -18.05 17.95
C6 FUC N . 37.96 -19.46 18.36
O2 FUC N . 37.97 -14.04 16.98
O3 FUC N . 37.83 -14.72 19.71
O4 FUC N . 38.96 -17.15 19.71
O5 FUC N . 38.29 -17.66 16.81
C1 NAG O . 28.36 -15.63 3.91
C2 NAG O . 29.71 -15.62 3.14
C3 NAG O . 30.58 -14.37 3.36
C4 NAG O . 29.73 -13.11 3.48
C5 NAG O . 28.69 -13.39 4.56
C6 NAG O . 27.95 -12.15 5.09
C7 NAG O . 30.97 -17.21 4.57
C8 NAG O . 31.72 -18.51 4.63
N2 NAG O . 30.46 -16.86 3.39
O3 NAG O . 31.49 -14.27 2.29
O4 NAG O . 30.50 -11.98 3.81
O5 NAG O . 27.80 -14.33 3.98
O6 NAG O . 27.09 -11.60 4.12
O7 NAG O . 30.84 -16.54 5.60
C1 NAG O . 30.77 -11.13 2.67
C2 NAG O . 31.26 -9.77 3.18
C3 NAG O . 31.91 -8.94 2.07
C4 NAG O . 32.85 -9.77 1.20
C5 NAG O . 32.11 -11.01 0.69
C6 NAG O . 32.94 -11.89 -0.24
C7 NAG O . 30.09 -8.83 5.14
C8 NAG O . 28.94 -7.99 5.62
N2 NAG O . 30.21 -9.00 3.81
O3 NAG O . 32.64 -7.86 2.64
O4 NAG O . 33.33 -8.98 0.12
O5 NAG O . 31.71 -11.78 1.82
O6 NAG O . 34.08 -12.37 0.43
O7 NAG O . 30.86 -9.32 5.97
C1 NGS P . 10.26 58.53 13.99
C2 NGS P . 9.61 57.26 14.51
C3 NGS P . 9.79 56.06 13.56
C4 NGS P . 9.71 56.41 12.08
C5 NGS P . 10.48 57.69 11.79
C6 NGS P . 10.43 58.14 10.33
O1 NGS P . 9.76 59.65 14.74
O3 NGS P . 8.80 55.08 13.88
O5 NGS P . 9.98 58.73 12.61
O6 NGS P . 9.08 58.46 9.96
N2 NGS P . 10.19 56.92 15.80
C7 NGS P . 9.66 57.19 16.99
O7 NGS P . 10.24 56.87 18.02
C8 NGS P . 8.33 57.90 17.08
S NGS P . 8.58 58.42 8.50
O7A NGS P . 9.46 57.63 7.67
O8 NGS P . 7.09 57.76 8.46
O9 NGS P . 8.52 59.76 7.96
O4 NGS P . 10.25 55.30 11.32
C1 GAL P . 9.42 54.89 10.22
C2 GAL P . 10.17 53.86 9.39
C3 GAL P . 9.33 53.31 8.24
C4 GAL P . 7.96 52.91 8.75
C5 GAL P . 7.33 54.05 9.54
C6 GAL P . 5.95 53.70 10.05
O2 GAL P . 11.33 54.43 8.84
O3 GAL P . 9.99 52.16 7.72
O4 GAL P . 8.09 51.77 9.58
O5 GAL P . 8.18 54.34 10.63
O6 GAL P . 5.38 54.81 10.71
C1 SIA P . 11.06 50.90 6.05
C2 SIA P . 10.19 52.11 6.29
C3 SIA P . 10.71 53.26 5.43
C4 SIA P . 10.61 52.91 3.95
C5 SIA P . 9.17 52.60 3.55
C6 SIA P . 8.59 51.54 4.50
C7 SIA P . 7.08 51.34 4.33
C8 SIA P . 6.48 50.46 5.45
C9 SIA P . 5.15 49.87 5.02
C10 SIA P . 8.32 52.35 1.20
C11 SIA P . 7.18 53.29 1.43
N5 SIA P . 9.18 52.08 2.19
O1A SIA P . 12.31 51.06 6.05
O1B SIA P . 10.54 49.77 5.88
O4 SIA P . 11.11 53.99 3.16
O6 SIA P . 8.83 51.86 5.89
O7 SIA P . 6.38 52.58 4.34
O8 SIA P . 7.39 49.40 5.79
O9 SIA P . 4.54 49.15 6.10
O10 SIA P . 8.47 51.83 0.10
C1 NAG Q . 37.77 -41.38 -11.51
C2 NAG Q . 38.51 -40.76 -12.71
C3 NAG Q . 39.47 -41.74 -13.37
C4 NAG Q . 40.38 -42.34 -12.31
C5 NAG Q . 39.54 -43.09 -11.27
C6 NAG Q . 40.38 -43.65 -10.12
C7 NAG Q . 37.13 -38.99 -13.72
C8 NAG Q . 36.21 -38.61 -14.84
N2 NAG Q . 37.60 -40.23 -13.73
O3 NAG Q . 40.23 -41.05 -14.33
O4 NAG Q . 41.28 -43.24 -12.92
O5 NAG Q . 38.53 -42.27 -10.70
O6 NAG Q . 41.60 -42.96 -9.87
O7 NAG Q . 37.39 -38.14 -12.85
C1 FUC Q . 41.56 -41.76 -9.04
C2 FUC Q . 40.83 -41.77 -7.70
C3 FUC Q . 40.18 -40.43 -7.37
C4 FUC Q . 41.20 -39.31 -7.54
C5 FUC Q . 41.89 -39.30 -8.92
C6 FUC Q . 41.15 -38.41 -9.94
O2 FUC Q . 41.77 -42.08 -6.69
O3 FUC Q . 39.04 -40.20 -8.18
O4 FUC Q . 40.57 -38.06 -7.27
O5 FUC Q . 42.19 -40.56 -9.49
C1 NAG R . -21.93 2.73 -29.49
C2 NAG R . -23.37 2.53 -29.97
C3 NAG R . -23.42 2.44 -31.49
C4 NAG R . -22.67 3.58 -32.18
C5 NAG R . -21.32 3.85 -31.50
C6 NAG R . -20.61 5.10 -32.02
C7 NAG R . -24.59 1.34 -28.18
C8 NAG R . -25.21 0.04 -27.72
N2 NAG R . -24.00 1.34 -29.38
O3 NAG R . -24.77 2.41 -31.94
O4 NAG R . -22.46 3.25 -33.54
O5 NAG R . -21.47 3.94 -30.10
O6 NAG R . -21.43 5.91 -32.84
O7 NAG R . -24.67 2.32 -27.44
C1 NAG R . -23.23 3.97 -34.54
C2 NAG R . -23.80 2.97 -35.55
C3 NAG R . -24.53 3.70 -36.70
C4 NAG R . -25.57 4.64 -36.12
C5 NAG R . -24.93 5.55 -35.06
C6 NAG R . -25.92 6.53 -34.45
C7 NAG R . -21.76 2.27 -36.76
C8 NAG R . -20.89 1.10 -37.15
N2 NAG R . -22.83 1.98 -36.03
O3 NAG R . -25.13 2.78 -37.58
O4 NAG R . -26.12 5.44 -37.14
O5 NAG R . -24.32 4.75 -34.06
O6 NAG R . -27.14 5.90 -34.13
O7 NAG R . -21.44 3.39 -37.13
C1 NAG S . -35.15 37.73 4.65
C2 NAG S . -35.54 38.47 5.91
C3 NAG S . -35.62 37.48 7.08
C4 NAG S . -36.60 36.36 6.76
C5 NAG S . -36.37 35.79 5.35
C6 NAG S . -37.56 34.94 4.91
C7 NAG S . -34.89 40.84 5.98
C8 NAG S . -33.82 41.84 6.32
N2 NAG S . -34.61 39.55 6.20
O3 NAG S . -36.02 38.16 8.25
O4 NAG S . -36.49 35.32 7.73
O5 NAG S . -36.18 36.81 4.38
O6 NAG S . -38.64 35.79 4.57
O7 NAG S . -35.95 41.23 5.51
C1 NAG S . -37.66 35.20 8.58
C2 NAG S . -37.57 33.92 9.40
C3 NAG S . -38.79 33.74 10.30
C4 NAG S . -38.99 34.99 11.17
C5 NAG S . -38.93 36.27 10.33
C6 NAG S . -38.84 37.49 11.25
C7 NAG S . -36.18 32.23 8.27
C8 NAG S . -36.16 30.97 7.46
N2 NAG S . -37.39 32.71 8.60
O3 NAG S . -38.58 32.60 11.09
O4 NAG S . -40.23 34.95 11.87
O5 NAG S . -37.79 36.30 9.46
O6 NAG S . -39.25 38.65 10.55
O7 NAG S . -35.12 32.78 8.59
C1 BMA S . -40.23 34.00 12.95
C2 BMA S . -41.11 34.49 14.09
C3 BMA S . -41.21 33.46 15.22
C4 BMA S . -41.48 32.05 14.70
C5 BMA S . -40.58 31.71 13.52
C6 BMA S . -40.96 30.37 12.91
O2 BMA S . -42.43 34.79 13.59
O3 BMA S . -42.25 33.84 16.13
O4 BMA S . -41.28 31.09 15.74
O5 BMA S . -40.70 32.72 12.51
O6 BMA S . -40.10 29.35 13.44
C1 MAN S . -40.48 27.96 13.25
C2 MAN S . -41.23 27.66 11.94
C3 MAN S . -42.76 27.83 11.99
C4 MAN S . -43.39 27.43 13.32
C5 MAN S . -42.53 27.79 14.55
C6 MAN S . -43.05 27.08 15.79
O2 MAN S . -40.91 26.33 11.55
O3 MAN S . -43.36 27.07 10.96
O4 MAN S . -44.64 28.08 13.45
O5 MAN S . -41.18 27.42 14.36
O6 MAN S . -42.84 25.70 15.69
C1 NAG T . -2.19 4.05 -23.56
C2 NAG T . -0.81 3.63 -24.08
C3 NAG T . 0.32 4.50 -23.52
C4 NAG T . -0.02 6.00 -23.49
C5 NAG T . -1.41 6.18 -22.90
C6 NAG T . -1.87 7.64 -22.88
C7 NAG T . -0.86 1.14 -24.47
C8 NAG T . -1.50 1.22 -25.83
N2 NAG T . -0.57 2.23 -23.74
O3 NAG T . 1.50 4.26 -24.27
O4 NAG T . 0.90 6.74 -22.69
O5 NAG T . -2.33 5.45 -23.67
O6 NAG T . -3.01 7.75 -22.05
O7 NAG T . -0.60 0.02 -24.04
C1 NAG T . 2.10 7.15 -23.38
C2 NAG T . 2.71 8.37 -22.67
C3 NAG T . 4.10 8.70 -23.22
C4 NAG T . 4.98 7.46 -23.31
C5 NAG T . 4.24 6.39 -24.11
C6 NAG T . 5.07 5.12 -24.25
C7 NAG T . 0.98 9.90 -21.78
C8 NAG T . 0.20 11.17 -22.01
N2 NAG T . 1.87 9.55 -22.73
O3 NAG T . 4.72 9.68 -22.41
O4 NAG T . 6.20 7.79 -23.93
O5 NAG T . 3.04 6.08 -23.43
O6 NAG T . 5.95 5.26 -25.35
O7 NAG T . 0.76 9.24 -20.77
C1 NAG U . -0.55 -24.68 -23.39
C2 NAG U . -1.35 -25.58 -24.32
C3 NAG U . -2.71 -24.90 -24.55
C4 NAG U . -2.63 -23.37 -24.67
C5 NAG U . -1.20 -22.80 -24.79
C6 NAG U . -1.15 -21.34 -24.37
C7 NAG U . -0.72 -25.87 -26.80
C8 NAG U . -2.02 -25.50 -27.45
N2 NAG U . -0.50 -25.89 -25.47
O3 NAG U . -3.51 -25.21 -23.41
O4 NAG U . -3.37 -22.93 -25.80
O5 NAG U . -0.19 -23.51 -24.08
O6 NAG U . -0.92 -21.20 -22.98
O7 NAG U . 0.20 -26.19 -27.55
C1 NAG U . -4.78 -22.77 -25.49
C2 NAG U . -5.56 -21.60 -26.13
C3 NAG U . -7.01 -21.45 -25.60
C4 NAG U . -7.37 -22.21 -24.30
C5 NAG U . -6.29 -23.16 -23.75
C6 NAG U . -6.88 -24.27 -22.88
C7 NAG U . -4.55 -19.46 -25.21
C8 NAG U . -5.07 -19.64 -23.82
N2 NAG U . -4.79 -20.35 -26.18
O3 NAG U . -7.91 -21.86 -26.60
O4 NAG U . -7.72 -21.29 -23.28
O5 NAG U . -5.54 -23.73 -24.79
O6 NAG U . -7.11 -23.78 -21.58
O7 NAG U . -3.88 -18.45 -25.44
C1 NGS V . -19.58 51.27 -27.83
C2 NGS V . -18.34 50.65 -27.15
C3 NGS V . -18.34 49.13 -27.29
C4 NGS V . -19.76 48.59 -27.26
C5 NGS V . -20.51 49.05 -28.50
C6 NGS V . -21.98 48.63 -28.46
O1 NGS V . -20.07 52.56 -27.43
O3 NGS V . -17.53 48.58 -26.25
O5 NGS V . -20.42 50.48 -28.70
O6 NGS V . -22.75 49.52 -27.64
N2 NGS V . -17.08 51.16 -27.68
C7 NGS V . -16.64 52.42 -27.67
O7 NGS V . -15.55 52.68 -28.15
C8 NGS V . -17.46 53.53 -27.08
S NGS V . -23.47 49.12 -26.34
O7A NGS V . -22.72 49.61 -25.21
O8 NGS V . -24.96 49.77 -26.33
O9 NGS V . -23.58 47.69 -26.22
O4 NGS V . -19.75 47.15 -27.18
C1 GAL V . -19.96 46.72 -25.81
C2 GAL V . -20.63 45.37 -25.79
C3 GAL V . -20.76 44.80 -24.38
C4 GAL V . -19.53 45.07 -23.50
C5 GAL V . -18.95 46.47 -23.74
C6 GAL V . -17.65 46.72 -22.98
O2 GAL V . -21.93 45.51 -26.32
O3 GAL V . -20.96 43.41 -24.51
O4 GAL V . -18.55 44.09 -23.77
O5 GAL V . -18.74 46.63 -25.11
O6 GAL V . -17.94 47.30 -21.74
C1 SIA V . -21.97 41.36 -24.07
C2 SIA V . -22.08 42.85 -23.81
C3 SIA V . -23.53 43.28 -24.06
C4 SIA V . -24.48 42.64 -23.06
C5 SIA V . -24.06 42.97 -21.63
C6 SIA V . -22.59 42.61 -21.41
C7 SIA V . -22.07 43.10 -20.05
C8 SIA V . -20.61 42.70 -19.83
C9 SIA V . -20.22 42.91 -18.37
C10 SIA V . -25.60 42.72 -19.68
C11 SIA V . -25.67 44.21 -19.52
N5 SIA V . -24.85 42.20 -20.67
O1A SIA V . -22.57 40.91 -25.08
O1B SIA V . -21.29 40.64 -23.33
O4 SIA V . -25.81 43.11 -23.30
O6 SIA V . -21.74 43.13 -22.44
O7 SIA V . -22.19 44.52 -19.95
O8 SIA V . -20.38 41.34 -20.19
O9 SIA V . -18.86 42.50 -18.17
O10 SIA V . -26.23 41.99 -18.93
C1 NAG W . -29.45 14.28 26.33
C2 NAG W . -29.98 12.86 26.45
C3 NAG W . -31.50 12.91 26.63
C4 NAG W . -31.85 13.73 27.87
C5 NAG W . -30.99 14.99 28.01
C6 NAG W . -31.02 15.46 29.46
C7 NAG W . -29.56 10.63 25.50
C8 NAG W . -29.13 9.81 24.31
N2 NAG W . -29.58 11.97 25.36
O3 NAG W . -32.03 11.61 26.78
O4 NAG W . -33.23 14.07 27.84
O5 NAG W . -29.64 14.80 27.63
O6 NAG W . -30.24 16.64 29.61
O7 NAG W . -29.87 10.07 26.55
C1 NAG X . -8.66 -27.66 17.09
C2 NAG X . -8.27 -27.82 18.56
C3 NAG X . -8.10 -26.51 19.34
C4 NAG X . -9.12 -25.43 18.97
C5 NAG X . -9.85 -25.73 17.66
C6 NAG X . -10.53 -24.49 17.05
C7 NAG X . -9.29 -29.99 18.97
C8 NAG X . -10.35 -30.78 19.68
N2 NAG X . -9.25 -28.67 19.20
O3 NAG X . -6.79 -26.02 19.15
O4 NAG X . -10.04 -25.25 20.02
O5 NAG X . -8.95 -26.32 16.74
O6 NAG X . -9.60 -23.55 16.57
O7 NAG X . -8.51 -30.55 18.20
C1 NAG Y . 13.99 -49.57 24.46
C2 NAG Y . 14.96 -49.36 25.63
C3 NAG Y . 15.84 -50.59 25.83
C4 NAG Y . 15.04 -51.89 25.87
C5 NAG Y . 14.01 -51.96 24.74
C6 NAG Y . 13.07 -53.16 24.93
C7 NAG Y . 15.38 -46.94 25.76
C8 NAG Y . 16.36 -45.82 25.53
N2 NAG Y . 15.79 -48.18 25.46
O3 NAG Y . 16.55 -50.44 27.04
O4 NAG Y . 15.93 -52.98 25.79
O5 NAG Y . 13.25 -50.77 24.66
O6 NAG Y . 11.77 -52.76 25.31
O7 NAG Y . 14.26 -46.69 26.20
C1 NAG Z . -17.40 20.52 -32.97
C2 NAG Z . -18.37 19.84 -33.96
C3 NAG Z . -18.02 20.01 -35.44
C4 NAG Z . -17.54 21.44 -35.73
C5 NAG Z . -16.38 21.72 -34.78
C6 NAG Z . -15.68 23.04 -35.09
C7 NAG Z . -19.54 17.86 -33.09
C8 NAG Z . -19.45 16.38 -32.84
N2 NAG Z . -18.46 18.43 -33.65
O3 NAG Z . -19.15 19.74 -36.24
O4 NAG Z . -17.16 21.57 -37.08
O5 NAG Z . -16.90 21.75 -33.46
O6 NAG Z . -16.61 24.10 -35.13
O7 NAG Z . -20.56 18.47 -32.78
C1 NAG AA . -4.93 -54.81 -15.62
C2 NAG AA . -6.39 -55.30 -15.71
C3 NAG AA . -6.59 -56.73 -16.27
C4 NAG AA . -5.42 -57.25 -17.09
C5 NAG AA . -4.13 -57.04 -16.29
C6 NAG AA . -2.93 -57.65 -17.01
C7 NAG AA . -7.22 -54.07 -13.71
C8 NAG AA . -8.04 -54.17 -12.45
N2 NAG AA . -7.13 -55.19 -14.45
O3 NAG AA . -7.78 -56.81 -17.03
O4 NAG AA . -5.62 -58.62 -17.40
O5 NAG AA . -3.90 -55.65 -16.11
O6 NAG AA . -2.71 -56.96 -18.23
O7 NAG AA . -6.68 -53.00 -13.98
#